data_2M4K
#
_entry.id   2M4K
#
_entity_poly.entity_id   1
_entity_poly.type   'polypeptide(L)'
_entity_poly.pdbx_seq_one_letter_code
;GIKQYSQEELKEMALVEIAHELFEEHKKPVPFQELLNEIASLLGVKKEELGDRIAQFYTDLNIDGRFLALSDQTWGLRSW
YPYDQLDEETQPTVKAKKKKAKKAVEEDLDLDEFEEIDEDDLDLDEVEEELDLEADDFDEEDLDEDDDDLEIEEDIIDED
DEDYDDEEEEIK
;
_entity_poly.pdbx_strand_id   A
#
# COMPACT_ATOMS: atom_id res chain seq x y z
N GLY A 1 3.40 9.92 6.38
CA GLY A 1 3.67 9.40 7.73
C GLY A 1 3.92 7.93 7.67
N ILE A 2 4.76 7.53 6.74
CA ILE A 2 5.03 6.13 6.54
C ILE A 2 6.55 5.88 6.31
N LYS A 3 7.33 6.93 6.09
CA LYS A 3 8.74 6.78 5.77
C LYS A 3 9.59 6.86 7.00
N GLN A 4 9.12 7.57 7.99
CA GLN A 4 9.85 7.73 9.24
C GLN A 4 9.95 6.41 10.04
N TYR A 5 9.24 5.40 9.59
CA TYR A 5 9.24 4.14 10.27
C TYR A 5 10.41 3.26 9.84
N SER A 6 10.85 2.46 10.76
CA SER A 6 11.94 1.53 10.61
C SER A 6 11.43 0.23 9.99
N GLN A 7 12.34 -0.67 9.72
CA GLN A 7 12.04 -1.90 9.00
C GLN A 7 11.01 -2.78 9.72
N GLU A 8 11.26 -3.09 10.98
CA GLU A 8 10.39 -3.97 11.75
C GLU A 8 9.12 -3.23 12.11
N GLU A 9 9.29 -1.95 12.21
CA GLU A 9 8.25 -1.01 12.56
C GLU A 9 7.22 -0.95 11.41
N LEU A 10 7.71 -0.94 10.18
CA LEU A 10 6.87 -0.99 8.99
C LEU A 10 6.25 -2.37 8.80
N LYS A 11 6.99 -3.40 9.18
CA LYS A 11 6.53 -4.79 9.12
C LYS A 11 5.22 -4.99 9.87
N GLU A 12 5.13 -4.40 11.03
CA GLU A 12 3.96 -4.56 11.88
C GLU A 12 2.85 -3.54 11.60
N MET A 13 3.04 -2.72 10.58
CA MET A 13 2.01 -1.80 10.14
C MET A 13 1.01 -2.58 9.30
N ALA A 14 -0.26 -2.23 9.41
CA ALA A 14 -1.30 -2.88 8.65
C ALA A 14 -1.11 -2.56 7.17
N LEU A 15 -1.18 -3.58 6.35
CA LEU A 15 -0.87 -3.47 4.93
C LEU A 15 -1.73 -2.45 4.15
N VAL A 16 -3.03 -2.42 4.41
CA VAL A 16 -3.88 -1.45 3.72
C VAL A 16 -3.60 -0.03 4.23
N GLU A 17 -3.16 0.07 5.49
CA GLU A 17 -2.87 1.35 6.09
C GLU A 17 -1.60 1.92 5.50
N ILE A 18 -0.62 1.07 5.25
CA ILE A 18 0.62 1.47 4.60
C ILE A 18 0.30 2.09 3.24
N ALA A 19 -0.55 1.38 2.51
CA ALA A 19 -1.01 1.81 1.20
C ALA A 19 -1.76 3.16 1.30
N HIS A 20 -2.61 3.29 2.31
CA HIS A 20 -3.34 4.55 2.56
C HIS A 20 -2.36 5.74 2.66
N GLU A 21 -1.30 5.55 3.41
CA GLU A 21 -0.33 6.59 3.64
C GLU A 21 0.48 6.84 2.38
N LEU A 22 0.74 5.76 1.67
CA LEU A 22 1.47 5.74 0.41
C LEU A 22 0.77 6.65 -0.61
N PHE A 23 -0.56 6.62 -0.58
CA PHE A 23 -1.34 7.44 -1.48
C PHE A 23 -1.36 8.89 -1.09
N GLU A 24 -1.41 9.19 0.19
CA GLU A 24 -1.30 10.59 0.61
C GLU A 24 0.11 11.14 0.43
N GLU A 25 1.06 10.25 0.40
CA GLU A 25 2.43 10.58 0.13
C GLU A 25 2.59 10.96 -1.34
N HIS A 26 2.13 10.09 -2.20
CA HIS A 26 2.27 10.29 -3.62
C HIS A 26 1.32 11.34 -4.15
N LYS A 27 0.08 11.36 -3.62
CA LYS A 27 -1.00 12.27 -4.07
C LYS A 27 -1.31 12.01 -5.53
N LYS A 28 -1.10 10.79 -5.90
CA LYS A 28 -1.28 10.29 -7.22
C LYS A 28 -1.83 8.90 -7.11
N PRO A 29 -2.74 8.50 -8.00
CA PRO A 29 -3.21 7.13 -8.06
C PRO A 29 -2.07 6.24 -8.54
N VAL A 30 -1.91 5.10 -7.94
CA VAL A 30 -0.81 4.23 -8.29
C VAL A 30 -1.34 2.84 -8.61
N PRO A 31 -0.91 2.26 -9.74
CA PRO A 31 -1.24 0.89 -10.11
C PRO A 31 -0.79 -0.11 -9.05
N PHE A 32 -1.49 -1.23 -9.01
CA PHE A 32 -1.32 -2.27 -8.00
C PHE A 32 0.12 -2.78 -7.92
N GLN A 33 0.74 -3.01 -9.06
CA GLN A 33 2.12 -3.51 -9.07
C GLN A 33 3.08 -2.48 -8.50
N GLU A 34 2.83 -1.23 -8.78
CA GLU A 34 3.78 -0.21 -8.46
C GLU A 34 3.71 0.15 -7.01
N LEU A 35 2.50 0.18 -6.46
CA LEU A 35 2.32 0.49 -5.05
C LEU A 35 3.03 -0.55 -4.16
N LEU A 36 3.04 -1.81 -4.62
CA LEU A 36 3.70 -2.89 -3.90
C LEU A 36 5.20 -2.67 -3.93
N ASN A 37 5.70 -2.23 -5.06
CA ASN A 37 7.13 -1.90 -5.22
C ASN A 37 7.53 -0.80 -4.26
N GLU A 38 6.69 0.23 -4.18
CA GLU A 38 6.91 1.37 -3.30
C GLU A 38 7.01 0.89 -1.84
N ILE A 39 6.03 0.08 -1.43
CA ILE A 39 5.95 -0.44 -0.07
C ILE A 39 7.18 -1.28 0.27
N ALA A 40 7.43 -2.31 -0.54
CA ALA A 40 8.50 -3.27 -0.27
C ALA A 40 9.85 -2.61 -0.08
N SER A 41 10.20 -1.69 -0.95
CA SER A 41 11.47 -1.00 -0.86
C SER A 41 11.52 0.00 0.29
N LEU A 42 10.36 0.52 0.70
CA LEU A 42 10.31 1.41 1.84
C LEU A 42 10.71 0.63 3.08
N LEU A 43 10.28 -0.61 3.14
CA LEU A 43 10.70 -1.51 4.17
C LEU A 43 12.11 -1.98 3.86
N GLY A 44 12.85 -2.31 4.87
CA GLY A 44 14.19 -2.82 4.66
C GLY A 44 14.20 -4.33 4.44
N VAL A 45 13.22 -4.82 3.71
CA VAL A 45 13.07 -6.24 3.50
C VAL A 45 12.92 -6.56 2.03
N LYS A 46 12.91 -7.83 1.72
CA LYS A 46 12.73 -8.29 0.36
C LYS A 46 11.24 -8.18 0.01
N LYS A 47 10.95 -8.11 -1.26
CA LYS A 47 9.58 -7.96 -1.73
C LYS A 47 8.75 -9.20 -1.42
N GLU A 48 9.40 -10.35 -1.38
CA GLU A 48 8.78 -11.65 -1.14
C GLU A 48 7.99 -11.72 0.19
N GLU A 49 8.42 -10.93 1.19
CA GLU A 49 7.73 -10.83 2.49
C GLU A 49 6.34 -10.26 2.21
N LEU A 50 6.38 -9.20 1.46
CA LEU A 50 5.20 -8.51 1.08
C LEU A 50 4.52 -9.28 -0.05
N GLY A 51 5.12 -10.40 -0.48
CA GLY A 51 4.55 -11.28 -1.49
C GLY A 51 3.47 -12.12 -0.88
N ASP A 52 3.76 -12.65 0.32
CA ASP A 52 2.75 -13.37 1.12
C ASP A 52 1.64 -12.37 1.35
N ARG A 53 2.08 -11.19 1.73
CA ARG A 53 1.18 -10.09 1.91
C ARG A 53 0.52 -9.55 0.63
N ILE A 54 1.01 -9.91 -0.57
CA ILE A 54 0.38 -9.48 -1.85
C ILE A 54 -0.91 -10.20 -1.99
N ALA A 55 -0.87 -11.50 -1.74
CA ALA A 55 -2.06 -12.31 -1.80
C ALA A 55 -3.09 -11.79 -0.78
N GLN A 56 -2.63 -11.60 0.43
CA GLN A 56 -3.49 -11.09 1.47
C GLN A 56 -3.86 -9.63 1.21
N PHE A 57 -3.10 -8.95 0.38
CA PHE A 57 -3.38 -7.57 0.07
C PHE A 57 -4.58 -7.51 -0.83
N TYR A 58 -4.73 -8.50 -1.72
CA TYR A 58 -5.94 -8.58 -2.52
C TYR A 58 -7.12 -8.72 -1.60
N THR A 59 -7.03 -9.65 -0.69
CA THR A 59 -8.09 -9.89 0.27
C THR A 59 -8.41 -8.62 1.12
N ASP A 60 -7.40 -8.07 1.76
CA ASP A 60 -7.54 -6.94 2.68
C ASP A 60 -7.93 -5.63 1.98
N LEU A 61 -7.32 -5.38 0.84
CA LEU A 61 -7.58 -4.16 0.10
C LEU A 61 -9.01 -4.13 -0.44
N ASN A 62 -9.53 -5.29 -0.78
CA ASN A 62 -10.90 -5.39 -1.31
C ASN A 62 -11.96 -5.40 -0.22
N ILE A 63 -11.56 -5.39 1.05
CA ILE A 63 -12.54 -5.33 2.15
C ILE A 63 -12.46 -4.00 2.89
N ASP A 64 -11.61 -3.10 2.38
CA ASP A 64 -11.43 -1.77 2.98
C ASP A 64 -12.62 -0.87 2.63
N GLY A 65 -12.80 0.22 3.35
CA GLY A 65 -13.91 1.09 3.11
C GLY A 65 -13.53 2.55 2.84
N ARG A 66 -12.28 2.82 2.46
CA ARG A 66 -11.89 4.22 2.12
C ARG A 66 -11.19 4.30 0.75
N PHE A 67 -10.61 3.19 0.36
CA PHE A 67 -9.93 3.06 -0.90
C PHE A 67 -10.83 3.24 -2.11
N LEU A 68 -10.19 3.46 -3.21
CA LEU A 68 -10.83 3.66 -4.46
C LEU A 68 -10.03 2.97 -5.54
N ALA A 69 -10.70 2.23 -6.37
CA ALA A 69 -10.08 1.63 -7.52
C ALA A 69 -10.46 2.51 -8.70
N LEU A 70 -9.51 3.31 -9.13
CA LEU A 70 -9.75 4.29 -10.17
C LEU A 70 -9.93 3.70 -11.59
N SER A 71 -8.85 3.39 -12.32
CA SER A 71 -9.07 2.99 -13.70
C SER A 71 -9.05 1.47 -13.97
N ASP A 72 -7.92 0.78 -13.76
CA ASP A 72 -7.91 -0.71 -14.05
C ASP A 72 -7.52 -1.53 -12.83
N GLN A 73 -6.90 -0.85 -11.92
CA GLN A 73 -6.40 -1.34 -10.64
C GLN A 73 -5.52 -0.29 -10.04
N THR A 74 -5.76 0.92 -10.46
CA THR A 74 -5.05 2.02 -9.97
C THR A 74 -5.74 2.39 -8.69
N TRP A 75 -5.09 2.22 -7.59
CA TRP A 75 -5.73 2.45 -6.36
C TRP A 75 -5.45 3.83 -5.88
N GLY A 76 -6.16 4.22 -4.89
CA GLY A 76 -6.03 5.50 -4.33
C GLY A 76 -7.06 5.67 -3.28
N LEU A 77 -7.41 6.87 -3.01
CA LEU A 77 -8.31 7.17 -1.94
C LEU A 77 -9.47 7.93 -2.50
N ARG A 78 -10.66 7.53 -2.17
CA ARG A 78 -11.83 8.25 -2.67
C ARG A 78 -12.05 9.54 -1.92
N SER A 79 -11.27 9.73 -0.89
CA SER A 79 -11.30 10.87 -0.03
C SER A 79 -10.72 12.14 -0.72
N TRP A 80 -10.44 12.03 -2.02
CA TRP A 80 -9.97 13.17 -2.79
C TRP A 80 -11.10 13.79 -3.58
N TYR A 81 -12.13 13.04 -3.84
CA TYR A 81 -13.17 13.48 -4.76
C TYR A 81 -14.56 13.26 -4.15
N GLY A 1 4.09 10.87 4.14
CA GLY A 1 5.20 10.21 4.80
C GLY A 1 5.41 8.84 4.29
N ILE A 2 5.54 7.90 5.22
CA ILE A 2 5.82 6.46 5.00
C ILE A 2 7.26 6.22 4.46
N LYS A 3 7.70 7.13 3.60
CA LYS A 3 8.97 7.16 2.85
C LYS A 3 10.25 7.28 3.73
N GLN A 4 10.16 7.00 5.00
CA GLN A 4 11.33 7.09 5.87
C GLN A 4 11.32 6.00 6.93
N TYR A 5 10.28 5.21 6.96
CA TYR A 5 10.17 4.22 8.02
C TYR A 5 10.92 2.94 7.70
N SER A 6 11.23 2.20 8.73
CA SER A 6 11.92 0.95 8.61
C SER A 6 10.94 -0.22 8.67
N GLN A 7 11.48 -1.43 8.60
CA GLN A 7 10.68 -2.64 8.51
C GLN A 7 9.69 -2.76 9.65
N GLU A 8 10.20 -2.65 10.87
CA GLU A 8 9.43 -2.86 12.10
C GLU A 8 8.15 -2.05 12.08
N GLU A 9 8.29 -0.83 11.65
CA GLU A 9 7.26 0.16 11.67
C GLU A 9 6.07 -0.30 10.84
N LEU A 10 6.33 -0.64 9.62
CA LEU A 10 5.31 -1.02 8.70
C LEU A 10 4.76 -2.38 9.03
N LYS A 11 5.66 -3.24 9.44
CA LYS A 11 5.41 -4.65 9.62
C LYS A 11 4.35 -4.90 10.69
N GLU A 12 4.35 -4.09 11.71
CA GLU A 12 3.43 -4.29 12.79
C GLU A 12 2.19 -3.40 12.71
N MET A 13 2.07 -2.64 11.64
CA MET A 13 0.89 -1.83 11.40
C MET A 13 0.02 -2.46 10.32
N ALA A 14 -1.16 -1.92 10.12
CA ALA A 14 -2.10 -2.44 9.15
C ALA A 14 -1.61 -2.16 7.74
N LEU A 15 -1.66 -3.17 6.92
CA LEU A 15 -1.13 -3.11 5.56
C LEU A 15 -1.92 -2.18 4.64
N VAL A 16 -3.23 -2.13 4.79
CA VAL A 16 -4.04 -1.22 3.99
C VAL A 16 -3.76 0.24 4.41
N GLU A 17 -3.38 0.40 5.67
CA GLU A 17 -3.10 1.72 6.19
C GLU A 17 -1.73 2.19 5.72
N ILE A 18 -0.79 1.25 5.59
CA ILE A 18 0.54 1.56 5.02
C ILE A 18 0.33 2.13 3.62
N ALA A 19 -0.51 1.45 2.86
CA ALA A 19 -0.86 1.87 1.52
C ALA A 19 -1.56 3.22 1.55
N HIS A 20 -2.49 3.39 2.49
CA HIS A 20 -3.21 4.66 2.66
C HIS A 20 -2.22 5.82 2.83
N GLU A 21 -1.23 5.66 3.69
CA GLU A 21 -0.25 6.71 3.94
C GLU A 21 0.56 6.97 2.67
N LEU A 22 0.90 5.90 1.99
CA LEU A 22 1.67 5.95 0.76
C LEU A 22 0.93 6.77 -0.32
N PHE A 23 -0.35 6.54 -0.45
CA PHE A 23 -1.16 7.27 -1.41
C PHE A 23 -1.39 8.69 -0.95
N GLU A 24 -1.57 8.87 0.35
CA GLU A 24 -1.79 10.18 0.92
C GLU A 24 -0.52 11.04 0.75
N GLU A 25 0.62 10.37 0.74
CA GLU A 25 1.92 10.97 0.47
C GLU A 25 1.99 11.51 -0.96
N HIS A 26 1.67 10.66 -1.90
CA HIS A 26 1.82 11.02 -3.30
C HIS A 26 0.72 11.95 -3.81
N LYS A 27 -0.53 11.75 -3.30
CA LYS A 27 -1.74 12.52 -3.74
C LYS A 27 -2.00 12.25 -5.22
N LYS A 28 -1.53 11.11 -5.66
CA LYS A 28 -1.60 10.68 -7.01
C LYS A 28 -1.94 9.22 -7.00
N PRO A 29 -2.57 8.71 -8.05
CA PRO A 29 -2.95 7.31 -8.12
C PRO A 29 -1.73 6.46 -8.45
N VAL A 30 -1.57 5.39 -7.73
CA VAL A 30 -0.40 4.55 -7.89
C VAL A 30 -0.87 3.14 -8.29
N PRO A 31 -0.24 2.54 -9.33
CA PRO A 31 -0.52 1.16 -9.72
C PRO A 31 -0.18 0.19 -8.60
N PHE A 32 -0.85 -0.95 -8.60
CA PHE A 32 -0.73 -1.96 -7.55
C PHE A 32 0.73 -2.34 -7.30
N GLN A 33 1.44 -2.65 -8.35
CA GLN A 33 2.82 -3.06 -8.21
C GLN A 33 3.69 -1.93 -7.72
N GLU A 34 3.44 -0.72 -8.18
CA GLU A 34 4.28 0.38 -7.80
C GLU A 34 4.14 0.69 -6.33
N LEU A 35 2.91 0.58 -5.83
CA LEU A 35 2.64 0.86 -4.43
C LEU A 35 3.30 -0.22 -3.56
N LEU A 36 3.16 -1.50 -3.97
CA LEU A 36 3.78 -2.59 -3.23
C LEU A 36 5.28 -2.48 -3.24
N ASN A 37 5.81 -2.11 -4.37
CA ASN A 37 7.23 -1.99 -4.53
C ASN A 37 7.81 -0.87 -3.67
N GLU A 38 7.03 0.22 -3.48
CA GLU A 38 7.43 1.26 -2.55
C GLU A 38 7.41 0.74 -1.13
N ILE A 39 6.34 0.01 -0.78
CA ILE A 39 6.20 -0.59 0.53
C ILE A 39 7.39 -1.51 0.81
N ALA A 40 7.74 -2.33 -0.18
CA ALA A 40 8.85 -3.28 -0.09
C ALA A 40 10.15 -2.58 0.25
N SER A 41 10.35 -1.40 -0.33
CA SER A 41 11.54 -0.63 -0.06
C SER A 41 11.61 -0.24 1.42
N LEU A 42 10.56 0.38 1.93
CA LEU A 42 10.53 0.83 3.32
C LEU A 42 10.46 -0.34 4.31
N LEU A 43 9.79 -1.41 3.91
CA LEU A 43 9.54 -2.60 4.76
C LEU A 43 10.80 -3.49 4.89
N GLY A 44 11.95 -2.87 4.66
CA GLY A 44 13.28 -3.54 4.68
C GLY A 44 13.29 -5.04 4.30
N VAL A 45 12.71 -5.38 3.16
CA VAL A 45 12.61 -6.79 2.75
C VAL A 45 12.76 -6.96 1.27
N LYS A 46 12.95 -8.20 0.86
CA LYS A 46 12.89 -8.54 -0.54
C LYS A 46 11.42 -8.67 -0.92
N LYS A 47 11.13 -8.45 -2.18
CA LYS A 47 9.77 -8.49 -2.72
C LYS A 47 9.03 -9.78 -2.34
N GLU A 48 9.76 -10.86 -2.28
CA GLU A 48 9.23 -12.20 -2.03
C GLU A 48 8.44 -12.30 -0.69
N GLU A 49 8.97 -11.66 0.35
CA GLU A 49 8.35 -11.66 1.70
C GLU A 49 7.04 -10.93 1.59
N LEU A 50 7.12 -9.82 0.88
CA LEU A 50 6.01 -9.01 0.65
C LEU A 50 5.05 -9.70 -0.28
N GLY A 51 5.55 -10.63 -1.11
CA GLY A 51 4.71 -11.40 -2.03
C GLY A 51 3.65 -12.15 -1.28
N ASP A 52 4.07 -12.82 -0.22
CA ASP A 52 3.12 -13.48 0.70
C ASP A 52 2.11 -12.45 1.23
N ARG A 53 2.66 -11.34 1.71
CA ARG A 53 1.84 -10.29 2.28
C ARG A 53 0.98 -9.57 1.19
N ILE A 54 1.32 -9.78 -0.08
CA ILE A 54 0.59 -9.25 -1.23
C ILE A 54 -0.69 -10.01 -1.41
N ALA A 55 -0.63 -11.31 -1.20
CA ALA A 55 -1.82 -12.12 -1.26
C ALA A 55 -2.78 -11.66 -0.17
N GLN A 56 -2.24 -11.45 1.03
CA GLN A 56 -3.04 -10.90 2.12
C GLN A 56 -3.48 -9.48 1.82
N PHE A 57 -2.66 -8.74 1.09
CA PHE A 57 -2.96 -7.37 0.73
C PHE A 57 -4.10 -7.31 -0.28
N TYR A 58 -4.13 -8.23 -1.23
CA TYR A 58 -5.24 -8.32 -2.18
C TYR A 58 -6.53 -8.45 -1.45
N THR A 59 -6.55 -9.38 -0.52
CA THR A 59 -7.71 -9.60 0.30
C THR A 59 -8.04 -8.35 1.13
N ASP A 60 -7.06 -7.88 1.88
CA ASP A 60 -7.24 -6.76 2.82
C ASP A 60 -7.66 -5.45 2.11
N LEU A 61 -7.10 -5.21 0.96
CA LEU A 61 -7.36 -4.01 0.18
C LEU A 61 -8.76 -4.03 -0.44
N ASN A 62 -9.12 -5.15 -1.03
CA ASN A 62 -10.41 -5.25 -1.74
C ASN A 62 -11.58 -5.39 -0.79
N ILE A 63 -11.30 -5.59 0.49
CA ILE A 63 -12.35 -5.68 1.49
C ILE A 63 -12.40 -4.39 2.30
N ASP A 64 -11.62 -3.41 1.91
CA ASP A 64 -11.59 -2.14 2.61
C ASP A 64 -12.55 -1.16 1.95
N GLY A 65 -12.96 -0.13 2.64
CA GLY A 65 -13.86 0.82 2.08
C GLY A 65 -13.30 2.24 2.00
N ARG A 66 -12.11 2.47 2.56
CA ARG A 66 -11.54 3.81 2.56
C ARG A 66 -10.69 3.98 1.33
N PHE A 67 -10.19 2.87 0.86
CA PHE A 67 -9.47 2.82 -0.35
C PHE A 67 -10.42 2.88 -1.52
N LEU A 68 -9.94 3.33 -2.62
CA LEU A 68 -10.73 3.51 -3.79
C LEU A 68 -9.94 3.08 -4.99
N ALA A 69 -10.52 2.26 -5.82
CA ALA A 69 -9.89 1.90 -7.07
C ALA A 69 -10.40 2.86 -8.08
N LEU A 70 -9.53 3.39 -8.92
CA LEU A 70 -10.01 4.35 -9.87
C LEU A 70 -10.78 3.71 -11.04
N SER A 71 -10.21 3.66 -12.23
CA SER A 71 -10.99 3.12 -13.31
C SER A 71 -10.65 1.67 -13.69
N ASP A 72 -9.41 1.44 -14.12
CA ASP A 72 -9.11 0.15 -14.72
C ASP A 72 -8.00 -0.62 -14.02
N GLN A 73 -7.18 0.04 -13.22
CA GLN A 73 -6.07 -0.68 -12.57
C GLN A 73 -5.70 0.03 -11.30
N THR A 74 -5.31 1.25 -11.49
CA THR A 74 -4.71 2.10 -10.54
C THR A 74 -5.62 2.38 -9.32
N TRP A 75 -5.03 2.32 -8.16
CA TRP A 75 -5.74 2.58 -6.94
C TRP A 75 -5.49 3.99 -6.49
N GLY A 76 -6.28 4.42 -5.55
CA GLY A 76 -6.14 5.72 -4.98
C GLY A 76 -6.89 5.80 -3.67
N LEU A 77 -7.25 6.98 -3.30
CA LEU A 77 -7.94 7.19 -2.05
C LEU A 77 -9.28 7.78 -2.32
N ARG A 78 -10.25 7.33 -1.56
CA ARG A 78 -11.63 7.74 -1.74
C ARG A 78 -11.82 9.18 -1.31
N SER A 79 -10.91 9.64 -0.50
CA SER A 79 -10.90 10.98 0.03
C SER A 79 -10.68 12.02 -1.07
N TRP A 80 -10.10 11.62 -2.17
CA TRP A 80 -9.73 12.57 -3.21
C TRP A 80 -10.89 12.94 -4.11
N TYR A 81 -11.83 12.06 -4.31
CA TYR A 81 -12.81 12.27 -5.36
C TYR A 81 -14.20 11.89 -4.89
N GLY A 1 4.65 10.67 5.46
CA GLY A 1 4.04 9.45 5.90
C GLY A 1 5.07 8.38 6.17
N ILE A 2 5.16 7.43 5.27
CA ILE A 2 6.05 6.27 5.41
C ILE A 2 7.53 6.60 5.27
N LYS A 3 7.84 7.85 4.92
CA LYS A 3 9.23 8.32 4.85
C LYS A 3 10.01 8.02 6.15
N GLN A 4 9.31 8.02 7.28
CA GLN A 4 9.93 7.91 8.59
C GLN A 4 9.80 6.52 9.22
N TYR A 5 9.17 5.57 8.56
CA TYR A 5 9.00 4.27 9.20
C TYR A 5 10.03 3.24 8.76
N SER A 6 10.41 2.40 9.69
CA SER A 6 11.40 1.35 9.51
C SER A 6 10.72 -0.01 9.26
N GLN A 7 11.53 -1.06 9.12
CA GLN A 7 11.02 -2.36 8.73
C GLN A 7 10.08 -3.01 9.76
N GLU A 8 10.53 -3.11 11.01
CA GLU A 8 9.74 -3.73 12.10
C GLU A 8 8.52 -2.91 12.36
N GLU A 9 8.73 -1.62 12.25
CA GLU A 9 7.74 -0.61 12.44
C GLU A 9 6.59 -0.80 11.45
N LEU A 10 6.91 -0.88 10.17
CA LEU A 10 5.93 -1.11 9.13
C LEU A 10 5.35 -2.53 9.17
N LYS A 11 6.12 -3.48 9.66
CA LYS A 11 5.68 -4.87 9.74
C LYS A 11 4.43 -5.03 10.57
N GLU A 12 4.38 -4.38 11.71
CA GLU A 12 3.25 -4.55 12.60
C GLU A 12 2.08 -3.66 12.26
N MET A 13 2.28 -2.79 11.31
CA MET A 13 1.21 -1.96 10.83
C MET A 13 0.56 -2.68 9.67
N ALA A 14 -0.74 -2.56 9.55
CA ALA A 14 -1.46 -3.16 8.44
C ALA A 14 -1.01 -2.51 7.15
N LEU A 15 -0.76 -3.29 6.13
CA LEU A 15 -0.19 -2.74 4.91
C LEU A 15 -1.15 -1.86 4.13
N VAL A 16 -2.45 -1.94 4.43
CA VAL A 16 -3.40 -1.03 3.79
C VAL A 16 -3.21 0.38 4.38
N GLU A 17 -2.80 0.42 5.64
CA GLU A 17 -2.54 1.67 6.33
C GLU A 17 -1.25 2.24 5.79
N ILE A 18 -0.29 1.36 5.54
CA ILE A 18 0.98 1.75 4.94
C ILE A 18 0.69 2.31 3.55
N ALA A 19 -0.11 1.58 2.78
CA ALA A 19 -0.50 1.97 1.44
C ALA A 19 -1.26 3.30 1.46
N HIS A 20 -2.09 3.51 2.49
CA HIS A 20 -2.80 4.78 2.70
C HIS A 20 -1.78 5.90 2.76
N GLU A 21 -0.75 5.67 3.54
CA GLU A 21 0.29 6.64 3.72
C GLU A 21 1.05 6.88 2.43
N LEU A 22 1.21 5.85 1.57
CA LEU A 22 1.84 6.04 0.24
C LEU A 22 1.09 7.09 -0.54
N PHE A 23 -0.21 7.00 -0.52
CA PHE A 23 -1.03 7.91 -1.26
C PHE A 23 -1.11 9.28 -0.62
N GLU A 24 -0.91 9.34 0.67
CA GLU A 24 -0.85 10.60 1.36
C GLU A 24 0.48 11.31 1.05
N GLU A 25 1.54 10.54 1.14
CA GLU A 25 2.93 10.92 0.87
C GLU A 25 3.09 11.37 -0.59
N HIS A 26 2.43 10.65 -1.49
CA HIS A 26 2.57 10.86 -2.92
C HIS A 26 1.53 11.84 -3.50
N LYS A 27 0.29 11.84 -2.97
CA LYS A 27 -0.83 12.72 -3.45
C LYS A 27 -1.27 12.40 -4.86
N LYS A 28 -0.92 11.23 -5.34
CA LYS A 28 -1.19 10.85 -6.70
C LYS A 28 -1.47 9.37 -6.68
N PRO A 29 -2.34 8.89 -7.58
CA PRO A 29 -2.66 7.47 -7.67
C PRO A 29 -1.47 6.65 -8.18
N VAL A 30 -1.44 5.38 -7.85
CA VAL A 30 -0.33 4.52 -8.24
C VAL A 30 -0.91 3.15 -8.59
N PRO A 31 -0.50 2.55 -9.72
CA PRO A 31 -0.87 1.18 -10.04
C PRO A 31 -0.36 0.23 -8.95
N PHE A 32 -1.09 -0.85 -8.73
CA PHE A 32 -0.84 -1.81 -7.65
C PHE A 32 0.63 -2.24 -7.61
N GLN A 33 1.18 -2.58 -8.77
CA GLN A 33 2.56 -3.04 -8.86
C GLN A 33 3.59 -1.99 -8.43
N GLU A 34 3.37 -0.73 -8.77
CA GLU A 34 4.33 0.30 -8.40
C GLU A 34 4.15 0.65 -6.94
N LEU A 35 2.89 0.69 -6.52
CA LEU A 35 2.54 0.94 -5.13
C LEU A 35 3.19 -0.11 -4.23
N LEU A 36 3.13 -1.35 -4.68
CA LEU A 36 3.74 -2.47 -4.02
C LEU A 36 5.22 -2.24 -3.84
N ASN A 37 5.88 -1.80 -4.89
CA ASN A 37 7.31 -1.59 -4.86
C ASN A 37 7.66 -0.42 -3.97
N GLU A 38 6.80 0.54 -3.88
CA GLU A 38 7.01 1.65 -2.99
C GLU A 38 6.87 1.22 -1.54
N ILE A 39 5.95 0.32 -1.29
CA ILE A 39 5.83 -0.28 0.04
C ILE A 39 7.10 -1.05 0.33
N ALA A 40 7.48 -1.92 -0.60
CA ALA A 40 8.68 -2.77 -0.50
C ALA A 40 9.99 -1.99 -0.37
N SER A 41 10.04 -0.80 -0.92
CA SER A 41 11.23 0.01 -0.75
C SER A 41 11.35 0.59 0.65
N LEU A 42 10.30 1.28 1.12
CA LEU A 42 10.28 1.89 2.45
C LEU A 42 10.31 0.82 3.53
N LEU A 43 9.59 -0.24 3.31
CA LEU A 43 9.61 -1.41 4.14
C LEU A 43 10.75 -2.27 3.66
N GLY A 44 11.88 -2.20 4.33
CA GLY A 44 13.09 -2.89 3.85
C GLY A 44 13.00 -4.41 3.86
N VAL A 45 12.29 -4.97 2.91
CA VAL A 45 12.08 -6.40 2.79
C VAL A 45 12.30 -6.85 1.35
N LYS A 46 12.13 -8.14 1.11
CA LYS A 46 12.15 -8.68 -0.23
C LYS A 46 10.77 -8.59 -0.83
N LYS A 47 10.70 -8.71 -2.12
CA LYS A 47 9.45 -8.71 -2.80
C LYS A 47 8.72 -10.05 -2.52
N GLU A 48 9.51 -11.11 -2.37
CA GLU A 48 9.02 -12.48 -2.15
C GLU A 48 8.09 -12.59 -0.92
N GLU A 49 8.61 -12.18 0.21
CA GLU A 49 7.91 -12.25 1.49
C GLU A 49 6.69 -11.32 1.47
N LEU A 50 6.88 -10.17 0.85
CA LEU A 50 5.82 -9.23 0.75
C LEU A 50 4.80 -9.74 -0.25
N GLY A 51 5.23 -10.68 -1.10
CA GLY A 51 4.38 -11.34 -2.08
C GLY A 51 3.34 -12.17 -1.41
N ASP A 52 3.73 -12.85 -0.36
CA ASP A 52 2.79 -13.59 0.47
C ASP A 52 1.80 -12.61 1.06
N ARG A 53 2.34 -11.52 1.53
CA ARG A 53 1.53 -10.50 2.14
C ARG A 53 0.66 -9.77 1.07
N ILE A 54 1.03 -9.89 -0.23
CA ILE A 54 0.23 -9.31 -1.34
C ILE A 54 -1.07 -10.05 -1.42
N ALA A 55 -0.99 -11.36 -1.38
CA ALA A 55 -2.18 -12.20 -1.40
C ALA A 55 -3.12 -11.81 -0.27
N GLN A 56 -2.55 -11.67 0.92
CA GLN A 56 -3.30 -11.25 2.10
C GLN A 56 -3.88 -9.84 1.84
N PHE A 57 -3.04 -8.97 1.28
CA PHE A 57 -3.38 -7.60 0.99
C PHE A 57 -4.56 -7.51 0.05
N TYR A 58 -4.61 -8.37 -0.98
CA TYR A 58 -5.78 -8.41 -1.86
C TYR A 58 -7.03 -8.65 -1.06
N THR A 59 -6.96 -9.62 -0.15
CA THR A 59 -8.08 -9.94 0.71
C THR A 59 -8.55 -8.69 1.53
N ASP A 60 -7.62 -8.07 2.24
CA ASP A 60 -7.93 -6.94 3.13
C ASP A 60 -8.32 -5.66 2.35
N LEU A 61 -7.56 -5.38 1.31
CA LEU A 61 -7.75 -4.19 0.48
C LEU A 61 -9.12 -4.17 -0.20
N ASN A 62 -9.62 -5.35 -0.54
CA ASN A 62 -10.91 -5.45 -1.23
C ASN A 62 -12.09 -5.13 -0.33
N ILE A 63 -11.89 -5.18 0.97
CA ILE A 63 -12.96 -4.89 1.91
C ILE A 63 -12.75 -3.50 2.53
N ASP A 64 -11.76 -2.80 2.04
CA ASP A 64 -11.34 -1.52 2.61
C ASP A 64 -12.23 -0.35 2.15
N GLY A 65 -12.38 0.64 3.01
CA GLY A 65 -13.23 1.78 2.73
C GLY A 65 -12.47 3.09 2.55
N ARG A 66 -11.17 3.03 2.44
CA ARG A 66 -10.39 4.24 2.18
C ARG A 66 -9.89 4.17 0.77
N PHE A 67 -9.46 2.99 0.41
CA PHE A 67 -8.95 2.69 -0.89
C PHE A 67 -10.02 2.53 -1.92
N LEU A 68 -9.60 2.66 -3.14
CA LEU A 68 -10.42 2.53 -4.29
C LEU A 68 -9.59 2.13 -5.46
N ALA A 69 -10.08 1.18 -6.22
CA ALA A 69 -9.49 0.88 -7.49
C ALA A 69 -10.15 1.82 -8.46
N LEU A 70 -9.41 2.82 -8.90
CA LEU A 70 -9.91 3.91 -9.71
C LEU A 70 -10.68 3.44 -10.95
N SER A 71 -10.01 3.20 -12.07
CA SER A 71 -10.75 2.75 -13.23
C SER A 71 -10.61 1.25 -13.46
N ASP A 72 -9.41 0.78 -13.74
CA ASP A 72 -9.26 -0.64 -14.05
C ASP A 72 -8.26 -1.36 -13.16
N GLN A 73 -7.38 -0.63 -12.50
CA GLN A 73 -6.28 -1.28 -11.75
C GLN A 73 -5.52 -0.36 -10.81
N THR A 74 -5.63 0.92 -11.01
CA THR A 74 -4.90 1.85 -10.22
C THR A 74 -5.60 2.04 -8.89
N TRP A 75 -4.89 1.87 -7.81
CA TRP A 75 -5.48 2.07 -6.54
C TRP A 75 -5.18 3.46 -6.07
N GLY A 76 -5.93 3.88 -5.13
CA GLY A 76 -5.77 5.16 -4.56
C GLY A 76 -6.77 5.32 -3.48
N LEU A 77 -7.12 6.54 -3.21
CA LEU A 77 -8.05 6.81 -2.16
C LEU A 77 -9.37 7.18 -2.78
N ARG A 78 -10.43 6.67 -2.19
CA ARG A 78 -11.77 6.89 -2.65
C ARG A 78 -12.21 8.29 -2.30
N SER A 79 -11.59 8.81 -1.27
CA SER A 79 -11.91 10.06 -0.68
C SER A 79 -11.42 11.27 -1.49
N TRP A 80 -10.53 11.09 -2.47
CA TRP A 80 -10.01 12.23 -3.25
C TRP A 80 -11.07 12.83 -4.14
N TYR A 81 -12.09 12.08 -4.36
CA TYR A 81 -13.11 12.46 -5.27
C TYR A 81 -14.40 12.21 -4.53
N GLY A 1 4.08 11.59 7.45
CA GLY A 1 4.91 10.58 8.10
C GLY A 1 5.17 9.46 7.16
N ILE A 2 5.16 8.24 7.69
CA ILE A 2 5.36 6.96 6.99
C ILE A 2 6.76 6.79 6.30
N LYS A 3 7.17 7.79 5.55
CA LYS A 3 8.37 7.79 4.71
C LYS A 3 9.64 8.07 5.56
N GLN A 4 9.58 7.66 6.80
CA GLN A 4 10.66 7.89 7.75
C GLN A 4 10.70 6.77 8.79
N TYR A 5 9.99 5.68 8.53
CA TYR A 5 9.91 4.61 9.52
C TYR A 5 10.88 3.50 9.20
N SER A 6 11.35 2.86 10.22
CA SER A 6 12.29 1.78 10.11
C SER A 6 11.52 0.45 10.09
N GLN A 7 12.23 -0.65 9.99
CA GLN A 7 11.66 -1.98 9.84
C GLN A 7 10.68 -2.41 10.92
N GLU A 8 11.03 -2.26 12.20
CA GLU A 8 10.16 -2.70 13.32
C GLU A 8 8.77 -2.11 13.18
N GLU A 9 8.76 -0.85 12.84
CA GLU A 9 7.56 -0.08 12.69
C GLU A 9 6.71 -0.67 11.54
N LEU A 10 7.35 -0.77 10.39
CA LEU A 10 6.70 -1.15 9.16
C LEU A 10 6.31 -2.63 9.13
N LYS A 11 7.12 -3.46 9.75
CA LYS A 11 6.87 -4.92 9.86
C LYS A 11 5.60 -5.22 10.63
N GLU A 12 5.30 -4.39 11.62
CA GLU A 12 4.18 -4.66 12.51
C GLU A 12 2.91 -3.92 12.12
N MET A 13 3.03 -2.77 11.47
CA MET A 13 1.85 -1.98 11.11
C MET A 13 1.13 -2.57 9.89
N ALA A 14 -0.08 -2.08 9.65
CA ALA A 14 -0.92 -2.58 8.58
C ALA A 14 -0.47 -2.01 7.23
N LEU A 15 -0.33 -2.89 6.26
CA LEU A 15 0.13 -2.50 4.93
C LEU A 15 -0.91 -1.68 4.17
N VAL A 16 -2.18 -1.82 4.56
CA VAL A 16 -3.25 -1.01 3.95
C VAL A 16 -3.06 0.46 4.35
N GLU A 17 -2.57 0.68 5.57
CA GLU A 17 -2.29 2.01 6.05
C GLU A 17 -1.04 2.55 5.41
N ILE A 18 -0.06 1.68 5.22
CA ILE A 18 1.19 2.04 4.53
C ILE A 18 0.85 2.55 3.13
N ALA A 19 0.02 1.81 2.43
CA ALA A 19 -0.41 2.18 1.10
C ALA A 19 -1.28 3.45 1.15
N HIS A 20 -2.15 3.53 2.17
CA HIS A 20 -3.03 4.70 2.39
C HIS A 20 -2.17 5.96 2.47
N GLU A 21 -1.13 5.90 3.26
CA GLU A 21 -0.21 7.01 3.43
C GLU A 21 0.47 7.36 2.13
N LEU A 22 0.89 6.34 1.40
CA LEU A 22 1.60 6.49 0.12
C LEU A 22 0.77 7.32 -0.87
N PHE A 23 -0.50 7.03 -0.94
CA PHE A 23 -1.41 7.73 -1.83
C PHE A 23 -1.81 9.10 -1.33
N GLU A 24 -1.98 9.21 -0.04
CA GLU A 24 -2.27 10.48 0.61
C GLU A 24 -1.09 11.44 0.38
N GLU A 25 0.09 10.87 0.42
CA GLU A 25 1.31 11.59 0.18
C GLU A 25 1.48 11.95 -1.30
N HIS A 26 1.39 10.94 -2.17
CA HIS A 26 1.64 11.11 -3.59
C HIS A 26 0.56 11.97 -4.27
N LYS A 27 -0.69 11.82 -3.80
CA LYS A 27 -1.85 12.60 -4.28
C LYS A 27 -2.19 12.33 -5.75
N LYS A 28 -1.67 11.25 -6.25
CA LYS A 28 -1.91 10.77 -7.58
C LYS A 28 -2.01 9.27 -7.49
N PRO A 29 -2.86 8.65 -8.30
CA PRO A 29 -3.07 7.21 -8.27
C PRO A 29 -1.90 6.45 -8.86
N VAL A 30 -1.71 5.24 -8.40
CA VAL A 30 -0.58 4.41 -8.78
C VAL A 30 -1.06 2.97 -8.94
N PRO A 31 -0.64 2.27 -10.01
CA PRO A 31 -0.97 0.86 -10.21
C PRO A 31 -0.39 -0.04 -9.09
N PHE A 32 -1.04 -1.17 -8.86
CA PHE A 32 -0.75 -2.12 -7.78
C PHE A 32 0.74 -2.49 -7.74
N GLN A 33 1.32 -2.71 -8.89
CA GLN A 33 2.73 -3.09 -8.98
C GLN A 33 3.67 -2.01 -8.46
N GLU A 34 3.41 -0.76 -8.77
CA GLU A 34 4.35 0.27 -8.43
C GLU A 34 4.26 0.57 -6.96
N LEU A 35 3.03 0.62 -6.44
CA LEU A 35 2.83 0.92 -5.04
C LEU A 35 3.49 -0.13 -4.17
N LEU A 36 3.41 -1.36 -4.61
CA LEU A 36 3.89 -2.51 -3.89
C LEU A 36 5.41 -2.49 -3.86
N ASN A 37 6.00 -2.17 -4.98
CA ASN A 37 7.44 -2.13 -5.13
C ASN A 37 8.05 -0.99 -4.33
N GLU A 38 7.39 0.16 -4.33
CA GLU A 38 7.87 1.30 -3.57
C GLU A 38 7.73 1.01 -2.07
N ILE A 39 6.61 0.40 -1.68
CA ILE A 39 6.38 -0.03 -0.30
C ILE A 39 7.49 -0.99 0.14
N ALA A 40 7.75 -1.99 -0.68
CA ALA A 40 8.81 -2.98 -0.40
C ALA A 40 10.19 -2.34 -0.27
N SER A 41 10.39 -1.23 -0.93
CA SER A 41 11.66 -0.52 -0.80
C SER A 41 11.76 0.19 0.57
N LEU A 42 10.73 0.97 0.91
CA LEU A 42 10.68 1.67 2.19
C LEU A 42 10.72 0.67 3.34
N LEU A 43 10.01 -0.40 3.14
CA LEU A 43 9.93 -1.47 4.08
C LEU A 43 11.10 -2.37 3.95
N GLY A 44 11.87 -2.44 4.97
CA GLY A 44 12.88 -3.47 5.05
C GLY A 44 12.22 -4.83 5.26
N VAL A 45 11.74 -5.36 4.18
CA VAL A 45 11.07 -6.63 4.11
C VAL A 45 11.50 -7.27 2.81
N LYS A 46 11.15 -8.50 2.64
CA LYS A 46 11.33 -9.15 1.36
C LYS A 46 10.05 -8.93 0.56
N LYS A 47 10.16 -8.76 -0.72
CA LYS A 47 8.96 -8.74 -1.52
C LYS A 47 8.41 -10.18 -1.56
N GLU A 48 9.30 -11.14 -1.33
CA GLU A 48 8.95 -12.56 -1.17
C GLU A 48 7.86 -12.73 -0.07
N GLU A 49 8.20 -12.25 1.14
CA GLU A 49 7.31 -12.35 2.30
C GLU A 49 6.10 -11.48 2.06
N LEU A 50 6.35 -10.34 1.42
CA LEU A 50 5.32 -9.41 1.10
C LEU A 50 4.42 -10.00 0.02
N GLY A 51 4.93 -11.00 -0.69
CA GLY A 51 4.20 -11.70 -1.74
C GLY A 51 3.10 -12.49 -1.16
N ASP A 52 3.42 -13.18 -0.08
CA ASP A 52 2.39 -13.92 0.67
C ASP A 52 1.35 -12.92 1.15
N ARG A 53 1.84 -11.81 1.63
CA ARG A 53 1.01 -10.73 2.09
C ARG A 53 0.29 -10.04 0.94
N ILE A 54 0.73 -10.25 -0.31
CA ILE A 54 0.05 -9.69 -1.50
C ILE A 54 -1.26 -10.36 -1.67
N ALA A 55 -1.24 -11.69 -1.53
CA ALA A 55 -2.47 -12.47 -1.61
C ALA A 55 -3.47 -11.99 -0.57
N GLN A 56 -2.99 -11.91 0.66
CA GLN A 56 -3.81 -11.44 1.77
C GLN A 56 -4.24 -9.96 1.48
N PHE A 57 -3.31 -9.18 0.95
CA PHE A 57 -3.53 -7.77 0.66
C PHE A 57 -4.59 -7.58 -0.39
N TYR A 58 -4.68 -8.49 -1.38
CA TYR A 58 -5.77 -8.41 -2.36
C TYR A 58 -7.08 -8.46 -1.62
N THR A 59 -7.22 -9.47 -0.77
CA THR A 59 -8.45 -9.63 -0.01
C THR A 59 -8.71 -8.37 0.87
N ASP A 60 -7.69 -8.01 1.64
CA ASP A 60 -7.73 -6.91 2.63
C ASP A 60 -8.04 -5.57 1.96
N LEU A 61 -7.46 -5.34 0.80
CA LEU A 61 -7.61 -4.11 0.05
C LEU A 61 -8.98 -4.03 -0.64
N ASN A 62 -9.46 -5.15 -1.15
CA ASN A 62 -10.74 -5.18 -1.86
C ASN A 62 -11.91 -5.01 -0.91
N ILE A 63 -11.76 -5.49 0.32
CA ILE A 63 -12.84 -5.37 1.30
C ILE A 63 -12.79 -4.04 2.03
N ASP A 64 -11.68 -3.33 1.90
CA ASP A 64 -11.49 -2.05 2.56
C ASP A 64 -12.18 -0.92 1.79
N GLY A 65 -12.63 0.10 2.50
CA GLY A 65 -13.33 1.19 1.87
C GLY A 65 -12.59 2.53 1.91
N ARG A 66 -11.31 2.52 2.28
CA ARG A 66 -10.52 3.76 2.30
C ARG A 66 -9.76 3.85 0.98
N PHE A 67 -9.64 2.71 0.35
CA PHE A 67 -8.98 2.58 -0.90
C PHE A 67 -9.97 2.50 -2.03
N LEU A 68 -9.51 2.78 -3.21
CA LEU A 68 -10.32 2.72 -4.37
C LEU A 68 -9.52 2.32 -5.58
N ALA A 69 -10.03 1.38 -6.32
CA ALA A 69 -9.49 1.08 -7.60
C ALA A 69 -10.21 1.99 -8.56
N LEU A 70 -9.51 2.93 -9.12
CA LEU A 70 -10.12 3.91 -10.00
C LEU A 70 -10.55 3.26 -11.34
N SER A 71 -10.94 4.11 -12.26
CA SER A 71 -11.47 3.77 -13.58
C SER A 71 -10.74 2.62 -14.32
N ASP A 72 -9.42 2.52 -14.19
CA ASP A 72 -8.70 1.43 -14.85
C ASP A 72 -7.94 0.57 -13.87
N GLN A 73 -8.44 0.55 -12.63
CA GLN A 73 -7.92 -0.29 -11.53
C GLN A 73 -6.63 0.18 -10.99
N THR A 74 -6.36 1.41 -11.25
CA THR A 74 -5.26 2.10 -10.66
C THR A 74 -5.67 2.31 -9.21
N TRP A 75 -4.79 2.16 -8.27
CA TRP A 75 -5.22 2.26 -6.93
C TRP A 75 -5.00 3.64 -6.42
N GLY A 76 -5.90 4.04 -5.59
CA GLY A 76 -5.84 5.29 -4.98
C GLY A 76 -6.70 5.31 -3.76
N LEU A 77 -7.06 6.46 -3.32
CA LEU A 77 -7.80 6.58 -2.11
C LEU A 77 -9.22 6.93 -2.40
N ARG A 78 -10.08 6.33 -1.65
CA ARG A 78 -11.47 6.64 -1.67
C ARG A 78 -11.59 7.96 -0.91
N SER A 79 -10.73 8.08 0.08
CA SER A 79 -10.65 9.22 0.95
C SER A 79 -10.04 10.49 0.24
N TRP A 80 -9.90 10.46 -1.08
CA TRP A 80 -9.47 11.64 -1.84
C TRP A 80 -10.68 12.45 -2.23
N TYR A 81 -11.80 11.80 -2.24
CA TYR A 81 -13.01 12.39 -2.70
C TYR A 81 -14.03 12.27 -1.58
N GLY A 1 4.57 11.90 5.70
CA GLY A 1 4.01 10.74 5.02
C GLY A 1 4.79 9.47 5.28
N ILE A 2 5.06 8.71 4.24
CA ILE A 2 5.57 7.36 4.42
C ILE A 2 7.09 7.27 4.70
N LYS A 3 7.89 8.18 4.14
CA LYS A 3 9.36 8.10 4.29
C LYS A 3 9.85 8.26 5.73
N GLN A 4 9.01 8.76 6.59
CA GLN A 4 9.40 8.97 7.98
C GLN A 4 9.13 7.76 8.86
N TYR A 5 8.45 6.76 8.34
CA TYR A 5 8.19 5.57 9.14
C TYR A 5 9.38 4.64 9.08
N SER A 6 9.77 4.15 10.22
CA SER A 6 10.86 3.21 10.29
C SER A 6 10.42 1.81 9.85
N GLN A 7 11.36 0.91 9.80
CA GLN A 7 11.14 -0.41 9.27
C GLN A 7 10.16 -1.21 10.14
N GLU A 8 10.44 -1.26 11.43
CA GLU A 8 9.64 -2.00 12.41
C GLU A 8 8.25 -1.41 12.50
N GLU A 9 8.19 -0.08 12.38
CA GLU A 9 6.93 0.68 12.39
C GLU A 9 5.97 0.11 11.36
N LEU A 10 6.45 0.00 10.15
CA LEU A 10 5.69 -0.51 9.04
C LEU A 10 5.40 -2.00 9.19
N LYS A 11 6.27 -2.69 9.90
CA LYS A 11 6.12 -4.13 10.12
C LYS A 11 4.98 -4.49 11.06
N GLU A 12 4.53 -3.54 11.84
CA GLU A 12 3.49 -3.81 12.82
C GLU A 12 2.27 -3.02 12.42
N MET A 13 2.21 -2.81 11.14
CA MET A 13 1.23 -2.03 10.50
C MET A 13 0.84 -2.80 9.23
N ALA A 14 -0.42 -2.82 8.88
CA ALA A 14 -0.87 -3.58 7.72
C ALA A 14 -0.39 -2.91 6.46
N LEU A 15 -0.12 -3.67 5.41
CA LEU A 15 0.42 -3.08 4.20
C LEU A 15 -0.58 -2.18 3.49
N VAL A 16 -1.87 -2.35 3.79
CA VAL A 16 -2.88 -1.44 3.25
C VAL A 16 -2.73 -0.06 3.90
N GLU A 17 -2.31 -0.06 5.16
CA GLU A 17 -2.09 1.16 5.90
C GLU A 17 -0.83 1.82 5.37
N ILE A 18 0.17 0.99 5.10
CA ILE A 18 1.43 1.44 4.51
C ILE A 18 1.15 2.08 3.13
N ALA A 19 0.32 1.41 2.35
CA ALA A 19 -0.10 1.91 1.05
C ALA A 19 -0.86 3.23 1.22
N HIS A 20 -1.70 3.28 2.23
CA HIS A 20 -2.47 4.48 2.58
C HIS A 20 -1.53 5.68 2.76
N GLU A 21 -0.42 5.46 3.44
CA GLU A 21 0.56 6.51 3.69
C GLU A 21 1.19 6.96 2.38
N LEU A 22 1.53 5.97 1.57
CA LEU A 22 2.12 6.17 0.26
C LEU A 22 1.19 7.07 -0.58
N PHE A 23 -0.06 6.72 -0.61
CA PHE A 23 -1.03 7.44 -1.38
C PHE A 23 -1.41 8.80 -0.80
N GLU A 24 -1.59 8.91 0.50
CA GLU A 24 -1.89 10.23 1.11
C GLU A 24 -0.74 11.20 0.97
N GLU A 25 0.47 10.72 1.02
CA GLU A 25 1.60 11.58 0.89
C GLU A 25 1.74 12.12 -0.54
N HIS A 26 1.42 11.29 -1.52
CA HIS A 26 1.63 11.69 -2.91
C HIS A 26 0.41 12.30 -3.60
N LYS A 27 -0.77 11.73 -3.33
CA LYS A 27 -2.01 12.03 -4.09
C LYS A 27 -1.77 11.76 -5.56
N LYS A 28 -1.61 10.52 -5.87
CA LYS A 28 -1.39 10.10 -7.20
C LYS A 28 -1.89 8.68 -7.32
N PRO A 29 -2.76 8.38 -8.29
CA PRO A 29 -3.17 7.01 -8.53
C PRO A 29 -1.98 6.21 -9.09
N VAL A 30 -1.64 5.15 -8.43
CA VAL A 30 -0.47 4.37 -8.75
C VAL A 30 -0.88 2.91 -8.99
N PRO A 31 -0.35 2.27 -10.05
CA PRO A 31 -0.63 0.87 -10.35
C PRO A 31 -0.29 -0.05 -9.16
N PHE A 32 -1.10 -1.10 -9.02
CA PHE A 32 -1.03 -2.07 -7.90
C PHE A 32 0.38 -2.62 -7.68
N GLN A 33 1.04 -2.99 -8.74
CA GLN A 33 2.34 -3.63 -8.65
C GLN A 33 3.40 -2.60 -8.21
N GLU A 34 3.18 -1.34 -8.57
CA GLU A 34 4.18 -0.31 -8.35
C GLU A 34 4.17 0.12 -6.92
N LEU A 35 2.97 0.27 -6.38
CA LEU A 35 2.80 0.71 -5.02
C LEU A 35 3.44 -0.30 -4.07
N LEU A 36 3.31 -1.57 -4.42
CA LEU A 36 3.84 -2.65 -3.62
C LEU A 36 5.34 -2.71 -3.66
N ASN A 37 5.90 -2.39 -4.81
CA ASN A 37 7.35 -2.39 -4.95
C ASN A 37 7.95 -1.33 -4.07
N GLU A 38 7.35 -0.15 -4.08
CA GLU A 38 7.81 0.95 -3.26
C GLU A 38 7.57 0.64 -1.78
N ILE A 39 6.45 -0.03 -1.50
CA ILE A 39 6.16 -0.50 -0.13
C ILE A 39 7.28 -1.39 0.36
N ALA A 40 7.67 -2.37 -0.45
CA ALA A 40 8.75 -3.31 -0.09
C ALA A 40 10.08 -2.60 0.13
N SER A 41 10.28 -1.50 -0.54
CA SER A 41 11.46 -0.71 -0.32
C SER A 41 11.42 0.05 1.04
N LEU A 42 10.29 0.73 1.34
CA LEU A 42 10.12 1.44 2.62
C LEU A 42 10.00 0.45 3.77
N LEU A 43 9.12 -0.49 3.61
CA LEU A 43 8.90 -1.56 4.53
C LEU A 43 9.97 -2.58 4.29
N GLY A 44 10.96 -2.59 5.15
CA GLY A 44 12.07 -3.50 5.00
C GLY A 44 11.64 -4.95 5.07
N VAL A 45 11.40 -5.55 3.92
CA VAL A 45 11.04 -6.94 3.79
C VAL A 45 11.69 -7.48 2.54
N LYS A 46 11.41 -8.72 2.25
CA LYS A 46 11.87 -9.35 1.04
C LYS A 46 10.63 -9.37 0.12
N LYS A 47 10.82 -9.14 -1.16
CA LYS A 47 9.70 -9.02 -2.08
C LYS A 47 8.80 -10.29 -2.10
N GLU A 48 9.38 -11.47 -2.25
CA GLU A 48 8.60 -12.71 -2.37
C GLU A 48 7.66 -12.98 -1.19
N GLU A 49 8.15 -12.77 0.03
CA GLU A 49 7.31 -12.99 1.22
C GLU A 49 6.17 -11.97 1.24
N LEU A 50 6.48 -10.74 0.82
CA LEU A 50 5.49 -9.72 0.76
C LEU A 50 4.56 -10.00 -0.40
N GLY A 51 5.03 -10.78 -1.37
CA GLY A 51 4.25 -11.21 -2.52
C GLY A 51 3.14 -12.13 -2.11
N ASP A 52 3.45 -12.96 -1.18
CA ASP A 52 2.45 -13.84 -0.60
C ASP A 52 1.43 -13.00 0.13
N ARG A 53 1.93 -11.98 0.80
CA ARG A 53 1.09 -11.05 1.47
C ARG A 53 0.37 -10.14 0.45
N ILE A 54 0.83 -10.16 -0.82
CA ILE A 54 0.17 -9.44 -1.91
C ILE A 54 -1.14 -10.11 -2.23
N ALA A 55 -1.15 -11.45 -2.20
CA ALA A 55 -2.41 -12.19 -2.37
C ALA A 55 -3.37 -11.80 -1.21
N GLN A 56 -2.81 -11.89 -0.02
CA GLN A 56 -3.50 -11.48 1.21
C GLN A 56 -3.92 -9.99 1.10
N PHE A 57 -3.15 -9.23 0.36
CA PHE A 57 -3.37 -7.82 0.16
C PHE A 57 -4.56 -7.58 -0.71
N TYR A 58 -4.83 -8.42 -1.70
CA TYR A 58 -6.08 -8.27 -2.47
C TYR A 58 -7.24 -8.40 -1.53
N THR A 59 -7.12 -9.36 -0.63
CA THR A 59 -8.12 -9.55 0.40
C THR A 59 -8.24 -8.29 1.32
N ASP A 60 -7.12 -7.88 1.87
CA ASP A 60 -7.03 -6.78 2.85
C ASP A 60 -7.38 -5.40 2.25
N LEU A 61 -7.02 -5.22 1.00
CA LEU A 61 -7.23 -3.98 0.26
C LEU A 61 -8.66 -3.78 -0.15
N ASN A 62 -9.26 -4.80 -0.70
CA ASN A 62 -10.58 -4.66 -1.28
C ASN A 62 -11.67 -4.52 -0.22
N ILE A 63 -11.39 -4.97 0.99
CA ILE A 63 -12.33 -4.81 2.10
C ILE A 63 -12.06 -3.51 2.86
N ASP A 64 -11.03 -2.83 2.44
CA ASP A 64 -10.60 -1.60 3.05
C ASP A 64 -11.40 -0.43 2.50
N GLY A 65 -11.77 0.50 3.37
CA GLY A 65 -12.59 1.63 2.95
C GLY A 65 -11.79 2.90 2.81
N ARG A 66 -10.50 2.80 2.79
CA ARG A 66 -9.63 3.94 2.60
C ARG A 66 -9.28 3.98 1.13
N PHE A 67 -9.06 2.81 0.59
CA PHE A 67 -8.73 2.62 -0.80
C PHE A 67 -9.92 2.57 -1.71
N LEU A 68 -9.62 2.63 -2.99
CA LEU A 68 -10.56 2.58 -4.06
C LEU A 68 -9.85 2.16 -5.33
N ALA A 69 -10.49 1.29 -6.09
CA ALA A 69 -10.00 0.93 -7.39
C ALA A 69 -10.52 1.95 -8.36
N LEU A 70 -9.64 2.76 -8.84
CA LEU A 70 -9.97 3.79 -9.77
C LEU A 70 -10.29 3.23 -11.16
N SER A 71 -10.37 4.13 -12.14
CA SER A 71 -10.82 3.87 -13.50
C SER A 71 -10.33 2.51 -14.09
N ASP A 72 -9.04 2.23 -13.99
CA ASP A 72 -8.49 1.00 -14.57
C ASP A 72 -7.96 0.09 -13.51
N GLN A 73 -8.57 0.15 -12.34
CA GLN A 73 -8.21 -0.67 -11.16
C GLN A 73 -6.90 -0.20 -10.59
N THR A 74 -6.45 0.90 -11.11
CA THR A 74 -5.34 1.61 -10.57
C THR A 74 -5.76 2.04 -9.16
N TRP A 75 -4.90 1.91 -8.21
CA TRP A 75 -5.33 2.13 -6.88
C TRP A 75 -5.05 3.53 -6.42
N GLY A 76 -5.92 3.97 -5.58
CA GLY A 76 -5.82 5.24 -5.01
C GLY A 76 -6.70 5.29 -3.82
N LEU A 77 -6.96 6.45 -3.35
CA LEU A 77 -7.70 6.57 -2.13
C LEU A 77 -9.06 7.15 -2.33
N ARG A 78 -9.97 6.55 -1.63
CA ARG A 78 -11.35 6.97 -1.55
C ARG A 78 -11.39 8.22 -0.65
N SER A 79 -10.32 8.42 0.08
CA SER A 79 -10.16 9.52 0.98
C SER A 79 -9.90 10.83 0.23
N TRP A 80 -9.41 10.77 -1.00
CA TRP A 80 -9.13 12.00 -1.76
C TRP A 80 -10.40 12.57 -2.31
N TYR A 81 -11.08 11.76 -3.05
CA TYR A 81 -12.25 12.14 -3.75
C TYR A 81 -13.45 11.77 -2.87
N GLY A 1 3.75 9.73 7.15
CA GLY A 1 4.05 9.16 8.45
C GLY A 1 4.67 7.80 8.38
N ILE A 2 4.15 6.96 7.50
CA ILE A 2 4.60 5.58 7.42
C ILE A 2 6.08 5.46 6.95
N LYS A 3 6.53 6.46 6.21
CA LYS A 3 7.85 6.42 5.58
C LYS A 3 9.02 6.45 6.58
N GLN A 4 8.77 6.87 7.80
CA GLN A 4 9.86 7.00 8.75
C GLN A 4 10.00 5.76 9.66
N TYR A 5 9.20 4.74 9.40
CA TYR A 5 9.26 3.55 10.21
C TYR A 5 10.30 2.56 9.73
N SER A 6 10.70 1.72 10.64
CA SER A 6 11.75 0.74 10.45
C SER A 6 11.17 -0.56 9.88
N GLN A 7 12.04 -1.47 9.50
CA GLN A 7 11.68 -2.71 8.84
C GLN A 7 10.70 -3.59 9.67
N GLU A 8 11.06 -3.87 10.92
CA GLU A 8 10.24 -4.73 11.80
C GLU A 8 8.97 -3.99 12.18
N GLU A 9 9.10 -2.71 12.18
CA GLU A 9 8.10 -1.80 12.58
C GLU A 9 7.01 -1.75 11.53
N LEU A 10 7.43 -1.65 10.28
CA LEU A 10 6.54 -1.66 9.13
C LEU A 10 5.91 -3.04 8.96
N LYS A 11 6.62 -4.06 9.42
CA LYS A 11 6.09 -5.40 9.49
C LYS A 11 4.87 -5.41 10.40
N GLU A 12 4.98 -4.72 11.51
CA GLU A 12 3.92 -4.67 12.49
C GLU A 12 2.92 -3.54 12.21
N MET A 13 3.08 -2.87 11.09
CA MET A 13 2.15 -1.84 10.69
C MET A 13 1.22 -2.41 9.66
N ALA A 14 -0.03 -2.00 9.73
CA ALA A 14 -1.03 -2.48 8.81
C ALA A 14 -0.68 -2.04 7.41
N LEU A 15 -0.69 -2.97 6.50
CA LEU A 15 -0.30 -2.71 5.14
C LEU A 15 -1.30 -1.87 4.41
N VAL A 16 -2.56 -1.97 4.79
CA VAL A 16 -3.58 -1.13 4.21
C VAL A 16 -3.34 0.33 4.65
N GLU A 17 -2.79 0.51 5.86
CA GLU A 17 -2.47 1.85 6.35
C GLU A 17 -1.26 2.36 5.64
N ILE A 18 -0.29 1.47 5.42
CA ILE A 18 0.93 1.79 4.66
C ILE A 18 0.51 2.28 3.28
N ALA A 19 -0.43 1.56 2.68
CA ALA A 19 -0.95 1.91 1.39
C ALA A 19 -1.74 3.24 1.43
N HIS A 20 -2.59 3.43 2.47
CA HIS A 20 -3.31 4.71 2.65
C HIS A 20 -2.32 5.88 2.71
N GLU A 21 -1.28 5.69 3.51
CA GLU A 21 -0.19 6.64 3.68
C GLU A 21 0.55 6.89 2.37
N LEU A 22 0.75 5.83 1.62
CA LEU A 22 1.44 5.88 0.34
C LEU A 22 0.72 6.84 -0.63
N PHE A 23 -0.59 6.76 -0.65
CA PHE A 23 -1.39 7.62 -1.50
C PHE A 23 -1.52 9.01 -0.94
N GLU A 24 -1.43 9.11 0.36
CA GLU A 24 -1.43 10.38 1.03
C GLU A 24 -0.15 11.12 0.61
N GLU A 25 0.97 10.43 0.74
CA GLU A 25 2.29 10.98 0.42
C GLU A 25 2.33 11.36 -1.08
N HIS A 26 1.96 10.42 -1.96
CA HIS A 26 1.96 10.66 -3.42
C HIS A 26 0.98 11.73 -3.87
N LYS A 27 -0.16 11.86 -3.15
CA LYS A 27 -1.24 12.83 -3.47
C LYS A 27 -1.89 12.48 -4.84
N LYS A 28 -1.59 11.30 -5.32
CA LYS A 28 -1.90 10.88 -6.67
C LYS A 28 -2.04 9.34 -6.64
N PRO A 29 -2.86 8.73 -7.51
CA PRO A 29 -3.00 7.27 -7.59
C PRO A 29 -1.75 6.58 -8.13
N VAL A 30 -1.64 5.32 -7.82
CA VAL A 30 -0.51 4.50 -8.17
C VAL A 30 -1.04 3.13 -8.59
N PRO A 31 -0.53 2.56 -9.69
CA PRO A 31 -0.88 1.21 -10.13
C PRO A 31 -0.62 0.17 -9.04
N PHE A 32 -1.44 -0.87 -9.01
CA PHE A 32 -1.37 -1.91 -7.99
C PHE A 32 0.03 -2.53 -7.86
N GLN A 33 0.65 -2.83 -8.99
CA GLN A 33 1.97 -3.46 -8.99
C GLN A 33 3.01 -2.44 -8.49
N GLU A 34 2.76 -1.17 -8.76
CA GLU A 34 3.69 -0.13 -8.43
C GLU A 34 3.67 0.17 -6.96
N LEU A 35 2.46 0.23 -6.42
CA LEU A 35 2.28 0.53 -5.01
C LEU A 35 2.90 -0.56 -4.13
N LEU A 36 2.87 -1.79 -4.61
CA LEU A 36 3.45 -2.91 -3.91
C LEU A 36 4.97 -2.78 -3.91
N ASN A 37 5.52 -2.33 -5.02
CA ASN A 37 6.95 -2.06 -5.11
C ASN A 37 7.32 -0.94 -4.17
N GLU A 38 6.48 0.10 -4.15
CA GLU A 38 6.64 1.24 -3.25
C GLU A 38 6.68 0.75 -1.81
N ILE A 39 5.67 -0.05 -1.44
CA ILE A 39 5.56 -0.61 -0.09
C ILE A 39 6.81 -1.41 0.26
N ALA A 40 7.23 -2.30 -0.62
CA ALA A 40 8.41 -3.12 -0.36
C ALA A 40 9.66 -2.27 -0.17
N SER A 41 9.80 -1.20 -0.97
CA SER A 41 10.93 -0.29 -0.86
C SER A 41 10.82 0.63 0.37
N LEU A 42 9.58 0.86 0.80
CA LEU A 42 9.30 1.64 1.99
C LEU A 42 9.82 0.81 3.16
N LEU A 43 9.51 -0.47 3.11
CA LEU A 43 10.01 -1.42 4.05
C LEU A 43 11.46 -1.77 3.73
N GLY A 44 12.09 -2.44 4.61
CA GLY A 44 13.42 -2.92 4.36
C GLY A 44 13.39 -4.41 4.16
N VAL A 45 12.43 -4.85 3.39
CA VAL A 45 12.20 -6.27 3.23
C VAL A 45 12.39 -6.68 1.81
N LYS A 46 12.54 -7.97 1.59
CA LYS A 46 12.61 -8.51 0.27
C LYS A 46 11.25 -8.50 -0.36
N LYS A 47 11.21 -8.62 -1.66
CA LYS A 47 9.96 -8.59 -2.36
C LYS A 47 9.13 -9.82 -2.04
N GLU A 48 9.79 -10.96 -1.85
CA GLU A 48 9.14 -12.24 -1.54
C GLU A 48 8.23 -12.12 -0.31
N GLU A 49 8.76 -11.42 0.69
CA GLU A 49 8.08 -11.20 1.97
C GLU A 49 6.77 -10.49 1.71
N LEU A 50 6.90 -9.41 0.96
CA LEU A 50 5.80 -8.56 0.64
C LEU A 50 4.94 -9.22 -0.44
N GLY A 51 5.45 -10.26 -1.08
CA GLY A 51 4.72 -11.01 -2.09
C GLY A 51 3.57 -11.79 -1.47
N ASP A 52 3.87 -12.49 -0.40
CA ASP A 52 2.82 -13.19 0.34
C ASP A 52 1.90 -12.15 0.92
N ARG A 53 2.50 -11.02 1.29
CA ARG A 53 1.72 -9.89 1.70
C ARG A 53 0.91 -9.26 0.57
N ILE A 54 1.20 -9.57 -0.69
CA ILE A 54 0.41 -9.09 -1.82
C ILE A 54 -0.90 -9.83 -1.81
N ALA A 55 -0.81 -11.13 -1.57
CA ALA A 55 -2.01 -11.96 -1.44
C ALA A 55 -2.84 -11.49 -0.23
N GLN A 56 -2.11 -11.20 0.86
CA GLN A 56 -2.70 -10.68 2.08
C GLN A 56 -3.37 -9.35 1.72
N PHE A 57 -2.65 -8.55 0.98
CA PHE A 57 -3.08 -7.23 0.56
C PHE A 57 -4.33 -7.28 -0.28
N TYR A 58 -4.45 -8.21 -1.23
CA TYR A 58 -5.72 -8.35 -2.00
C TYR A 58 -6.89 -8.52 -1.04
N THR A 59 -6.68 -9.38 -0.08
CA THR A 59 -7.66 -9.71 0.92
C THR A 59 -7.99 -8.47 1.82
N ASP A 60 -6.95 -7.85 2.29
CA ASP A 60 -7.00 -6.75 3.26
C ASP A 60 -7.49 -5.44 2.61
N LEU A 61 -7.15 -5.26 1.37
CA LEU A 61 -7.47 -4.07 0.59
C LEU A 61 -8.93 -4.04 0.17
N ASN A 62 -9.46 -5.19 -0.24
CA ASN A 62 -10.84 -5.23 -0.76
C ASN A 62 -11.89 -5.22 0.34
N ILE A 63 -11.44 -5.21 1.57
CA ILE A 63 -12.36 -5.09 2.70
C ILE A 63 -12.25 -3.69 3.30
N ASP A 64 -11.42 -2.85 2.70
CA ASP A 64 -11.19 -1.50 3.19
C ASP A 64 -12.20 -0.54 2.62
N GLY A 65 -12.78 0.24 3.47
CA GLY A 65 -13.80 1.14 3.05
C GLY A 65 -13.30 2.55 2.90
N ARG A 66 -12.05 2.71 2.55
CA ARG A 66 -11.45 4.03 2.36
C ARG A 66 -10.77 4.11 0.99
N PHE A 67 -10.21 3.01 0.55
CA PHE A 67 -9.57 2.88 -0.75
C PHE A 67 -10.56 2.91 -1.90
N LEU A 68 -10.01 2.98 -3.09
CA LEU A 68 -10.75 2.93 -4.31
C LEU A 68 -9.83 2.51 -5.44
N ALA A 69 -10.31 1.66 -6.30
CA ALA A 69 -9.61 1.32 -7.52
C ALA A 69 -10.18 2.20 -8.62
N LEU A 70 -9.36 3.12 -9.12
CA LEU A 70 -9.82 4.08 -10.11
C LEU A 70 -10.23 3.43 -11.46
N SER A 71 -9.29 3.22 -12.37
CA SER A 71 -9.70 2.74 -13.68
C SER A 71 -9.50 1.23 -13.94
N ASP A 72 -8.27 0.72 -13.94
CA ASP A 72 -8.13 -0.74 -14.21
C ASP A 72 -7.39 -1.46 -13.13
N GLN A 73 -6.69 -0.70 -12.31
CA GLN A 73 -5.79 -1.23 -11.26
C GLN A 73 -5.06 -0.12 -10.54
N THR A 74 -5.34 1.09 -10.91
CA THR A 74 -4.78 2.22 -10.27
C THR A 74 -5.56 2.50 -9.01
N TRP A 75 -4.97 2.26 -7.89
CA TRP A 75 -5.65 2.45 -6.65
C TRP A 75 -5.30 3.79 -6.12
N GLY A 76 -6.10 4.25 -5.23
CA GLY A 76 -5.87 5.49 -4.61
C GLY A 76 -6.87 5.75 -3.53
N LEU A 77 -7.11 6.99 -3.28
CA LEU A 77 -7.98 7.41 -2.23
C LEU A 77 -9.27 7.90 -2.83
N ARG A 78 -10.34 7.59 -2.19
CA ARG A 78 -11.64 7.96 -2.64
C ARG A 78 -11.91 9.45 -2.38
N SER A 79 -11.17 10.01 -1.44
CA SER A 79 -11.28 11.39 -0.98
C SER A 79 -10.82 12.44 -2.05
N TRP A 80 -10.81 12.07 -3.31
CA TRP A 80 -10.35 12.98 -4.34
C TRP A 80 -11.46 13.35 -5.31
N TYR A 81 -12.39 12.45 -5.53
CA TYR A 81 -13.37 12.66 -6.57
C TYR A 81 -14.77 12.51 -5.97
N GLY A 1 2.99 10.59 4.15
CA GLY A 1 3.44 9.77 5.27
C GLY A 1 4.07 8.51 4.78
N ILE A 2 4.36 7.62 5.72
CA ILE A 2 4.95 6.28 5.50
C ILE A 2 6.44 6.29 5.13
N LYS A 3 6.87 7.23 4.30
CA LYS A 3 8.26 7.31 3.81
C LYS A 3 9.20 7.90 4.88
N GLN A 4 8.79 7.79 6.12
CA GLN A 4 9.52 8.31 7.23
C GLN A 4 9.61 7.28 8.34
N TYR A 5 9.19 6.06 8.05
CA TYR A 5 9.23 5.00 9.06
C TYR A 5 10.30 4.00 8.75
N SER A 6 10.74 3.34 9.78
CA SER A 6 11.75 2.34 9.68
C SER A 6 11.12 0.95 9.46
N GLN A 7 11.99 0.00 9.17
CA GLN A 7 11.63 -1.34 8.76
C GLN A 7 10.70 -2.09 9.75
N GLU A 8 11.07 -2.15 11.01
CA GLU A 8 10.29 -2.89 12.02
C GLU A 8 9.00 -2.20 12.30
N GLU A 9 9.07 -0.90 12.30
CA GLU A 9 7.92 -0.01 12.51
C GLU A 9 6.78 -0.39 11.54
N LEU A 10 7.16 -0.50 10.29
CA LEU A 10 6.24 -0.78 9.21
C LEU A 10 5.68 -2.22 9.19
N LYS A 11 6.52 -3.21 9.49
CA LYS A 11 6.09 -4.62 9.36
C LYS A 11 4.94 -4.98 10.29
N GLU A 12 4.90 -4.34 11.44
CA GLU A 12 3.86 -4.63 12.41
C GLU A 12 2.67 -3.68 12.29
N MET A 13 2.64 -2.97 11.20
CA MET A 13 1.51 -2.13 10.86
C MET A 13 0.75 -2.80 9.74
N ALA A 14 -0.54 -2.59 9.71
CA ALA A 14 -1.37 -3.11 8.66
C ALA A 14 -1.00 -2.39 7.37
N LEU A 15 -0.78 -3.13 6.32
CA LEU A 15 -0.30 -2.53 5.10
C LEU A 15 -1.33 -1.68 4.36
N VAL A 16 -2.60 -1.77 4.76
CA VAL A 16 -3.60 -0.89 4.21
C VAL A 16 -3.35 0.55 4.71
N GLU A 17 -2.89 0.64 5.97
CA GLU A 17 -2.53 1.91 6.59
C GLU A 17 -1.27 2.44 5.91
N ILE A 18 -0.35 1.51 5.66
CA ILE A 18 0.88 1.80 4.95
C ILE A 18 0.59 2.35 3.55
N ALA A 19 -0.28 1.65 2.83
CA ALA A 19 -0.68 2.05 1.50
C ALA A 19 -1.37 3.41 1.52
N HIS A 20 -2.26 3.60 2.47
CA HIS A 20 -2.97 4.88 2.64
C HIS A 20 -1.99 6.05 2.74
N GLU A 21 -1.02 5.91 3.62
CA GLU A 21 -0.01 6.93 3.84
C GLU A 21 0.84 7.16 2.61
N LEU A 22 1.10 6.09 1.91
CA LEU A 22 1.86 6.11 0.67
C LEU A 22 1.09 6.90 -0.39
N PHE A 23 -0.20 6.63 -0.46
CA PHE A 23 -1.07 7.30 -1.39
C PHE A 23 -1.25 8.77 -1.09
N GLU A 24 -1.46 9.13 0.16
CA GLU A 24 -1.55 10.54 0.50
C GLU A 24 -0.21 11.26 0.41
N GLU A 25 0.87 10.52 0.47
CA GLU A 25 2.18 11.09 0.25
C GLU A 25 2.31 11.46 -1.24
N HIS A 26 1.75 10.61 -2.10
CA HIS A 26 1.77 10.83 -3.54
C HIS A 26 0.77 11.91 -3.97
N LYS A 27 -0.48 11.81 -3.46
CA LYS A 27 -1.60 12.71 -3.84
C LYS A 27 -1.92 12.52 -5.33
N LYS A 28 -1.60 11.34 -5.80
CA LYS A 28 -1.78 10.89 -7.16
C LYS A 28 -1.95 9.39 -7.11
N PRO A 29 -2.76 8.81 -8.01
CA PRO A 29 -3.02 7.37 -8.01
C PRO A 29 -1.78 6.55 -8.37
N VAL A 30 -1.71 5.36 -7.82
CA VAL A 30 -0.58 4.48 -8.01
C VAL A 30 -1.09 3.08 -8.33
N PRO A 31 -0.55 2.42 -9.37
CA PRO A 31 -0.89 1.03 -9.67
C PRO A 31 -0.35 0.10 -8.58
N PHE A 32 -1.02 -1.04 -8.42
CA PHE A 32 -0.72 -2.02 -7.38
C PHE A 32 0.76 -2.41 -7.36
N GLN A 33 1.30 -2.70 -8.51
CA GLN A 33 2.68 -3.16 -8.62
C GLN A 33 3.68 -2.07 -8.16
N GLU A 34 3.35 -0.80 -8.39
CA GLU A 34 4.27 0.27 -8.06
C GLU A 34 4.22 0.60 -6.58
N LEU A 35 3.02 0.56 -5.99
CA LEU A 35 2.85 0.82 -4.56
C LEU A 35 3.54 -0.29 -3.78
N LEU A 36 3.45 -1.48 -4.34
CA LEU A 36 3.99 -2.69 -3.79
C LEU A 36 5.50 -2.56 -3.64
N ASN A 37 6.14 -2.08 -4.70
CA ASN A 37 7.58 -1.87 -4.71
C ASN A 37 7.99 -0.85 -3.67
N GLU A 38 7.21 0.22 -3.54
CA GLU A 38 7.52 1.25 -2.55
C GLU A 38 7.40 0.71 -1.14
N ILE A 39 6.35 -0.08 -0.89
CA ILE A 39 6.14 -0.71 0.42
C ILE A 39 7.36 -1.54 0.79
N ALA A 40 7.78 -2.40 -0.13
CA ALA A 40 8.95 -3.27 0.08
C ALA A 40 10.23 -2.49 0.27
N SER A 41 10.30 -1.32 -0.31
CA SER A 41 11.47 -0.52 -0.19
C SER A 41 11.59 0.08 1.22
N LEU A 42 10.53 0.75 1.70
CA LEU A 42 10.54 1.32 3.05
C LEU A 42 10.53 0.23 4.09
N LEU A 43 9.62 -0.69 3.92
CA LEU A 43 9.46 -1.82 4.79
C LEU A 43 10.44 -2.85 4.27
N GLY A 44 11.62 -2.88 4.89
CA GLY A 44 12.73 -3.73 4.44
C GLY A 44 12.46 -5.23 4.34
N VAL A 45 11.94 -5.65 3.23
CA VAL A 45 11.65 -7.05 2.93
C VAL A 45 11.93 -7.34 1.48
N LYS A 46 12.03 -8.59 1.15
CA LYS A 46 12.08 -8.96 -0.22
C LYS A 46 10.65 -9.12 -0.70
N LYS A 47 10.42 -9.01 -1.96
CA LYS A 47 9.08 -9.04 -2.47
C LYS A 47 8.42 -10.41 -2.34
N GLU A 48 9.21 -11.48 -2.28
CA GLU A 48 8.67 -12.83 -2.03
C GLU A 48 7.89 -12.91 -0.70
N GLU A 49 8.52 -12.46 0.39
CA GLU A 49 7.89 -12.51 1.72
C GLU A 49 6.69 -11.54 1.76
N LEU A 50 6.90 -10.39 1.14
CA LEU A 50 5.83 -9.43 0.97
C LEU A 50 4.80 -9.99 0.00
N GLY A 51 5.16 -11.08 -0.68
CA GLY A 51 4.34 -11.75 -1.66
C GLY A 51 3.30 -12.60 -1.04
N ASP A 52 3.66 -13.29 0.04
CA ASP A 52 2.68 -14.05 0.82
C ASP A 52 1.68 -13.00 1.34
N ARG A 53 2.30 -11.93 1.80
CA ARG A 53 1.60 -10.78 2.29
C ARG A 53 0.79 -10.04 1.14
N ILE A 54 1.15 -10.31 -0.14
CA ILE A 54 0.46 -9.75 -1.32
C ILE A 54 -0.87 -10.42 -1.47
N ALA A 55 -0.90 -11.73 -1.25
CA ALA A 55 -2.11 -12.48 -1.35
C ALA A 55 -3.10 -11.95 -0.32
N GLN A 56 -2.61 -11.81 0.90
CA GLN A 56 -3.42 -11.25 1.95
C GLN A 56 -3.80 -9.81 1.63
N PHE A 57 -2.89 -9.06 1.04
CA PHE A 57 -3.15 -7.67 0.70
C PHE A 57 -4.21 -7.54 -0.38
N TYR A 58 -4.27 -8.50 -1.31
CA TYR A 58 -5.34 -8.52 -2.30
C TYR A 58 -6.66 -8.54 -1.59
N THR A 59 -6.79 -9.44 -0.63
CA THR A 59 -8.00 -9.54 0.17
C THR A 59 -8.25 -8.25 0.98
N ASP A 60 -7.25 -7.87 1.74
CA ASP A 60 -7.28 -6.71 2.66
C ASP A 60 -7.66 -5.42 1.93
N LEU A 61 -7.01 -5.16 0.84
CA LEU A 61 -7.23 -3.96 0.05
C LEU A 61 -8.60 -3.99 -0.63
N ASN A 62 -9.04 -5.17 -1.00
CA ASN A 62 -10.32 -5.34 -1.68
C ASN A 62 -11.49 -5.20 -0.71
N ILE A 63 -11.31 -5.59 0.54
CA ILE A 63 -12.37 -5.47 1.53
C ILE A 63 -12.37 -4.09 2.20
N ASP A 64 -11.30 -3.36 2.03
CA ASP A 64 -11.19 -2.02 2.58
C ASP A 64 -12.08 -1.03 1.84
N GLY A 65 -12.65 -0.08 2.55
CA GLY A 65 -13.53 0.91 1.96
C GLY A 65 -12.94 2.31 1.99
N ARG A 66 -11.68 2.41 2.32
CA ARG A 66 -10.98 3.67 2.37
C ARG A 66 -10.34 3.89 1.02
N PHE A 67 -9.92 2.79 0.46
CA PHE A 67 -9.41 2.74 -0.87
C PHE A 67 -10.53 2.62 -1.89
N LEU A 68 -10.15 2.70 -3.12
CA LEU A 68 -11.03 2.53 -4.23
C LEU A 68 -10.19 2.28 -5.46
N ALA A 69 -10.49 1.26 -6.21
CA ALA A 69 -9.87 1.16 -7.49
C ALA A 69 -10.57 2.13 -8.34
N LEU A 70 -9.85 3.09 -8.82
CA LEU A 70 -10.36 3.98 -9.79
C LEU A 70 -10.64 3.09 -10.96
N SER A 71 -11.75 3.28 -11.64
CA SER A 71 -12.28 2.42 -12.72
C SER A 71 -11.29 2.16 -13.89
N ASP A 72 -10.06 2.52 -13.71
CA ASP A 72 -9.08 2.43 -14.70
C ASP A 72 -7.91 1.54 -14.23
N GLN A 73 -8.21 0.64 -13.28
CA GLN A 73 -7.30 -0.45 -12.82
C GLN A 73 -6.17 0.12 -12.00
N THR A 74 -6.43 1.23 -11.44
CA THR A 74 -5.47 1.92 -10.63
C THR A 74 -6.05 2.09 -9.23
N TRP A 75 -5.25 2.00 -8.21
CA TRP A 75 -5.76 2.15 -6.89
C TRP A 75 -5.58 3.57 -6.44
N GLY A 76 -6.46 4.01 -5.60
CA GLY A 76 -6.38 5.31 -5.06
C GLY A 76 -7.24 5.42 -3.85
N LEU A 77 -7.25 6.56 -3.25
CA LEU A 77 -8.01 6.75 -2.07
C LEU A 77 -9.35 7.34 -2.39
N ARG A 78 -10.32 6.84 -1.71
CA ARG A 78 -11.69 7.24 -1.90
C ARG A 78 -11.92 8.61 -1.29
N SER A 79 -11.07 8.94 -0.33
CA SER A 79 -11.12 10.18 0.38
C SER A 79 -10.41 11.31 -0.41
N TRP A 80 -9.88 10.96 -1.59
CA TRP A 80 -9.23 11.93 -2.43
C TRP A 80 -10.23 12.72 -3.21
N TYR A 81 -10.96 12.03 -4.03
CA TYR A 81 -11.84 12.65 -4.96
C TYR A 81 -13.16 12.92 -4.27
N GLY A 1 2.83 10.23 4.31
CA GLY A 1 4.21 10.28 4.82
C GLY A 1 4.61 8.94 5.31
N ILE A 2 5.17 8.17 4.45
CA ILE A 2 5.52 6.82 4.78
C ILE A 2 7.04 6.64 4.72
N LYS A 3 7.70 7.44 3.88
CA LYS A 3 9.17 7.33 3.68
C LYS A 3 9.97 7.94 4.82
N GLN A 4 9.43 7.86 5.98
CA GLN A 4 10.06 8.35 7.19
C GLN A 4 9.93 7.30 8.29
N TYR A 5 9.23 6.23 7.98
CA TYR A 5 9.05 5.16 8.95
C TYR A 5 10.09 4.08 8.73
N SER A 6 10.57 3.50 9.80
CA SER A 6 11.54 2.44 9.71
C SER A 6 10.86 1.08 9.55
N GLN A 7 11.65 0.06 9.38
CA GLN A 7 11.21 -1.29 9.11
C GLN A 7 10.22 -1.85 10.16
N GLU A 8 10.58 -1.79 11.45
CA GLU A 8 9.72 -2.32 12.51
C GLU A 8 8.43 -1.52 12.62
N GLU A 9 8.51 -0.27 12.26
CA GLU A 9 7.41 0.65 12.29
C GLU A 9 6.36 0.21 11.30
N LEU A 10 6.80 -0.01 10.09
CA LEU A 10 5.97 -0.42 8.98
C LEU A 10 5.42 -1.82 9.23
N LYS A 11 6.15 -2.59 9.99
CA LYS A 11 5.71 -3.92 10.38
C LYS A 11 4.55 -3.88 11.37
N GLU A 12 4.38 -2.76 12.07
CA GLU A 12 3.27 -2.59 13.00
C GLU A 12 2.09 -1.91 12.28
N MET A 13 2.25 -1.71 11.01
CA MET A 13 1.23 -1.09 10.20
C MET A 13 0.48 -2.18 9.45
N ALA A 14 -0.81 -1.97 9.25
CA ALA A 14 -1.60 -2.89 8.47
C ALA A 14 -1.25 -2.70 7.00
N LEU A 15 -1.35 -3.75 6.20
CA LEU A 15 -0.93 -3.71 4.78
C LEU A 15 -1.60 -2.59 4.00
N VAL A 16 -2.90 -2.59 4.07
CA VAL A 16 -3.71 -1.59 3.41
C VAL A 16 -3.47 -0.19 4.01
N GLU A 17 -3.04 -0.15 5.25
CA GLU A 17 -2.77 1.08 5.95
C GLU A 17 -1.43 1.66 5.50
N ILE A 18 -0.49 0.77 5.23
CA ILE A 18 0.81 1.15 4.68
C ILE A 18 0.58 1.80 3.34
N ALA A 19 -0.21 1.14 2.51
CA ALA A 19 -0.57 1.63 1.19
C ALA A 19 -1.34 2.95 1.30
N HIS A 20 -2.20 3.04 2.30
CA HIS A 20 -2.98 4.24 2.58
C HIS A 20 -2.05 5.45 2.78
N GLU A 21 -1.04 5.25 3.62
CA GLU A 21 -0.07 6.30 3.95
C GLU A 21 0.74 6.66 2.71
N LEU A 22 1.03 5.65 1.93
CA LEU A 22 1.77 5.77 0.68
C LEU A 22 0.98 6.63 -0.31
N PHE A 23 -0.31 6.38 -0.40
CA PHE A 23 -1.16 7.17 -1.24
C PHE A 23 -1.35 8.56 -0.75
N GLU A 24 -1.39 8.76 0.53
CA GLU A 24 -1.46 10.12 1.06
C GLU A 24 -0.16 10.89 0.85
N GLU A 25 0.90 10.17 0.63
CA GLU A 25 2.17 10.78 0.38
C GLU A 25 2.27 11.21 -1.10
N HIS A 26 1.69 10.43 -1.98
CA HIS A 26 1.71 10.74 -3.42
C HIS A 26 0.57 11.67 -3.82
N LYS A 27 -0.61 11.34 -3.33
CA LYS A 27 -1.87 12.02 -3.62
C LYS A 27 -2.19 11.98 -5.10
N LYS A 28 -1.71 10.95 -5.73
CA LYS A 28 -1.96 10.64 -7.10
C LYS A 28 -2.14 9.15 -7.15
N PRO A 29 -2.91 8.62 -8.11
CA PRO A 29 -3.11 7.18 -8.24
C PRO A 29 -1.83 6.48 -8.66
N VAL A 30 -1.58 5.32 -8.10
CA VAL A 30 -0.37 4.58 -8.36
C VAL A 30 -0.74 3.15 -8.71
N PRO A 31 -0.17 2.59 -9.80
CA PRO A 31 -0.44 1.20 -10.19
C PRO A 31 -0.04 0.23 -9.10
N PHE A 32 -0.80 -0.86 -9.00
CA PHE A 32 -0.66 -1.87 -7.96
C PHE A 32 0.79 -2.35 -7.80
N GLN A 33 1.47 -2.59 -8.90
CA GLN A 33 2.84 -3.07 -8.85
C GLN A 33 3.82 -2.05 -8.27
N GLU A 34 3.60 -0.78 -8.59
CA GLU A 34 4.54 0.26 -8.23
C GLU A 34 4.42 0.66 -6.79
N LEU A 35 3.22 0.57 -6.27
CA LEU A 35 3.00 0.87 -4.88
C LEU A 35 3.68 -0.23 -4.04
N LEU A 36 3.65 -1.47 -4.55
CA LEU A 36 4.29 -2.59 -3.89
C LEU A 36 5.79 -2.45 -3.92
N ASN A 37 6.30 -1.90 -5.02
CA ASN A 37 7.73 -1.59 -5.17
C ASN A 37 8.18 -0.69 -4.02
N GLU A 38 7.41 0.36 -3.78
CA GLU A 38 7.71 1.29 -2.70
C GLU A 38 7.56 0.64 -1.33
N ILE A 39 6.45 -0.08 -1.16
CA ILE A 39 6.16 -0.79 0.10
C ILE A 39 7.31 -1.73 0.46
N ALA A 40 7.71 -2.55 -0.48
CA ALA A 40 8.77 -3.52 -0.27
C ALA A 40 10.13 -2.87 0.00
N SER A 41 10.35 -1.70 -0.54
CA SER A 41 11.57 -0.97 -0.27
C SER A 41 11.58 -0.39 1.15
N LEU A 42 10.49 0.24 1.53
CA LEU A 42 10.33 0.84 2.84
C LEU A 42 10.31 -0.23 3.91
N LEU A 43 9.51 -1.24 3.70
CA LEU A 43 9.48 -2.36 4.59
C LEU A 43 10.72 -3.15 4.31
N GLY A 44 11.60 -3.22 5.25
CA GLY A 44 12.80 -4.07 5.12
C GLY A 44 12.48 -5.58 5.00
N VAL A 45 11.81 -5.94 3.94
CA VAL A 45 11.41 -7.29 3.64
C VAL A 45 11.86 -7.62 2.24
N LYS A 46 11.79 -8.86 1.85
CA LYS A 46 12.12 -9.21 0.50
C LYS A 46 10.83 -9.20 -0.32
N LYS A 47 10.93 -8.95 -1.61
CA LYS A 47 9.75 -8.86 -2.46
C LYS A 47 8.97 -10.19 -2.53
N GLU A 48 9.67 -11.30 -2.44
CA GLU A 48 9.06 -12.63 -2.53
C GLU A 48 8.06 -12.88 -1.40
N GLU A 49 8.51 -12.63 -0.18
CA GLU A 49 7.69 -12.80 0.99
C GLU A 49 6.58 -11.76 0.96
N LEU A 50 6.91 -10.60 0.38
CA LEU A 50 5.96 -9.53 0.23
C LEU A 50 4.90 -9.96 -0.77
N GLY A 51 5.28 -10.87 -1.68
CA GLY A 51 4.37 -11.46 -2.64
C GLY A 51 3.30 -12.28 -1.96
N ASP A 52 3.69 -13.03 -0.95
CA ASP A 52 2.72 -13.79 -0.14
C ASP A 52 1.76 -12.79 0.49
N ARG A 53 2.34 -11.73 1.01
CA ARG A 53 1.55 -10.66 1.60
C ARG A 53 0.76 -9.89 0.54
N ILE A 54 1.10 -10.04 -0.74
CA ILE A 54 0.33 -9.42 -1.83
C ILE A 54 -1.01 -10.11 -1.94
N ALA A 55 -0.98 -11.42 -1.72
CA ALA A 55 -2.22 -12.19 -1.69
C ALA A 55 -3.10 -11.70 -0.53
N GLN A 56 -2.50 -11.64 0.65
CA GLN A 56 -3.19 -11.13 1.84
C GLN A 56 -3.65 -9.69 1.56
N PHE A 57 -2.81 -8.93 0.89
CA PHE A 57 -3.02 -7.54 0.52
C PHE A 57 -4.22 -7.39 -0.39
N TYR A 58 -4.43 -8.34 -1.30
CA TYR A 58 -5.63 -8.33 -2.14
C TYR A 58 -6.86 -8.36 -1.28
N THR A 59 -6.87 -9.27 -0.33
CA THR A 59 -7.99 -9.38 0.58
C THR A 59 -8.11 -8.10 1.45
N ASP A 60 -6.99 -7.71 2.05
CA ASP A 60 -6.88 -6.59 2.99
C ASP A 60 -7.28 -5.26 2.32
N LEU A 61 -6.96 -5.14 1.05
CA LEU A 61 -7.25 -3.96 0.25
C LEU A 61 -8.77 -3.90 0.00
N ASN A 62 -9.28 -4.96 -0.62
CA ASN A 62 -10.66 -5.00 -1.09
C ASN A 62 -11.71 -4.95 0.03
N ILE A 63 -11.32 -5.24 1.25
CA ILE A 63 -12.27 -5.17 2.36
C ILE A 63 -12.26 -3.81 3.04
N ASP A 64 -11.40 -2.92 2.57
CA ASP A 64 -11.26 -1.59 3.18
C ASP A 64 -12.16 -0.60 2.43
N GLY A 65 -12.61 0.44 3.11
CA GLY A 65 -13.52 1.39 2.51
C GLY A 65 -12.89 2.73 2.23
N ARG A 66 -11.62 2.86 2.57
CA ARG A 66 -10.87 4.09 2.36
C ARG A 66 -10.20 4.02 1.00
N PHE A 67 -10.04 2.81 0.53
CA PHE A 67 -9.42 2.54 -0.74
C PHE A 67 -10.46 2.40 -1.82
N LEU A 68 -10.06 2.69 -3.04
CA LEU A 68 -10.91 2.54 -4.17
C LEU A 68 -10.10 2.17 -5.38
N ALA A 69 -10.67 1.33 -6.23
CA ALA A 69 -10.09 1.07 -7.51
C ALA A 69 -10.52 2.21 -8.38
N LEU A 70 -9.61 3.02 -8.75
CA LEU A 70 -9.87 4.14 -9.63
C LEU A 70 -10.15 3.63 -11.04
N SER A 71 -10.30 4.54 -11.98
CA SER A 71 -10.69 4.26 -13.38
C SER A 71 -10.05 3.01 -14.02
N ASP A 72 -8.81 2.73 -13.70
CA ASP A 72 -8.06 1.67 -14.37
C ASP A 72 -7.71 0.55 -13.43
N GLN A 73 -8.40 0.47 -12.28
CA GLN A 73 -8.14 -0.57 -11.24
C GLN A 73 -6.85 -0.28 -10.55
N THR A 74 -6.36 0.87 -10.87
CA THR A 74 -5.27 1.48 -10.25
C THR A 74 -5.77 1.93 -8.90
N TRP A 75 -5.02 1.77 -7.87
CA TRP A 75 -5.53 2.03 -6.59
C TRP A 75 -5.21 3.41 -6.15
N GLY A 76 -6.01 3.87 -5.25
CA GLY A 76 -5.85 5.13 -4.68
C GLY A 76 -6.82 5.27 -3.58
N LEU A 77 -6.96 6.44 -3.09
CA LEU A 77 -7.81 6.65 -1.98
C LEU A 77 -9.09 7.29 -2.40
N ARG A 78 -10.13 6.77 -1.83
CA ARG A 78 -11.47 7.20 -2.10
C ARG A 78 -11.71 8.61 -1.54
N SER A 79 -11.01 8.91 -0.47
CA SER A 79 -11.19 10.13 0.29
C SER A 79 -10.76 11.42 -0.44
N TRP A 80 -10.14 11.29 -1.59
CA TRP A 80 -9.70 12.47 -2.32
C TRP A 80 -10.84 13.05 -3.15
N TYR A 81 -11.86 12.25 -3.39
CA TYR A 81 -12.93 12.66 -4.28
C TYR A 81 -14.29 12.38 -3.60
N GLY A 1 4.38 11.15 9.21
CA GLY A 1 5.69 10.66 8.76
C GLY A 1 5.72 9.16 8.68
N ILE A 2 5.29 8.64 7.57
CA ILE A 2 5.20 7.21 7.37
C ILE A 2 6.52 6.64 6.84
N LYS A 3 7.17 7.35 5.95
CA LYS A 3 8.36 6.83 5.29
C LYS A 3 9.64 7.05 6.07
N GLN A 4 9.50 7.21 7.37
CA GLN A 4 10.63 7.31 8.26
C GLN A 4 10.64 6.08 9.17
N TYR A 5 9.69 5.19 8.92
CA TYR A 5 9.57 3.98 9.70
C TYR A 5 10.42 2.90 9.09
N SER A 6 11.12 2.17 9.92
CA SER A 6 11.93 1.08 9.46
C SER A 6 11.07 -0.18 9.28
N GLN A 7 11.72 -1.24 8.89
CA GLN A 7 11.08 -2.45 8.49
C GLN A 7 10.23 -3.11 9.58
N GLU A 8 10.80 -3.31 10.76
CA GLU A 8 10.14 -4.06 11.82
C GLU A 8 8.96 -3.26 12.36
N GLU A 9 9.08 -1.96 12.23
CA GLU A 9 8.03 -1.04 12.53
C GLU A 9 6.86 -1.32 11.57
N LEU A 10 7.17 -1.35 10.30
CA LEU A 10 6.19 -1.58 9.25
C LEU A 10 5.63 -3.01 9.31
N LYS A 11 6.42 -3.94 9.86
CA LYS A 11 6.01 -5.32 10.11
C LYS A 11 4.69 -5.39 10.90
N GLU A 12 4.55 -4.54 11.92
CA GLU A 12 3.36 -4.59 12.76
C GLU A 12 2.32 -3.54 12.37
N MET A 13 2.69 -2.67 11.45
CA MET A 13 1.77 -1.66 10.96
C MET A 13 0.76 -2.29 10.02
N ALA A 14 -0.47 -1.80 10.06
CA ALA A 14 -1.52 -2.29 9.18
C ALA A 14 -1.13 -2.02 7.74
N LEU A 15 -1.20 -3.02 6.91
CA LEU A 15 -0.75 -2.92 5.53
C LEU A 15 -1.55 -1.93 4.71
N VAL A 16 -2.87 -1.86 4.95
CA VAL A 16 -3.69 -0.91 4.21
C VAL A 16 -3.43 0.52 4.70
N GLU A 17 -2.96 0.64 5.94
CA GLU A 17 -2.68 1.93 6.51
C GLU A 17 -1.41 2.48 5.90
N ILE A 18 -0.39 1.61 5.81
CA ILE A 18 0.89 1.98 5.19
C ILE A 18 0.63 2.47 3.76
N ALA A 19 -0.21 1.72 3.07
CA ALA A 19 -0.61 2.06 1.73
C ALA A 19 -1.36 3.38 1.72
N HIS A 20 -2.32 3.54 2.62
CA HIS A 20 -3.10 4.78 2.74
C HIS A 20 -2.20 6.00 2.87
N GLU A 21 -1.23 5.90 3.73
CA GLU A 21 -0.27 6.97 3.95
C GLU A 21 0.50 7.27 2.66
N LEU A 22 0.98 6.20 2.01
CA LEU A 22 1.73 6.27 0.74
C LEU A 22 0.93 7.02 -0.34
N PHE A 23 -0.32 6.66 -0.45
CA PHE A 23 -1.18 7.24 -1.45
C PHE A 23 -1.61 8.62 -1.08
N GLU A 24 -1.80 8.84 0.19
CA GLU A 24 -2.24 10.12 0.68
C GLU A 24 -1.10 11.14 0.60
N GLU A 25 0.13 10.66 0.65
CA GLU A 25 1.25 11.56 0.59
C GLU A 25 1.66 11.86 -0.86
N HIS A 26 1.26 10.99 -1.79
CA HIS A 26 1.47 11.30 -3.22
C HIS A 26 0.29 12.10 -3.76
N LYS A 27 -0.90 11.75 -3.27
CA LYS A 27 -2.19 12.40 -3.65
C LYS A 27 -2.60 12.08 -5.09
N LYS A 28 -1.93 11.09 -5.65
CA LYS A 28 -2.21 10.58 -6.96
C LYS A 28 -2.36 9.09 -6.82
N PRO A 29 -3.14 8.47 -7.68
CA PRO A 29 -3.30 7.03 -7.67
C PRO A 29 -2.03 6.34 -8.09
N VAL A 30 -1.75 5.24 -7.50
CA VAL A 30 -0.58 4.50 -7.82
C VAL A 30 -1.01 3.10 -8.23
N PRO A 31 -0.50 2.59 -9.36
CA PRO A 31 -0.76 1.23 -9.81
C PRO A 31 -0.31 0.21 -8.76
N PHE A 32 -0.94 -0.95 -8.76
CA PHE A 32 -0.68 -1.98 -7.75
C PHE A 32 0.78 -2.42 -7.80
N GLN A 33 1.31 -2.47 -8.99
CA GLN A 33 2.69 -2.83 -9.17
C GLN A 33 3.67 -1.75 -8.72
N GLU A 34 3.26 -0.48 -8.78
CA GLU A 34 4.15 0.56 -8.37
C GLU A 34 4.16 0.66 -6.88
N LEU A 35 2.97 0.50 -6.28
CA LEU A 35 2.84 0.54 -4.83
C LEU A 35 3.63 -0.60 -4.23
N LEU A 36 3.66 -1.70 -4.96
CA LEU A 36 4.38 -2.88 -4.54
C LEU A 36 5.87 -2.58 -4.48
N ASN A 37 6.39 -1.91 -5.49
CA ASN A 37 7.79 -1.51 -5.49
C ASN A 37 8.07 -0.47 -4.41
N GLU A 38 7.12 0.47 -4.21
CA GLU A 38 7.23 1.49 -3.16
C GLU A 38 7.35 0.84 -1.78
N ILE A 39 6.37 0.02 -1.46
CA ILE A 39 6.27 -0.62 -0.17
C ILE A 39 7.43 -1.60 0.06
N ALA A 40 7.79 -2.37 -0.95
CA ALA A 40 8.86 -3.34 -0.79
C ALA A 40 10.22 -2.70 -0.62
N SER A 41 10.43 -1.54 -1.20
CA SER A 41 11.67 -0.81 -0.97
C SER A 41 11.63 -0.17 0.42
N LEU A 42 10.46 0.33 0.79
CA LEU A 42 10.23 0.98 2.08
C LEU A 42 10.51 0.00 3.22
N LEU A 43 9.92 -1.17 3.11
CA LEU A 43 10.20 -2.23 4.05
C LEU A 43 11.52 -2.81 3.67
N GLY A 44 12.45 -2.79 4.56
CA GLY A 44 13.75 -3.42 4.30
C GLY A 44 13.66 -4.96 4.19
N VAL A 45 12.97 -5.44 3.19
CA VAL A 45 12.78 -6.87 2.96
C VAL A 45 12.98 -7.20 1.51
N LYS A 46 12.87 -8.47 1.19
CA LYS A 46 12.80 -8.88 -0.16
C LYS A 46 11.32 -8.89 -0.51
N LYS A 47 10.96 -8.47 -1.70
CA LYS A 47 9.57 -8.31 -2.09
C LYS A 47 8.76 -9.59 -1.93
N GLU A 48 9.39 -10.74 -2.01
CA GLU A 48 8.74 -12.05 -1.88
C GLU A 48 7.94 -12.17 -0.55
N GLU A 49 8.50 -11.59 0.54
CA GLU A 49 7.83 -11.58 1.87
C GLU A 49 6.50 -10.87 1.71
N LEU A 50 6.62 -9.72 1.09
CA LEU A 50 5.54 -8.84 0.89
C LEU A 50 4.65 -9.36 -0.24
N GLY A 51 5.13 -10.32 -1.02
CA GLY A 51 4.34 -10.91 -2.10
C GLY A 51 3.23 -11.77 -1.53
N ASP A 52 3.58 -12.52 -0.52
CA ASP A 52 2.59 -13.34 0.22
C ASP A 52 1.62 -12.41 0.89
N ARG A 53 2.20 -11.38 1.47
CA ARG A 53 1.46 -10.33 2.12
C ARG A 53 0.61 -9.54 1.09
N ILE A 54 0.95 -9.64 -0.19
CA ILE A 54 0.20 -8.99 -1.26
C ILE A 54 -1.06 -9.76 -1.55
N ALA A 55 -1.01 -11.08 -1.41
CA ALA A 55 -2.21 -11.90 -1.54
C ALA A 55 -3.20 -11.48 -0.47
N GLN A 56 -2.67 -11.35 0.75
CA GLN A 56 -3.48 -10.89 1.87
C GLN A 56 -3.88 -9.44 1.62
N PHE A 57 -3.02 -8.70 0.95
CA PHE A 57 -3.26 -7.31 0.64
C PHE A 57 -4.43 -7.17 -0.29
N TYR A 58 -4.58 -8.05 -1.29
CA TYR A 58 -5.78 -8.04 -2.14
C TYR A 58 -7.02 -8.16 -1.29
N THR A 59 -7.00 -9.15 -0.40
CA THR A 59 -8.11 -9.40 0.51
C THR A 59 -8.40 -8.16 1.41
N ASP A 60 -7.37 -7.70 2.09
CA ASP A 60 -7.42 -6.60 3.06
C ASP A 60 -7.86 -5.29 2.39
N LEU A 61 -7.28 -5.04 1.24
CA LEU A 61 -7.49 -3.81 0.49
C LEU A 61 -8.88 -3.79 -0.14
N ASN A 62 -9.36 -4.95 -0.61
CA ASN A 62 -10.65 -5.02 -1.31
C ASN A 62 -11.80 -4.75 -0.34
N ILE A 63 -11.62 -5.04 0.94
CA ILE A 63 -12.67 -4.83 1.92
C ILE A 63 -12.57 -3.48 2.63
N ASP A 64 -11.63 -2.67 2.21
CA ASP A 64 -11.43 -1.33 2.78
C ASP A 64 -12.29 -0.29 2.03
N GLY A 65 -12.72 0.76 2.71
CA GLY A 65 -13.60 1.75 2.09
C GLY A 65 -12.94 3.12 1.87
N ARG A 66 -11.70 3.25 2.30
CA ARG A 66 -10.98 4.51 2.12
C ARG A 66 -10.15 4.42 0.86
N PHE A 67 -9.77 3.21 0.53
CA PHE A 67 -9.09 2.92 -0.68
C PHE A 67 -10.07 2.69 -1.79
N LEU A 68 -9.70 3.11 -2.94
CA LEU A 68 -10.52 2.99 -4.09
C LEU A 68 -9.67 2.59 -5.25
N ALA A 69 -10.03 1.51 -5.92
CA ALA A 69 -9.38 1.20 -7.15
C ALA A 69 -10.06 1.98 -8.17
N LEU A 70 -9.33 2.73 -8.88
CA LEU A 70 -9.88 3.46 -9.95
C LEU A 70 -10.15 2.44 -11.07
N SER A 71 -10.70 2.88 -12.16
CA SER A 71 -11.14 1.96 -13.20
C SER A 71 -10.00 1.13 -13.83
N ASP A 72 -8.76 1.56 -13.64
CA ASP A 72 -7.62 0.85 -14.21
C ASP A 72 -6.92 0.00 -13.18
N GLN A 73 -7.61 -0.27 -12.08
CA GLN A 73 -7.09 -1.10 -10.95
C GLN A 73 -6.03 -0.35 -10.18
N THR A 74 -5.74 0.82 -10.66
CA THR A 74 -4.87 1.73 -10.04
C THR A 74 -5.51 2.12 -8.71
N TRP A 75 -4.81 1.98 -7.64
CA TRP A 75 -5.41 2.22 -6.38
C TRP A 75 -5.14 3.62 -5.95
N GLY A 76 -6.06 4.12 -5.22
CA GLY A 76 -5.93 5.40 -4.67
C GLY A 76 -6.88 5.56 -3.56
N LEU A 77 -7.24 6.76 -3.28
CA LEU A 77 -8.12 7.02 -2.20
C LEU A 77 -9.43 7.46 -2.72
N ARG A 78 -10.45 7.03 -2.07
CA ARG A 78 -11.81 7.37 -2.47
C ARG A 78 -12.09 8.83 -2.18
N SER A 79 -11.48 9.35 -1.15
CA SER A 79 -11.74 10.70 -0.68
C SER A 79 -11.30 11.80 -1.69
N TRP A 80 -10.73 11.40 -2.81
CA TRP A 80 -10.32 12.36 -3.82
C TRP A 80 -11.45 12.66 -4.77
N TYR A 81 -12.37 11.73 -4.91
CA TYR A 81 -13.41 11.80 -5.93
C TYR A 81 -14.74 11.32 -5.33
N GLY A 1 2.62 11.23 7.29
CA GLY A 1 4.02 10.91 7.01
C GLY A 1 4.26 9.44 7.13
N ILE A 2 4.53 8.82 6.01
CA ILE A 2 4.67 7.37 5.95
C ILE A 2 6.11 6.90 5.83
N LYS A 3 6.85 7.49 4.95
CA LYS A 3 8.17 7.00 4.62
C LYS A 3 9.19 7.22 5.74
N GLN A 4 8.77 7.93 6.76
CA GLN A 4 9.56 8.17 7.95
C GLN A 4 9.38 7.05 8.99
N TYR A 5 8.44 6.16 8.75
CA TYR A 5 8.29 5.02 9.61
C TYR A 5 9.38 4.05 9.26
N SER A 6 10.04 3.51 10.24
CA SER A 6 11.10 2.60 9.99
C SER A 6 10.54 1.22 9.60
N GLN A 7 11.39 0.44 8.99
CA GLN A 7 11.02 -0.80 8.36
C GLN A 7 10.46 -1.87 9.32
N GLU A 8 10.86 -1.84 10.58
CA GLU A 8 10.37 -2.80 11.56
C GLU A 8 8.92 -2.53 11.88
N GLU A 9 8.61 -1.26 11.97
CA GLU A 9 7.29 -0.78 12.22
C GLU A 9 6.40 -1.22 11.07
N LEU A 10 6.85 -0.88 9.91
CA LEU A 10 6.15 -1.13 8.69
C LEU A 10 5.81 -2.61 8.45
N LYS A 11 6.71 -3.51 8.81
CA LYS A 11 6.43 -4.94 8.57
C LYS A 11 5.35 -5.50 9.52
N GLU A 12 5.09 -4.83 10.62
CA GLU A 12 4.11 -5.33 11.58
C GLU A 12 2.83 -4.49 11.61
N MET A 13 2.84 -3.34 10.95
CA MET A 13 1.64 -2.53 10.88
C MET A 13 0.74 -3.04 9.79
N ALA A 14 -0.44 -2.46 9.67
CA ALA A 14 -1.33 -2.86 8.62
C ALA A 14 -0.78 -2.31 7.32
N LEU A 15 -0.63 -3.16 6.33
CA LEU A 15 -0.06 -2.75 5.07
C LEU A 15 -0.98 -1.87 4.28
N VAL A 16 -2.28 -2.03 4.49
CA VAL A 16 -3.23 -1.18 3.81
C VAL A 16 -3.21 0.24 4.41
N GLU A 17 -2.80 0.33 5.68
CA GLU A 17 -2.71 1.61 6.35
C GLU A 17 -1.50 2.34 5.78
N ILE A 18 -0.44 1.57 5.58
CA ILE A 18 0.77 2.05 4.91
C ILE A 18 0.37 2.54 3.52
N ALA A 19 -0.39 1.73 2.81
CA ALA A 19 -0.86 2.06 1.48
C ALA A 19 -1.72 3.35 1.48
N HIS A 20 -2.50 3.59 2.55
CA HIS A 20 -3.31 4.83 2.62
C HIS A 20 -2.41 6.03 2.56
N GLU A 21 -1.43 6.07 3.45
CA GLU A 21 -0.46 7.16 3.51
C GLU A 21 0.33 7.28 2.23
N LEU A 22 0.63 6.16 1.64
CA LEU A 22 1.40 6.11 0.41
C LEU A 22 0.67 6.89 -0.69
N PHE A 23 -0.60 6.64 -0.81
CA PHE A 23 -1.40 7.33 -1.77
C PHE A 23 -1.67 8.74 -1.37
N GLU A 24 -1.89 8.99 -0.10
CA GLU A 24 -2.13 10.34 0.38
C GLU A 24 -0.87 11.23 0.26
N GLU A 25 0.29 10.60 0.27
CA GLU A 25 1.55 11.27 0.06
C GLU A 25 1.56 11.79 -1.36
N HIS A 26 1.30 10.89 -2.28
CA HIS A 26 1.45 11.19 -3.70
C HIS A 26 0.29 12.03 -4.24
N LYS A 27 -0.95 11.67 -3.84
CA LYS A 27 -2.19 12.27 -4.34
C LYS A 27 -2.29 12.09 -5.85
N LYS A 28 -1.86 10.93 -6.28
CA LYS A 28 -1.83 10.54 -7.66
C LYS A 28 -2.22 9.08 -7.72
N PRO A 29 -2.88 8.63 -8.79
CA PRO A 29 -3.29 7.25 -8.91
C PRO A 29 -2.10 6.36 -9.30
N VAL A 30 -1.84 5.36 -8.49
CA VAL A 30 -0.70 4.48 -8.68
C VAL A 30 -1.17 3.05 -8.93
N PRO A 31 -0.61 2.38 -9.96
CA PRO A 31 -0.90 0.98 -10.25
C PRO A 31 -0.52 0.07 -9.09
N PHE A 32 -1.19 -1.05 -9.01
CA PHE A 32 -1.06 -2.01 -7.92
C PHE A 32 0.39 -2.37 -7.58
N GLN A 33 1.13 -2.81 -8.54
CA GLN A 33 2.45 -3.38 -8.29
C GLN A 33 3.47 -2.33 -7.86
N GLU A 34 3.28 -1.08 -8.28
CA GLU A 34 4.23 -0.04 -7.94
C GLU A 34 4.09 0.35 -6.49
N LEU A 35 2.85 0.35 -5.99
CA LEU A 35 2.61 0.71 -4.61
C LEU A 35 3.24 -0.36 -3.71
N LEU A 36 3.16 -1.62 -4.16
CA LEU A 36 3.75 -2.73 -3.43
C LEU A 36 5.26 -2.65 -3.43
N ASN A 37 5.83 -2.10 -4.47
CA ASN A 37 7.27 -1.96 -4.54
C ASN A 37 7.78 -0.85 -3.68
N GLU A 38 6.99 0.22 -3.55
CA GLU A 38 7.34 1.26 -2.61
C GLU A 38 7.28 0.70 -1.20
N ILE A 39 6.21 -0.04 -0.92
CA ILE A 39 6.02 -0.69 0.36
C ILE A 39 7.20 -1.62 0.65
N ALA A 40 7.50 -2.52 -0.27
CA ALA A 40 8.55 -3.52 -0.08
C ALA A 40 9.90 -2.92 0.30
N SER A 41 10.35 -1.92 -0.45
CA SER A 41 11.63 -1.30 -0.14
C SER A 41 11.56 -0.39 1.07
N LEU A 42 10.39 0.14 1.35
CA LEU A 42 10.22 0.96 2.53
C LEU A 42 10.32 0.07 3.76
N LEU A 43 9.84 -1.15 3.59
CA LEU A 43 9.92 -2.17 4.59
C LEU A 43 11.25 -2.88 4.54
N GLY A 44 11.50 -3.59 5.57
CA GLY A 44 12.67 -4.44 5.65
C GLY A 44 12.29 -5.84 5.32
N VAL A 45 11.90 -6.03 4.09
CA VAL A 45 11.42 -7.31 3.60
C VAL A 45 11.94 -7.51 2.19
N LYS A 46 12.03 -8.72 1.77
CA LYS A 46 12.36 -8.99 0.40
C LYS A 46 11.04 -9.09 -0.37
N LYS A 47 11.04 -8.72 -1.63
CA LYS A 47 9.82 -8.73 -2.45
C LYS A 47 9.10 -10.10 -2.43
N GLU A 48 9.86 -11.18 -2.34
CA GLU A 48 9.28 -12.55 -2.25
C GLU A 48 8.28 -12.67 -1.07
N GLU A 49 8.73 -12.30 0.11
CA GLU A 49 7.92 -12.43 1.31
C GLU A 49 6.84 -11.36 1.31
N LEU A 50 7.14 -10.26 0.64
CA LEU A 50 6.21 -9.18 0.49
C LEU A 50 5.13 -9.63 -0.50
N GLY A 51 5.51 -10.53 -1.39
CA GLY A 51 4.59 -11.12 -2.36
C GLY A 51 3.55 -11.95 -1.67
N ASP A 52 3.96 -12.66 -0.65
CA ASP A 52 3.04 -13.41 0.20
C ASP A 52 2.04 -12.43 0.84
N ARG A 53 2.58 -11.31 1.34
CA ARG A 53 1.75 -10.24 1.87
C ARG A 53 0.88 -9.61 0.80
N ILE A 54 1.28 -9.71 -0.47
CA ILE A 54 0.48 -9.20 -1.61
C ILE A 54 -0.80 -9.98 -1.73
N ALA A 55 -0.72 -11.28 -1.52
CA ALA A 55 -1.90 -12.13 -1.54
C ALA A 55 -2.86 -11.73 -0.42
N GLN A 56 -2.30 -11.61 0.78
CA GLN A 56 -3.05 -11.18 1.96
C GLN A 56 -3.67 -9.80 1.64
N PHE A 57 -2.86 -8.95 1.02
CA PHE A 57 -3.22 -7.61 0.62
C PHE A 57 -4.34 -7.59 -0.39
N TYR A 58 -4.45 -8.59 -1.27
CA TYR A 58 -5.61 -8.65 -2.17
C TYR A 58 -6.87 -8.72 -1.35
N THR A 59 -6.87 -9.63 -0.40
CA THR A 59 -8.02 -9.76 0.49
C THR A 59 -8.23 -8.46 1.32
N ASP A 60 -7.17 -8.01 1.96
CA ASP A 60 -7.22 -6.86 2.86
C ASP A 60 -7.60 -5.54 2.16
N LEU A 61 -7.09 -5.35 0.96
CA LEU A 61 -7.35 -4.16 0.18
C LEU A 61 -8.79 -4.12 -0.32
N ASN A 62 -9.35 -5.29 -0.61
CA ASN A 62 -10.73 -5.35 -1.07
C ASN A 62 -11.72 -5.09 0.06
N ILE A 63 -11.29 -5.34 1.28
CA ILE A 63 -12.15 -5.09 2.43
C ILE A 63 -11.84 -3.75 3.09
N ASP A 64 -10.97 -2.98 2.46
CA ASP A 64 -10.58 -1.68 2.97
C ASP A 64 -11.69 -0.65 2.75
N GLY A 65 -11.85 0.26 3.69
CA GLY A 65 -12.91 1.24 3.61
C GLY A 65 -12.43 2.66 3.33
N ARG A 66 -11.24 2.80 2.78
CA ARG A 66 -10.69 4.12 2.39
C ARG A 66 -10.28 4.12 0.91
N PHE A 67 -9.88 2.97 0.44
CA PHE A 67 -9.47 2.78 -0.91
C PHE A 67 -10.61 2.74 -1.88
N LEU A 68 -10.29 3.14 -3.07
CA LEU A 68 -11.16 3.12 -4.17
C LEU A 68 -10.33 2.71 -5.38
N ALA A 69 -10.80 1.74 -6.11
CA ALA A 69 -10.13 1.36 -7.34
C ALA A 69 -10.51 2.38 -8.39
N LEU A 70 -9.55 3.11 -8.86
CA LEU A 70 -9.80 4.14 -9.83
C LEU A 70 -10.15 3.61 -11.25
N SER A 71 -9.19 3.52 -12.16
CA SER A 71 -9.56 3.06 -13.49
C SER A 71 -9.22 1.59 -13.78
N ASP A 72 -7.94 1.27 -13.71
CA ASP A 72 -7.42 -0.02 -14.20
C ASP A 72 -6.73 -0.77 -13.10
N GLN A 73 -7.33 -0.74 -11.91
CA GLN A 73 -6.71 -1.29 -10.68
C GLN A 73 -5.61 -0.40 -10.25
N THR A 74 -5.73 0.80 -10.71
CA THR A 74 -4.97 1.88 -10.28
C THR A 74 -5.64 2.28 -8.99
N TRP A 75 -4.97 2.16 -7.91
CA TRP A 75 -5.63 2.39 -6.67
C TRP A 75 -5.46 3.80 -6.20
N GLY A 76 -6.24 4.14 -5.22
CA GLY A 76 -6.17 5.42 -4.66
C GLY A 76 -7.16 5.56 -3.57
N LEU A 77 -7.34 6.75 -3.13
CA LEU A 77 -8.19 7.02 -2.02
C LEU A 77 -9.38 7.80 -2.47
N ARG A 78 -10.51 7.48 -1.91
CA ARG A 78 -11.73 8.20 -2.22
C ARG A 78 -11.77 9.58 -1.54
N SER A 79 -10.82 9.77 -0.65
CA SER A 79 -10.71 10.97 0.14
C SER A 79 -10.06 12.16 -0.62
N TRP A 80 -9.94 12.03 -1.94
CA TRP A 80 -9.39 13.12 -2.76
C TRP A 80 -10.45 13.74 -3.62
N TYR A 81 -11.62 13.19 -3.59
CA TYR A 81 -12.66 13.65 -4.48
C TYR A 81 -13.95 13.77 -3.68
N GLY A 1 6.14 11.42 8.25
CA GLY A 1 5.12 10.44 7.93
C GLY A 1 5.73 9.14 7.49
N ILE A 2 4.98 8.40 6.64
CA ILE A 2 5.30 7.04 6.13
C ILE A 2 6.72 6.92 5.55
N LYS A 3 7.25 8.04 5.11
CA LYS A 3 8.56 8.14 4.50
C LYS A 3 9.69 7.63 5.42
N GLN A 4 9.47 7.69 6.72
CA GLN A 4 10.51 7.29 7.65
C GLN A 4 10.07 6.25 8.68
N TYR A 5 9.15 5.38 8.28
CA TYR A 5 8.76 4.26 9.14
C TYR A 5 9.88 3.21 9.12
N SER A 6 10.08 2.54 10.22
CA SER A 6 11.12 1.54 10.32
C SER A 6 10.60 0.17 9.83
N GLN A 7 11.46 -0.84 9.85
CA GLN A 7 11.15 -2.14 9.30
C GLN A 7 10.00 -2.81 10.05
N GLU A 8 10.14 -2.88 11.36
CA GLU A 8 9.19 -3.56 12.24
C GLU A 8 7.92 -2.75 12.34
N GLU A 9 8.07 -1.46 12.19
CA GLU A 9 6.96 -0.54 12.17
C GLU A 9 5.97 -0.99 11.07
N LEU A 10 6.50 -1.13 9.89
CA LEU A 10 5.73 -1.55 8.74
C LEU A 10 5.34 -3.04 8.84
N LYS A 11 6.14 -3.83 9.55
CA LYS A 11 5.84 -5.26 9.75
C LYS A 11 4.54 -5.43 10.52
N GLU A 12 4.36 -4.64 11.56
CA GLU A 12 3.21 -4.82 12.43
C GLU A 12 2.01 -3.98 11.97
N MET A 13 2.27 -2.90 11.26
CA MET A 13 1.21 -2.02 10.77
C MET A 13 0.35 -2.66 9.71
N ALA A 14 -0.84 -2.14 9.54
CA ALA A 14 -1.78 -2.65 8.59
C ALA A 14 -1.34 -2.32 7.18
N LEU A 15 -1.40 -3.32 6.32
CA LEU A 15 -0.97 -3.21 4.92
C LEU A 15 -1.71 -2.08 4.23
N VAL A 16 -3.02 -2.08 4.35
CA VAL A 16 -3.86 -1.04 3.78
C VAL A 16 -3.52 0.36 4.35
N GLU A 17 -3.10 0.43 5.61
CA GLU A 17 -2.78 1.72 6.23
C GLU A 17 -1.47 2.24 5.64
N ILE A 18 -0.51 1.34 5.48
CA ILE A 18 0.78 1.66 4.86
C ILE A 18 0.52 2.20 3.46
N ALA A 19 -0.24 1.42 2.70
CA ALA A 19 -0.65 1.77 1.33
C ALA A 19 -1.35 3.13 1.30
N HIS A 20 -2.27 3.35 2.25
CA HIS A 20 -2.98 4.62 2.40
C HIS A 20 -1.99 5.76 2.51
N GLU A 21 -0.95 5.58 3.27
CA GLU A 21 0.04 6.61 3.45
C GLU A 21 0.81 6.94 2.17
N LEU A 22 1.09 5.93 1.32
CA LEU A 22 1.76 6.20 0.02
C LEU A 22 0.91 7.15 -0.79
N PHE A 23 -0.37 6.89 -0.79
CA PHE A 23 -1.30 7.68 -1.57
C PHE A 23 -1.60 9.01 -0.92
N GLU A 24 -1.57 9.03 0.38
CA GLU A 24 -1.81 10.23 1.14
C GLU A 24 -0.78 11.29 0.77
N GLU A 25 0.49 10.89 0.67
CA GLU A 25 1.51 11.82 0.28
C GLU A 25 1.58 11.98 -1.25
N HIS A 26 1.51 10.87 -2.00
CA HIS A 26 1.61 10.93 -3.47
C HIS A 26 0.51 11.78 -4.07
N LYS A 27 -0.74 11.59 -3.59
CA LYS A 27 -1.93 12.33 -4.07
C LYS A 27 -2.18 12.04 -5.55
N LYS A 28 -1.62 10.94 -6.00
CA LYS A 28 -1.68 10.50 -7.35
C LYS A 28 -1.99 9.03 -7.35
N PRO A 29 -2.80 8.53 -8.30
CA PRO A 29 -3.11 7.12 -8.44
C PRO A 29 -1.89 6.33 -8.86
N VAL A 30 -1.65 5.24 -8.18
CA VAL A 30 -0.52 4.40 -8.46
C VAL A 30 -1.05 2.99 -8.66
N PRO A 31 -0.62 2.31 -9.74
CA PRO A 31 -1.01 0.92 -9.99
C PRO A 31 -0.64 0.01 -8.82
N PHE A 32 -1.44 -1.03 -8.66
CA PHE A 32 -1.35 -1.99 -7.56
C PHE A 32 0.08 -2.50 -7.36
N GLN A 33 0.70 -2.91 -8.43
CA GLN A 33 2.01 -3.48 -8.37
C GLN A 33 3.08 -2.44 -7.99
N GLU A 34 2.89 -1.20 -8.42
CA GLU A 34 3.87 -0.18 -8.18
C GLU A 34 3.80 0.30 -6.75
N LEU A 35 2.59 0.33 -6.19
CA LEU A 35 2.42 0.76 -4.80
C LEU A 35 3.10 -0.23 -3.86
N LEU A 36 3.10 -1.50 -4.26
CA LEU A 36 3.73 -2.56 -3.51
C LEU A 36 5.22 -2.44 -3.58
N ASN A 37 5.73 -2.07 -4.73
CA ASN A 37 7.15 -1.83 -4.91
C ASN A 37 7.61 -0.65 -4.05
N GLU A 38 6.74 0.36 -3.94
CA GLU A 38 6.97 1.49 -3.04
C GLU A 38 7.07 0.98 -1.60
N ILE A 39 6.07 0.20 -1.19
CA ILE A 39 6.01 -0.39 0.17
C ILE A 39 7.25 -1.24 0.45
N ALA A 40 7.64 -2.06 -0.53
CA ALA A 40 8.79 -2.94 -0.43
C ALA A 40 10.08 -2.14 -0.27
N SER A 41 10.11 -0.97 -0.82
CA SER A 41 11.26 -0.10 -0.66
C SER A 41 11.34 0.53 0.73
N LEU A 42 10.19 0.99 1.25
CA LEU A 42 10.17 1.56 2.61
C LEU A 42 10.49 0.48 3.63
N LEU A 43 10.03 -0.72 3.33
CA LEU A 43 10.34 -1.87 4.12
C LEU A 43 11.73 -2.36 3.79
N GLY A 44 12.54 -2.49 4.76
CA GLY A 44 13.83 -3.15 4.54
C GLY A 44 13.64 -4.66 4.42
N VAL A 45 12.96 -5.09 3.37
CA VAL A 45 12.64 -6.50 3.16
C VAL A 45 12.93 -6.88 1.73
N LYS A 46 12.59 -8.08 1.40
CA LYS A 46 12.67 -8.57 0.06
C LYS A 46 11.26 -8.64 -0.49
N LYS A 47 11.16 -8.71 -1.78
CA LYS A 47 9.87 -8.70 -2.43
C LYS A 47 9.10 -10.01 -2.21
N GLU A 48 9.81 -11.12 -2.15
CA GLU A 48 9.17 -12.44 -2.15
C GLU A 48 8.27 -12.66 -0.93
N GLU A 49 8.80 -12.41 0.25
CA GLU A 49 8.05 -12.51 1.50
C GLU A 49 6.83 -11.61 1.46
N LEU A 50 7.05 -10.38 1.05
CA LEU A 50 6.00 -9.41 0.94
C LEU A 50 5.04 -9.78 -0.20
N GLY A 51 5.50 -10.66 -1.08
CA GLY A 51 4.73 -11.13 -2.20
C GLY A 51 3.62 -12.04 -1.78
N ASP A 52 3.89 -12.92 -0.85
CA ASP A 52 2.81 -13.76 -0.34
C ASP A 52 1.91 -12.90 0.50
N ARG A 53 2.50 -11.89 1.10
CA ARG A 53 1.75 -10.92 1.85
C ARG A 53 0.95 -10.01 0.86
N ILE A 54 1.31 -10.03 -0.44
CA ILE A 54 0.56 -9.34 -1.51
C ILE A 54 -0.75 -10.05 -1.70
N ALA A 55 -0.71 -11.38 -1.65
CA ALA A 55 -1.95 -12.18 -1.71
C ALA A 55 -2.88 -11.79 -0.54
N GLN A 56 -2.26 -11.71 0.63
CA GLN A 56 -2.93 -11.29 1.86
C GLN A 56 -3.45 -9.86 1.67
N PHE A 57 -2.64 -9.02 1.05
CA PHE A 57 -2.97 -7.63 0.79
C PHE A 57 -4.17 -7.53 -0.16
N TYR A 58 -4.30 -8.47 -1.10
CA TYR A 58 -5.49 -8.52 -1.93
C TYR A 58 -6.71 -8.64 -1.03
N THR A 59 -6.64 -9.55 -0.08
CA THR A 59 -7.69 -9.73 0.89
C THR A 59 -7.90 -8.44 1.74
N ASP A 60 -6.82 -7.95 2.34
CA ASP A 60 -6.85 -6.76 3.26
C ASP A 60 -7.38 -5.50 2.57
N LEU A 61 -6.92 -5.28 1.37
CA LEU A 61 -7.28 -4.10 0.61
C LEU A 61 -8.71 -4.19 0.08
N ASN A 62 -9.17 -5.38 -0.24
CA ASN A 62 -10.50 -5.52 -0.83
C ASN A 62 -11.59 -5.50 0.25
N ILE A 63 -11.19 -5.70 1.51
CA ILE A 63 -12.13 -5.60 2.63
C ILE A 63 -12.08 -4.21 3.24
N ASP A 64 -11.34 -3.34 2.61
CA ASP A 64 -11.22 -1.97 3.07
C ASP A 64 -12.27 -1.11 2.36
N GLY A 65 -12.66 -0.01 2.97
CA GLY A 65 -13.62 0.87 2.36
C GLY A 65 -13.16 2.31 2.42
N ARG A 66 -11.88 2.50 2.51
CA ARG A 66 -11.25 3.80 2.60
C ARG A 66 -10.55 4.08 1.27
N PHE A 67 -10.05 3.01 0.69
CA PHE A 67 -9.41 3.03 -0.59
C PHE A 67 -10.41 3.14 -1.74
N LEU A 68 -9.86 3.30 -2.91
CA LEU A 68 -10.61 3.44 -4.12
C LEU A 68 -9.86 2.78 -5.26
N ALA A 69 -10.54 1.92 -5.98
CA ALA A 69 -9.99 1.37 -7.20
C ALA A 69 -10.45 2.23 -8.31
N LEU A 70 -9.55 2.99 -8.82
CA LEU A 70 -9.78 3.87 -9.92
C LEU A 70 -9.90 3.07 -11.23
N SER A 71 -9.97 3.79 -12.32
CA SER A 71 -10.27 3.31 -13.67
C SER A 71 -9.66 1.93 -14.05
N ASP A 72 -8.42 1.67 -13.70
CA ASP A 72 -7.76 0.42 -14.13
C ASP A 72 -7.28 -0.39 -12.93
N GLN A 73 -8.10 -0.44 -11.85
CA GLN A 73 -7.71 -1.15 -10.59
C GLN A 73 -6.53 -0.47 -9.97
N THR A 74 -6.35 0.74 -10.39
CA THR A 74 -5.33 1.59 -9.92
C THR A 74 -5.83 2.12 -8.61
N TRP A 75 -5.09 1.98 -7.58
CA TRP A 75 -5.61 2.33 -6.31
C TRP A 75 -5.23 3.72 -5.94
N GLY A 76 -5.96 4.23 -5.01
CA GLY A 76 -5.75 5.51 -4.50
C GLY A 76 -6.73 5.78 -3.42
N LEU A 77 -7.02 7.01 -3.21
CA LEU A 77 -7.88 7.40 -2.13
C LEU A 77 -9.08 8.09 -2.68
N ARG A 78 -10.22 7.72 -2.17
CA ARG A 78 -11.49 8.30 -2.60
C ARG A 78 -11.65 9.70 -2.04
N SER A 79 -10.84 10.03 -1.08
CA SER A 79 -10.87 11.28 -0.40
C SER A 79 -10.22 12.42 -1.20
N TRP A 80 -9.65 12.11 -2.36
CA TRP A 80 -9.03 13.15 -3.19
C TRP A 80 -10.07 13.87 -4.04
N TYR A 81 -11.10 13.15 -4.44
CA TYR A 81 -12.05 13.66 -5.39
C TYR A 81 -13.46 13.38 -4.88
N GLY A 1 3.53 8.85 7.26
CA GLY A 1 4.85 8.30 7.51
C GLY A 1 5.50 7.64 6.27
N ILE A 2 5.36 6.31 6.18
CA ILE A 2 5.93 5.36 5.16
C ILE A 2 7.39 5.50 4.78
N LYS A 3 7.79 6.66 4.33
CA LYS A 3 9.16 6.89 3.94
C LYS A 3 10.02 7.17 5.16
N GLN A 4 9.36 7.17 6.32
CA GLN A 4 10.01 7.22 7.59
C GLN A 4 9.22 6.41 8.62
N TYR A 5 9.62 5.19 8.77
CA TYR A 5 9.12 4.22 9.75
C TYR A 5 10.17 3.18 9.95
N SER A 6 10.08 2.49 11.03
CA SER A 6 10.99 1.45 11.35
C SER A 6 10.58 0.17 10.62
N GLN A 7 11.52 -0.71 10.43
CA GLN A 7 11.33 -1.95 9.72
C GLN A 7 10.24 -2.82 10.37
N GLU A 8 10.39 -3.02 11.67
CA GLU A 8 9.47 -3.81 12.48
C GLU A 8 8.17 -3.07 12.64
N GLU A 9 8.28 -1.76 12.60
CA GLU A 9 7.14 -0.89 12.71
C GLU A 9 6.20 -1.10 11.54
N LEU A 10 6.77 -1.20 10.36
CA LEU A 10 6.01 -1.47 9.15
C LEU A 10 5.46 -2.90 9.16
N LYS A 11 6.15 -3.78 9.85
CA LYS A 11 5.68 -5.15 10.06
C LYS A 11 4.47 -5.17 10.99
N GLU A 12 4.42 -4.18 11.87
CA GLU A 12 3.32 -4.03 12.82
C GLU A 12 2.31 -3.00 12.35
N MET A 13 2.23 -2.85 11.06
CA MET A 13 1.26 -1.99 10.43
C MET A 13 0.54 -2.77 9.37
N ALA A 14 -0.70 -2.40 9.13
CA ALA A 14 -1.45 -2.97 8.04
C ALA A 14 -0.86 -2.40 6.77
N LEU A 15 -0.56 -3.22 5.79
CA LEU A 15 0.06 -2.67 4.60
C LEU A 15 -0.87 -1.82 3.76
N VAL A 16 -2.19 -2.01 3.93
CA VAL A 16 -3.14 -1.11 3.28
C VAL A 16 -3.09 0.27 3.97
N GLU A 17 -2.71 0.27 5.25
CA GLU A 17 -2.55 1.50 6.00
C GLU A 17 -1.31 2.21 5.45
N ILE A 18 -0.28 1.41 5.18
CA ILE A 18 0.94 1.88 4.52
C ILE A 18 0.58 2.48 3.16
N ALA A 19 -0.28 1.79 2.43
CA ALA A 19 -0.76 2.25 1.14
C ALA A 19 -1.52 3.58 1.26
N HIS A 20 -2.33 3.73 2.32
CA HIS A 20 -3.08 5.01 2.54
C HIS A 20 -2.09 6.15 2.62
N GLU A 21 -1.09 5.95 3.46
CA GLU A 21 -0.02 6.89 3.68
C GLU A 21 0.71 7.20 2.39
N LEU A 22 1.03 6.13 1.64
CA LEU A 22 1.74 6.21 0.36
C LEU A 22 0.98 7.12 -0.60
N PHE A 23 -0.30 6.94 -0.65
CA PHE A 23 -1.14 7.73 -1.50
C PHE A 23 -1.39 9.12 -0.98
N GLU A 24 -1.45 9.30 0.32
CA GLU A 24 -1.56 10.65 0.88
C GLU A 24 -0.27 11.45 0.80
N GLU A 25 0.83 10.77 0.67
CA GLU A 25 2.12 11.41 0.54
C GLU A 25 2.35 11.82 -0.93
N HIS A 26 2.03 10.91 -1.85
CA HIS A 26 2.20 11.21 -3.28
C HIS A 26 1.03 12.01 -3.85
N LYS A 27 -0.18 11.59 -3.51
CA LYS A 27 -1.45 12.15 -4.01
C LYS A 27 -1.51 12.02 -5.52
N LYS A 28 -1.26 10.80 -5.95
CA LYS A 28 -1.16 10.45 -7.35
C LYS A 28 -1.81 9.10 -7.48
N PRO A 29 -2.57 8.84 -8.52
CA PRO A 29 -3.08 7.50 -8.77
C PRO A 29 -1.93 6.60 -9.26
N VAL A 30 -1.56 5.64 -8.43
CA VAL A 30 -0.43 4.77 -8.70
C VAL A 30 -0.94 3.34 -8.85
N PRO A 31 -0.49 2.61 -9.91
CA PRO A 31 -0.91 1.23 -10.15
C PRO A 31 -0.49 0.30 -9.01
N PHE A 32 -1.23 -0.80 -8.85
CA PHE A 32 -1.02 -1.78 -7.78
C PHE A 32 0.41 -2.29 -7.74
N GLN A 33 0.98 -2.52 -8.88
CA GLN A 33 2.33 -3.05 -8.96
C GLN A 33 3.38 -2.01 -8.58
N GLU A 34 3.10 -0.77 -8.89
CA GLU A 34 4.06 0.29 -8.69
C GLU A 34 4.05 0.71 -7.24
N LEU A 35 2.90 0.61 -6.62
CA LEU A 35 2.77 0.90 -5.22
C LEU A 35 3.50 -0.17 -4.38
N LEU A 36 3.52 -1.43 -4.87
CA LEU A 36 4.22 -2.52 -4.20
C LEU A 36 5.72 -2.26 -4.22
N ASN A 37 6.21 -1.74 -5.35
CA ASN A 37 7.61 -1.31 -5.50
C ASN A 37 7.97 -0.35 -4.36
N GLU A 38 7.09 0.62 -4.16
CA GLU A 38 7.23 1.63 -3.12
C GLU A 38 7.27 0.98 -1.75
N ILE A 39 6.23 0.19 -1.48
CA ILE A 39 6.05 -0.46 -0.19
C ILE A 39 7.26 -1.31 0.17
N ALA A 40 7.65 -2.20 -0.72
CA ALA A 40 8.75 -3.12 -0.46
C ALA A 40 10.08 -2.40 -0.25
N SER A 41 10.24 -1.27 -0.86
CA SER A 41 11.45 -0.49 -0.64
C SER A 41 11.43 0.21 0.72
N LEU A 42 10.32 0.85 1.05
CA LEU A 42 10.22 1.58 2.30
C LEU A 42 10.21 0.60 3.47
N LEU A 43 9.63 -0.53 3.22
CA LEU A 43 9.54 -1.60 4.16
C LEU A 43 10.82 -2.39 4.04
N GLY A 44 11.63 -2.37 5.07
CA GLY A 44 12.88 -3.15 5.09
C GLY A 44 12.67 -4.67 5.07
N VAL A 45 12.22 -5.20 3.95
CA VAL A 45 11.95 -6.63 3.77
C VAL A 45 12.31 -7.08 2.38
N LYS A 46 12.02 -8.32 2.08
CA LYS A 46 12.21 -8.87 0.78
C LYS A 46 10.90 -8.74 0.01
N LYS A 47 11.00 -8.70 -1.28
CA LYS A 47 9.83 -8.55 -2.13
C LYS A 47 9.00 -9.84 -2.14
N GLU A 48 9.68 -10.97 -2.19
CA GLU A 48 9.04 -12.29 -2.24
C GLU A 48 8.12 -12.58 -1.03
N GLU A 49 8.55 -12.19 0.18
CA GLU A 49 7.74 -12.41 1.38
C GLU A 49 6.49 -11.54 1.29
N LEU A 50 6.63 -10.44 0.57
CA LEU A 50 5.54 -9.56 0.35
C LEU A 50 4.73 -10.01 -0.82
N GLY A 51 5.17 -11.06 -1.51
CA GLY A 51 4.39 -11.64 -2.58
C GLY A 51 3.30 -12.45 -1.97
N ASP A 52 3.70 -13.18 -0.95
CA ASP A 52 2.75 -13.91 -0.12
C ASP A 52 1.78 -12.90 0.49
N ARG A 53 2.36 -11.81 0.95
CA ARG A 53 1.62 -10.74 1.52
C ARG A 53 0.78 -10.02 0.45
N ILE A 54 1.11 -10.17 -0.85
CA ILE A 54 0.32 -9.57 -1.95
C ILE A 54 -1.02 -10.24 -2.00
N ALA A 55 -1.03 -11.55 -1.81
CA ALA A 55 -2.29 -12.28 -1.73
C ALA A 55 -3.13 -11.75 -0.56
N GLN A 56 -2.47 -11.60 0.60
CA GLN A 56 -3.14 -11.06 1.79
C GLN A 56 -3.60 -9.61 1.51
N PHE A 57 -2.79 -8.89 0.77
CA PHE A 57 -3.00 -7.49 0.44
C PHE A 57 -4.18 -7.32 -0.51
N TYR A 58 -4.37 -8.26 -1.44
CA TYR A 58 -5.57 -8.24 -2.29
C TYR A 58 -6.80 -8.27 -1.41
N THR A 59 -6.76 -9.15 -0.43
CA THR A 59 -7.81 -9.23 0.56
C THR A 59 -7.91 -7.87 1.33
N ASP A 60 -6.77 -7.36 1.75
CA ASP A 60 -6.62 -6.14 2.57
C ASP A 60 -7.24 -4.91 1.87
N LEU A 61 -7.05 -4.79 0.54
CA LEU A 61 -7.65 -3.70 -0.25
C LEU A 61 -9.15 -3.84 -0.38
N ASN A 62 -9.61 -5.05 -0.64
CA ASN A 62 -11.04 -5.29 -0.88
C ASN A 62 -11.88 -5.07 0.38
N ILE A 63 -11.26 -5.23 1.53
CA ILE A 63 -11.96 -5.01 2.80
C ILE A 63 -11.60 -3.66 3.42
N ASP A 64 -10.86 -2.84 2.67
CA ASP A 64 -10.43 -1.53 3.15
C ASP A 64 -11.58 -0.53 3.02
N GLY A 65 -11.62 0.45 3.91
CA GLY A 65 -12.70 1.39 3.89
C GLY A 65 -12.32 2.76 3.36
N ARG A 66 -11.09 2.95 2.96
CA ARG A 66 -10.66 4.27 2.49
C ARG A 66 -10.30 4.22 1.01
N PHE A 67 -10.04 3.04 0.54
CA PHE A 67 -9.68 2.84 -0.85
C PHE A 67 -10.85 2.60 -1.76
N LEU A 68 -10.56 2.81 -3.01
CA LEU A 68 -11.42 2.58 -4.11
C LEU A 68 -10.54 2.11 -5.25
N ALA A 69 -11.01 1.20 -6.03
CA ALA A 69 -10.28 0.83 -7.21
C ALA A 69 -10.66 1.74 -8.32
N LEU A 70 -9.75 2.62 -8.68
CA LEU A 70 -9.87 3.39 -9.87
C LEU A 70 -9.92 2.33 -10.98
N SER A 71 -10.73 2.54 -11.99
CA SER A 71 -11.11 1.50 -12.98
C SER A 71 -9.97 0.64 -13.61
N ASP A 72 -8.73 1.05 -13.48
CA ASP A 72 -7.62 0.24 -14.01
C ASP A 72 -6.95 -0.59 -12.94
N GLN A 73 -7.63 -0.79 -11.81
CA GLN A 73 -7.11 -1.57 -10.65
C GLN A 73 -6.02 -0.79 -9.98
N THR A 74 -6.03 0.46 -10.29
CA THR A 74 -5.17 1.41 -9.72
C THR A 74 -5.85 1.85 -8.45
N TRP A 75 -5.17 1.81 -7.36
CA TRP A 75 -5.83 2.07 -6.12
C TRP A 75 -5.69 3.50 -5.72
N GLY A 76 -6.78 4.05 -5.29
CA GLY A 76 -6.78 5.40 -4.89
C GLY A 76 -7.66 5.62 -3.71
N LEU A 77 -7.55 6.75 -3.12
CA LEU A 77 -8.24 7.06 -1.91
C LEU A 77 -9.53 7.76 -2.18
N ARG A 78 -10.54 7.31 -1.49
CA ARG A 78 -11.89 7.81 -1.58
C ARG A 78 -12.04 9.24 -1.12
N SER A 79 -11.14 9.69 -0.29
CA SER A 79 -11.20 11.03 0.23
C SER A 79 -10.76 12.06 -0.82
N TRP A 80 -10.16 11.59 -1.90
CA TRP A 80 -9.66 12.47 -2.93
C TRP A 80 -10.75 13.03 -3.80
N TYR A 81 -11.59 12.19 -4.34
CA TYR A 81 -12.46 12.65 -5.38
C TYR A 81 -13.90 12.64 -4.93
N GLY A 1 6.01 11.47 4.35
CA GLY A 1 5.57 10.65 5.46
C GLY A 1 6.10 9.26 5.34
N ILE A 2 5.25 8.39 4.80
CA ILE A 2 5.47 6.95 4.67
C ILE A 2 6.90 6.53 4.22
N LYS A 3 7.51 7.26 3.29
CA LYS A 3 8.81 6.82 2.82
C LYS A 3 9.98 7.09 3.77
N GLN A 4 9.75 7.83 4.84
CA GLN A 4 10.84 8.07 5.79
C GLN A 4 10.70 7.17 7.01
N TYR A 5 9.84 6.17 6.90
CA TYR A 5 9.63 5.19 7.97
C TYR A 5 10.54 3.99 7.75
N SER A 6 10.80 3.24 8.78
CA SER A 6 11.61 2.06 8.69
C SER A 6 10.72 0.82 8.84
N GLN A 7 11.30 -0.37 8.63
CA GLN A 7 10.57 -1.62 8.73
C GLN A 7 9.97 -1.81 10.11
N GLU A 8 10.68 -1.31 11.14
CA GLU A 8 10.26 -1.41 12.55
C GLU A 8 8.86 -0.84 12.73
N GLU A 9 8.65 0.21 12.02
CA GLU A 9 7.42 0.93 12.00
C GLU A 9 6.41 0.22 11.11
N LEU A 10 6.81 -0.01 9.89
CA LEU A 10 5.97 -0.55 8.84
C LEU A 10 5.43 -1.94 9.15
N LYS A 11 6.17 -2.74 9.90
CA LYS A 11 5.71 -4.09 10.22
C LYS A 11 4.67 -4.09 11.34
N GLU A 12 4.38 -2.92 11.92
CA GLU A 12 3.33 -2.84 12.94
C GLU A 12 2.00 -2.47 12.29
N MET A 13 2.06 -2.11 11.03
CA MET A 13 0.89 -1.62 10.33
C MET A 13 0.12 -2.74 9.68
N ALA A 14 -1.02 -2.39 9.17
CA ALA A 14 -1.81 -3.27 8.35
C ALA A 14 -1.38 -3.02 6.92
N LEU A 15 -1.61 -3.98 6.06
CA LEU A 15 -1.16 -3.89 4.66
C LEU A 15 -1.76 -2.69 3.96
N VAL A 16 -3.04 -2.60 4.05
CA VAL A 16 -3.79 -1.52 3.47
C VAL A 16 -3.45 -0.17 4.14
N GLU A 17 -3.00 -0.21 5.37
CA GLU A 17 -2.68 0.98 6.12
C GLU A 17 -1.40 1.61 5.58
N ILE A 18 -0.44 0.76 5.25
CA ILE A 18 0.81 1.22 4.66
C ILE A 18 0.51 1.90 3.32
N ALA A 19 -0.28 1.20 2.51
CA ALA A 19 -0.72 1.69 1.21
C ALA A 19 -1.45 3.03 1.33
N HIS A 20 -2.32 3.13 2.36
CA HIS A 20 -3.05 4.35 2.66
C HIS A 20 -2.09 5.54 2.80
N GLU A 21 -0.99 5.30 3.49
CA GLU A 21 -0.02 6.34 3.73
C GLU A 21 0.70 6.77 2.46
N LEU A 22 0.90 5.83 1.50
CA LEU A 22 1.45 6.19 0.18
C LEU A 22 0.59 7.24 -0.45
N PHE A 23 -0.70 7.03 -0.40
CA PHE A 23 -1.62 7.91 -1.04
C PHE A 23 -1.81 9.23 -0.32
N GLU A 24 -1.70 9.21 1.00
CA GLU A 24 -1.76 10.43 1.78
C GLU A 24 -0.53 11.31 1.51
N GLU A 25 0.62 10.68 1.36
CA GLU A 25 1.85 11.43 1.10
C GLU A 25 1.92 11.89 -0.37
N HIS A 26 1.60 10.98 -1.28
CA HIS A 26 1.76 11.25 -2.72
C HIS A 26 0.66 12.14 -3.27
N LYS A 27 -0.58 11.97 -2.75
CA LYS A 27 -1.80 12.73 -3.20
C LYS A 27 -2.16 12.37 -4.66
N LYS A 28 -1.58 11.29 -5.14
CA LYS A 28 -1.71 10.85 -6.51
C LYS A 28 -1.97 9.36 -6.50
N PRO A 29 -2.76 8.84 -7.47
CA PRO A 29 -3.03 7.40 -7.57
C PRO A 29 -1.81 6.63 -8.13
N VAL A 30 -1.62 5.42 -7.66
CA VAL A 30 -0.48 4.59 -8.04
C VAL A 30 -0.98 3.16 -8.34
N PRO A 31 -0.52 2.52 -9.44
CA PRO A 31 -0.88 1.12 -9.75
C PRO A 31 -0.43 0.18 -8.62
N PHE A 32 -1.25 -0.84 -8.39
CA PHE A 32 -1.07 -1.79 -7.29
C PHE A 32 0.35 -2.38 -7.22
N GLN A 33 0.87 -2.80 -8.34
CA GLN A 33 2.17 -3.46 -8.37
C GLN A 33 3.29 -2.47 -8.10
N GLU A 34 3.11 -1.27 -8.56
CA GLU A 34 4.10 -0.23 -8.41
C GLU A 34 4.19 0.20 -6.95
N LEU A 35 3.03 0.30 -6.30
CA LEU A 35 2.99 0.70 -4.91
C LEU A 35 3.58 -0.39 -4.00
N LEU A 36 3.40 -1.68 -4.38
CA LEU A 36 4.00 -2.78 -3.62
C LEU A 36 5.50 -2.72 -3.67
N ASN A 37 6.03 -2.29 -4.81
CA ASN A 37 7.46 -2.13 -4.96
C ASN A 37 7.99 -1.02 -4.08
N GLU A 38 7.20 0.02 -3.90
CA GLU A 38 7.57 1.10 -2.99
C GLU A 38 7.53 0.58 -1.56
N ILE A 39 6.43 -0.08 -1.21
CA ILE A 39 6.23 -0.64 0.12
C ILE A 39 7.33 -1.62 0.50
N ALA A 40 7.63 -2.55 -0.38
CA ALA A 40 8.67 -3.56 -0.14
C ALA A 40 10.05 -2.95 -0.02
N SER A 41 10.28 -1.85 -0.69
CA SER A 41 11.55 -1.17 -0.56
C SER A 41 11.63 -0.43 0.80
N LEU A 42 10.54 0.22 1.20
CA LEU A 42 10.49 0.94 2.46
C LEU A 42 10.55 -0.03 3.61
N LEU A 43 9.69 -1.01 3.56
CA LEU A 43 9.61 -2.07 4.51
C LEU A 43 10.75 -3.02 4.21
N GLY A 44 11.78 -2.96 5.02
CA GLY A 44 12.98 -3.82 4.82
C GLY A 44 12.70 -5.34 4.83
N VAL A 45 12.14 -5.84 3.74
CA VAL A 45 11.80 -7.25 3.58
C VAL A 45 12.13 -7.70 2.14
N LYS A 46 11.82 -8.94 1.82
CA LYS A 46 11.93 -9.44 0.47
C LYS A 46 10.63 -9.17 -0.26
N LYS A 47 10.70 -9.09 -1.56
CA LYS A 47 9.54 -8.85 -2.40
C LYS A 47 8.58 -10.04 -2.33
N GLU A 48 9.13 -11.21 -2.46
CA GLU A 48 8.37 -12.45 -2.52
C GLU A 48 7.70 -12.86 -1.20
N GLU A 49 8.30 -12.52 -0.07
CA GLU A 49 7.66 -12.83 1.21
C GLU A 49 6.42 -11.93 1.36
N LEU A 50 6.58 -10.72 0.88
CA LEU A 50 5.53 -9.78 0.86
C LEU A 50 4.64 -10.09 -0.35
N GLY A 51 5.04 -11.10 -1.14
CA GLY A 51 4.31 -11.56 -2.32
C GLY A 51 3.15 -12.43 -1.94
N ASP A 52 3.39 -13.36 -1.02
CA ASP A 52 2.26 -14.11 -0.45
C ASP A 52 1.42 -13.14 0.36
N ARG A 53 2.12 -12.17 0.98
CA ARG A 53 1.40 -11.07 1.60
C ARG A 53 0.71 -10.16 0.56
N ILE A 54 1.08 -10.24 -0.73
CA ILE A 54 0.41 -9.46 -1.78
C ILE A 54 -0.97 -10.05 -2.03
N ALA A 55 -1.06 -11.36 -2.00
CA ALA A 55 -2.37 -12.02 -2.11
C ALA A 55 -3.27 -11.55 -0.95
N GLN A 56 -2.69 -11.60 0.24
CA GLN A 56 -3.36 -11.17 1.46
C GLN A 56 -3.68 -9.67 1.33
N PHE A 57 -2.75 -8.95 0.74
CA PHE A 57 -2.82 -7.50 0.51
C PHE A 57 -4.01 -7.18 -0.36
N TYR A 58 -4.26 -8.00 -1.38
CA TYR A 58 -5.47 -7.83 -2.21
C TYR A 58 -6.71 -7.86 -1.37
N THR A 59 -6.85 -8.91 -0.60
CA THR A 59 -8.04 -9.05 0.23
C THR A 59 -8.12 -7.93 1.31
N ASP A 60 -7.00 -7.65 1.93
CA ASP A 60 -6.87 -6.64 2.98
C ASP A 60 -7.22 -5.26 2.41
N LEU A 61 -6.87 -5.06 1.16
CA LEU A 61 -7.13 -3.85 0.43
C LEU A 61 -8.62 -3.78 0.06
N ASN A 62 -9.11 -4.86 -0.55
CA ASN A 62 -10.50 -4.95 -1.06
C ASN A 62 -11.56 -4.84 0.04
N ILE A 63 -11.17 -5.08 1.28
CA ILE A 63 -12.13 -4.96 2.37
C ILE A 63 -12.16 -3.55 2.97
N ASP A 64 -11.15 -2.75 2.68
CA ASP A 64 -11.10 -1.38 3.20
C ASP A 64 -12.10 -0.52 2.44
N GLY A 65 -12.67 0.45 3.12
CA GLY A 65 -13.70 1.24 2.53
C GLY A 65 -13.25 2.63 2.12
N ARG A 66 -12.01 2.98 2.40
CA ARG A 66 -11.53 4.31 2.07
C ARG A 66 -10.66 4.24 0.83
N PHE A 67 -10.21 3.08 0.53
CA PHE A 67 -9.47 2.84 -0.67
C PHE A 67 -10.37 2.78 -1.89
N LEU A 68 -9.77 2.98 -3.03
CA LEU A 68 -10.47 3.00 -4.29
C LEU A 68 -9.55 2.52 -5.39
N ALA A 69 -10.04 1.62 -6.21
CA ALA A 69 -9.32 1.23 -7.39
C ALA A 69 -9.85 2.02 -8.50
N LEU A 70 -9.08 2.90 -9.02
CA LEU A 70 -9.47 3.62 -10.16
C LEU A 70 -9.43 2.69 -11.37
N SER A 71 -9.91 3.16 -12.49
CA SER A 71 -10.15 2.39 -13.71
C SER A 71 -9.08 1.32 -14.06
N ASP A 72 -7.82 1.64 -13.93
CA ASP A 72 -6.80 0.67 -14.36
C ASP A 72 -6.05 0.03 -13.22
N GLN A 73 -6.72 -0.16 -12.09
CA GLN A 73 -6.09 -0.76 -10.88
C GLN A 73 -5.04 0.15 -10.35
N THR A 74 -5.22 1.37 -10.67
CA THR A 74 -4.47 2.41 -10.14
C THR A 74 -5.21 2.73 -8.86
N TRP A 75 -4.59 2.48 -7.75
CA TRP A 75 -5.30 2.62 -6.52
C TRP A 75 -5.08 3.97 -5.96
N GLY A 76 -5.94 4.33 -5.08
CA GLY A 76 -5.88 5.55 -4.41
C GLY A 76 -6.90 5.56 -3.34
N LEU A 77 -7.37 6.71 -3.01
CA LEU A 77 -8.30 6.83 -1.94
C LEU A 77 -9.61 7.37 -2.44
N ARG A 78 -10.65 6.79 -1.93
CA ARG A 78 -12.00 7.11 -2.28
C ARG A 78 -12.37 8.44 -1.62
N SER A 79 -11.76 8.67 -0.47
CA SER A 79 -11.95 9.88 0.33
C SER A 79 -11.22 11.11 -0.31
N TRP A 80 -10.96 11.02 -1.59
CA TRP A 80 -10.31 12.05 -2.36
C TRP A 80 -11.29 12.82 -3.23
N TYR A 81 -12.42 12.22 -3.50
CA TYR A 81 -13.38 12.76 -4.44
C TYR A 81 -14.78 12.58 -3.88
N GLY A 1 2.11 10.50 5.26
CA GLY A 1 2.85 9.76 6.27
C GLY A 1 3.57 8.59 5.65
N ILE A 2 3.68 7.51 6.42
CA ILE A 2 4.31 6.22 6.07
C ILE A 2 5.84 6.25 5.79
N LYS A 3 6.31 7.22 5.02
CA LYS A 3 7.73 7.29 4.61
C LYS A 3 8.65 7.65 5.79
N GLN A 4 8.06 7.85 6.93
CA GLN A 4 8.77 8.28 8.11
C GLN A 4 8.87 7.14 9.14
N TYR A 5 8.45 5.96 8.76
CA TYR A 5 8.56 4.81 9.63
C TYR A 5 9.74 3.96 9.18
N SER A 6 9.88 2.81 9.77
CA SER A 6 10.95 1.90 9.47
C SER A 6 10.38 0.47 9.47
N GLN A 7 11.15 -0.51 9.02
CA GLN A 7 10.62 -1.85 8.68
C GLN A 7 9.78 -2.55 9.79
N GLU A 8 10.29 -2.58 11.03
CA GLU A 8 9.60 -3.26 12.16
C GLU A 8 8.19 -2.75 12.37
N GLU A 9 8.01 -1.53 12.05
CA GLU A 9 6.75 -0.86 12.17
C GLU A 9 5.80 -1.39 11.06
N LEU A 10 6.26 -1.28 9.81
CA LEU A 10 5.45 -1.69 8.65
C LEU A 10 5.22 -3.21 8.64
N LYS A 11 6.14 -3.95 9.26
CA LYS A 11 6.04 -5.40 9.38
C LYS A 11 4.83 -5.80 10.20
N GLU A 12 4.49 -5.02 11.20
CA GLU A 12 3.44 -5.40 12.11
C GLU A 12 2.13 -4.64 11.88
N MET A 13 2.18 -3.50 11.21
CA MET A 13 0.98 -2.67 11.08
C MET A 13 0.14 -3.02 9.84
N ALA A 14 -1.06 -2.43 9.76
CA ALA A 14 -2.03 -2.72 8.72
C ALA A 14 -1.52 -2.32 7.35
N LEU A 15 -1.61 -3.25 6.44
CA LEU A 15 -1.09 -3.08 5.11
C LEU A 15 -1.88 -2.09 4.25
N VAL A 16 -3.22 -2.14 4.32
CA VAL A 16 -4.05 -1.18 3.59
C VAL A 16 -3.81 0.27 4.10
N GLU A 17 -3.46 0.41 5.37
CA GLU A 17 -3.19 1.73 5.97
C GLU A 17 -1.87 2.26 5.39
N ILE A 18 -0.88 1.36 5.31
CA ILE A 18 0.43 1.65 4.72
C ILE A 18 0.23 2.15 3.29
N ALA A 19 -0.61 1.43 2.55
CA ALA A 19 -0.92 1.75 1.18
C ALA A 19 -1.57 3.12 1.09
N HIS A 20 -2.48 3.44 2.02
CA HIS A 20 -3.17 4.75 2.03
C HIS A 20 -2.15 5.88 2.01
N GLU A 21 -1.21 5.80 2.90
CA GLU A 21 -0.22 6.83 3.06
C GLU A 21 0.69 6.99 1.90
N LEU A 22 0.94 5.90 1.24
CA LEU A 22 1.76 5.89 0.06
C LEU A 22 1.11 6.76 -1.03
N PHE A 23 -0.19 6.61 -1.17
CA PHE A 23 -0.95 7.40 -2.11
C PHE A 23 -1.10 8.83 -1.61
N GLU A 24 -1.27 8.96 -0.31
CA GLU A 24 -1.43 10.26 0.35
C GLU A 24 -0.19 11.12 0.08
N GLU A 25 0.95 10.54 0.29
CA GLU A 25 2.22 11.21 0.09
C GLU A 25 2.40 11.55 -1.40
N HIS A 26 2.05 10.60 -2.25
CA HIS A 26 2.18 10.78 -3.71
C HIS A 26 1.27 11.87 -4.25
N LYS A 27 0.00 11.88 -3.80
CA LYS A 27 -1.07 12.79 -4.32
C LYS A 27 -1.45 12.33 -5.71
N LYS A 28 -1.07 11.11 -6.01
CA LYS A 28 -1.24 10.51 -7.30
C LYS A 28 -1.57 9.06 -7.14
N PRO A 29 -2.29 8.48 -8.10
CA PRO A 29 -2.68 7.10 -8.06
C PRO A 29 -1.55 6.21 -8.53
N VAL A 30 -1.39 5.11 -7.86
CA VAL A 30 -0.33 4.20 -8.14
C VAL A 30 -0.95 2.84 -8.46
N PRO A 31 -0.52 2.17 -9.55
CA PRO A 31 -0.97 0.84 -9.89
C PRO A 31 -0.52 -0.16 -8.82
N PHE A 32 -1.28 -1.24 -8.70
CA PHE A 32 -1.10 -2.26 -7.67
C PHE A 32 0.36 -2.69 -7.48
N GLN A 33 0.98 -3.21 -8.52
CA GLN A 33 2.34 -3.73 -8.39
C GLN A 33 3.38 -2.69 -8.06
N GLU A 34 3.15 -1.46 -8.47
CA GLU A 34 4.10 -0.41 -8.24
C GLU A 34 4.04 0.06 -6.82
N LEU A 35 2.85 0.05 -6.25
CA LEU A 35 2.69 0.49 -4.88
C LEU A 35 3.37 -0.52 -3.95
N LEU A 36 3.29 -1.81 -4.30
CA LEU A 36 4.00 -2.85 -3.55
C LEU A 36 5.51 -2.65 -3.61
N ASN A 37 5.98 -2.20 -4.75
CA ASN A 37 7.41 -1.90 -4.92
C ASN A 37 7.86 -0.79 -3.99
N GLU A 38 7.02 0.23 -3.87
CA GLU A 38 7.32 1.34 -2.97
C GLU A 38 7.17 0.94 -1.51
N ILE A 39 6.21 0.06 -1.22
CA ILE A 39 6.08 -0.46 0.13
C ILE A 39 7.34 -1.24 0.48
N ALA A 40 7.81 -2.07 -0.45
CA ALA A 40 9.01 -2.88 -0.26
C ALA A 40 10.26 -2.02 -0.07
N SER A 41 10.30 -0.85 -0.64
CA SER A 41 11.41 0.01 -0.40
C SER A 41 11.38 0.66 1.00
N LEU A 42 10.21 1.15 1.42
CA LEU A 42 10.04 1.75 2.75
C LEU A 42 10.15 0.68 3.85
N LEU A 43 9.54 -0.43 3.59
CA LEU A 43 9.57 -1.58 4.44
C LEU A 43 10.80 -2.40 4.11
N GLY A 44 11.78 -2.37 4.99
CA GLY A 44 13.04 -3.10 4.76
C GLY A 44 12.86 -4.61 4.76
N VAL A 45 12.44 -5.16 3.64
CA VAL A 45 12.17 -6.59 3.49
C VAL A 45 12.56 -7.06 2.12
N LYS A 46 12.23 -8.29 1.85
CA LYS A 46 12.30 -8.85 0.52
C LYS A 46 10.93 -8.70 -0.08
N LYS A 47 10.85 -8.47 -1.35
CA LYS A 47 9.56 -8.43 -1.99
C LYS A 47 8.90 -9.82 -1.97
N GLU A 48 9.70 -10.83 -1.87
CA GLU A 48 9.28 -12.24 -1.78
C GLU A 48 8.33 -12.46 -0.57
N GLU A 49 8.78 -12.03 0.62
CA GLU A 49 7.99 -12.19 1.84
C GLU A 49 6.79 -11.25 1.77
N LEU A 50 7.00 -10.13 1.11
CA LEU A 50 5.97 -9.18 0.88
C LEU A 50 5.03 -9.72 -0.18
N GLY A 51 5.50 -10.71 -0.94
CA GLY A 51 4.74 -11.34 -2.00
C GLY A 51 3.64 -12.15 -1.44
N ASP A 52 3.96 -12.93 -0.43
CA ASP A 52 2.91 -13.64 0.32
C ASP A 52 1.96 -12.64 0.89
N ARG A 53 2.54 -11.55 1.39
CA ARG A 53 1.75 -10.49 1.95
C ARG A 53 0.98 -9.71 0.85
N ILE A 54 1.35 -9.90 -0.44
CA ILE A 54 0.64 -9.31 -1.58
C ILE A 54 -0.67 -10.03 -1.77
N ALA A 55 -0.63 -11.33 -1.55
CA ALA A 55 -1.83 -12.13 -1.58
C ALA A 55 -2.76 -11.63 -0.45
N GLN A 56 -2.15 -11.38 0.71
CA GLN A 56 -2.87 -10.83 1.85
C GLN A 56 -3.39 -9.44 1.50
N PHE A 57 -2.59 -8.71 0.75
CA PHE A 57 -2.91 -7.37 0.36
C PHE A 57 -4.07 -7.37 -0.60
N TYR A 58 -4.16 -8.37 -1.47
CA TYR A 58 -5.34 -8.52 -2.32
C TYR A 58 -6.58 -8.60 -1.48
N THR A 59 -6.52 -9.38 -0.42
CA THR A 59 -7.65 -9.52 0.48
C THR A 59 -7.91 -8.20 1.28
N ASP A 60 -6.86 -7.69 1.90
CA ASP A 60 -6.91 -6.53 2.81
C ASP A 60 -7.31 -5.25 2.06
N LEU A 61 -6.78 -5.07 0.88
CA LEU A 61 -7.08 -3.93 0.05
C LEU A 61 -8.46 -4.05 -0.57
N ASN A 62 -8.88 -5.28 -0.86
CA ASN A 62 -10.18 -5.52 -1.49
C ASN A 62 -11.32 -5.18 -0.53
N ILE A 63 -11.14 -5.51 0.75
CA ILE A 63 -12.13 -5.16 1.77
C ILE A 63 -11.95 -3.70 2.18
N ASP A 64 -10.78 -3.20 1.82
CA ASP A 64 -10.31 -1.82 1.94
C ASP A 64 -10.31 -1.24 3.34
N GLY A 65 -9.60 -0.17 3.45
CA GLY A 65 -9.53 0.58 4.65
C GLY A 65 -9.63 2.02 4.28
N ARG A 66 -10.81 2.36 3.74
CA ARG A 66 -11.23 3.72 3.28
C ARG A 66 -10.54 4.01 1.94
N PHE A 67 -10.24 2.93 1.24
CA PHE A 67 -9.51 2.98 -0.01
C PHE A 67 -10.49 2.97 -1.18
N LEU A 68 -9.97 3.13 -2.38
CA LEU A 68 -10.78 3.20 -3.56
C LEU A 68 -10.00 2.75 -4.80
N ALA A 69 -10.64 1.96 -5.65
CA ALA A 69 -10.09 1.64 -6.94
C ALA A 69 -10.67 2.63 -7.90
N LEU A 70 -9.83 3.30 -8.63
CA LEU A 70 -10.27 4.41 -9.46
C LEU A 70 -11.00 4.02 -10.74
N SER A 71 -10.27 3.84 -11.83
CA SER A 71 -10.93 3.66 -13.06
C SER A 71 -10.98 2.21 -13.53
N ASP A 72 -9.83 1.63 -13.81
CA ASP A 72 -9.87 0.30 -14.37
C ASP A 72 -9.07 -0.71 -13.58
N GLN A 73 -8.15 -0.25 -12.73
CA GLN A 73 -7.29 -1.14 -11.93
C GLN A 73 -6.64 -0.36 -10.83
N THR A 74 -6.06 0.77 -11.23
CA THR A 74 -5.29 1.63 -10.38
C THR A 74 -6.12 2.07 -9.17
N TRP A 75 -5.52 2.00 -8.03
CA TRP A 75 -6.18 2.38 -6.84
C TRP A 75 -5.83 3.81 -6.54
N GLY A 76 -6.52 4.37 -5.60
CA GLY A 76 -6.30 5.71 -5.24
C GLY A 76 -6.97 6.03 -3.96
N LEU A 77 -7.07 7.28 -3.66
CA LEU A 77 -7.67 7.67 -2.44
C LEU A 77 -9.05 8.21 -2.64
N ARG A 78 -9.90 7.71 -1.82
CA ARG A 78 -11.32 7.99 -1.76
C ARG A 78 -11.52 9.38 -1.12
N SER A 79 -10.42 9.92 -0.65
CA SER A 79 -10.37 11.19 -0.01
C SER A 79 -10.14 12.32 -1.04
N TRP A 80 -9.52 12.00 -2.19
CA TRP A 80 -9.25 13.03 -3.21
C TRP A 80 -10.52 13.36 -3.94
N TYR A 81 -11.15 12.33 -4.40
CA TYR A 81 -12.36 12.42 -5.14
C TYR A 81 -13.30 11.41 -4.55
N GLY A 1 4.79 10.36 6.32
CA GLY A 1 4.72 9.04 6.86
C GLY A 1 5.40 8.06 5.97
N ILE A 2 5.95 7.04 6.58
CA ILE A 2 6.43 5.88 5.86
C ILE A 2 7.81 6.02 5.14
N LYS A 3 8.07 7.12 4.43
CA LYS A 3 9.28 7.19 3.59
C LYS A 3 10.60 7.36 4.34
N GLN A 4 10.55 7.51 5.62
CA GLN A 4 11.79 7.59 6.39
C GLN A 4 11.71 6.68 7.61
N TYR A 5 10.85 5.69 7.54
CA TYR A 5 10.72 4.75 8.63
C TYR A 5 11.56 3.53 8.37
N SER A 6 11.91 2.86 9.43
CA SER A 6 12.68 1.65 9.34
C SER A 6 11.71 0.45 9.27
N GLN A 7 12.22 -0.75 8.97
CA GLN A 7 11.37 -1.92 8.73
C GLN A 7 10.46 -2.26 9.92
N GLU A 8 10.98 -2.20 11.14
CA GLU A 8 10.18 -2.48 12.34
C GLU A 8 9.08 -1.48 12.48
N GLU A 9 9.47 -0.27 12.38
CA GLU A 9 8.64 0.90 12.47
C GLU A 9 7.45 0.81 11.46
N LEU A 10 7.79 0.37 10.26
CA LEU A 10 6.82 0.19 9.19
C LEU A 10 5.89 -1.01 9.42
N LYS A 11 6.42 -2.12 9.93
CA LYS A 11 5.65 -3.37 10.08
C LYS A 11 4.67 -3.30 11.26
N GLU A 12 4.70 -2.21 11.99
CA GLU A 12 3.78 -2.01 13.10
C GLU A 12 2.46 -1.44 12.58
N MET A 13 2.46 -1.13 11.32
CA MET A 13 1.30 -0.65 10.60
C MET A 13 0.88 -1.77 9.68
N ALA A 14 -0.41 -2.00 9.54
CA ALA A 14 -0.88 -3.02 8.65
C ALA A 14 -0.68 -2.57 7.21
N LEU A 15 -0.57 -3.51 6.29
CA LEU A 15 -0.23 -3.20 4.91
C LEU A 15 -1.24 -2.28 4.19
N VAL A 16 -2.52 -2.38 4.51
CA VAL A 16 -3.52 -1.49 3.92
C VAL A 16 -3.38 -0.08 4.52
N GLU A 17 -2.94 -0.03 5.75
CA GLU A 17 -2.76 1.20 6.49
C GLU A 17 -1.56 1.94 5.94
N ILE A 18 -0.50 1.18 5.66
CA ILE A 18 0.72 1.72 5.04
C ILE A 18 0.37 2.33 3.68
N ALA A 19 -0.41 1.58 2.90
CA ALA A 19 -0.85 2.03 1.59
C ALA A 19 -1.70 3.30 1.69
N HIS A 20 -2.56 3.35 2.72
CA HIS A 20 -3.37 4.53 3.01
C HIS A 20 -2.48 5.77 3.15
N GLU A 21 -1.46 5.65 3.97
CA GLU A 21 -0.52 6.74 4.23
C GLU A 21 0.21 7.11 2.95
N LEU A 22 0.56 6.08 2.20
CA LEU A 22 1.29 6.18 0.96
C LEU A 22 0.53 7.06 -0.03
N PHE A 23 -0.75 6.81 -0.19
CA PHE A 23 -1.58 7.59 -1.10
C PHE A 23 -1.88 8.97 -0.58
N GLU A 24 -2.02 9.09 0.71
CA GLU A 24 -2.28 10.39 1.31
C GLU A 24 -1.07 11.31 1.16
N GLU A 25 0.12 10.73 1.23
CA GLU A 25 1.30 11.54 1.10
C GLU A 25 1.59 11.84 -0.37
N HIS A 26 1.42 10.84 -1.23
CA HIS A 26 1.65 11.04 -2.65
C HIS A 26 0.65 11.99 -3.25
N LYS A 27 -0.63 11.79 -2.89
CA LYS A 27 -1.77 12.57 -3.43
C LYS A 27 -1.88 12.35 -4.93
N LYS A 28 -1.45 11.18 -5.31
CA LYS A 28 -1.40 10.74 -6.66
C LYS A 28 -1.80 9.27 -6.66
N PRO A 29 -2.58 8.82 -7.65
CA PRO A 29 -2.90 7.42 -7.76
C PRO A 29 -1.71 6.63 -8.27
N VAL A 30 -1.49 5.49 -7.71
CA VAL A 30 -0.34 4.68 -8.02
C VAL A 30 -0.82 3.27 -8.34
N PRO A 31 -0.26 2.64 -9.40
CA PRO A 31 -0.58 1.26 -9.75
C PRO A 31 -0.36 0.32 -8.56
N PHE A 32 -1.21 -0.68 -8.47
CA PHE A 32 -1.22 -1.69 -7.40
C PHE A 32 0.18 -2.24 -7.12
N GLN A 33 0.86 -2.64 -8.14
CA GLN A 33 2.15 -3.23 -8.02
C GLN A 33 3.22 -2.22 -7.60
N GLU A 34 3.04 -0.97 -7.98
CA GLU A 34 4.03 0.06 -7.79
C GLU A 34 4.03 0.54 -6.37
N LEU A 35 2.85 0.57 -5.79
CA LEU A 35 2.71 0.98 -4.41
C LEU A 35 3.40 -0.05 -3.52
N LEU A 36 3.24 -1.32 -3.89
CA LEU A 36 3.82 -2.42 -3.16
C LEU A 36 5.32 -2.44 -3.30
N ASN A 37 5.79 -2.08 -4.49
CA ASN A 37 7.23 -2.04 -4.77
C ASN A 37 7.93 -1.04 -3.88
N GLU A 38 7.36 0.14 -3.72
CA GLU A 38 8.00 1.13 -2.88
C GLU A 38 7.85 0.77 -1.41
N ILE A 39 6.71 0.18 -1.04
CA ILE A 39 6.51 -0.32 0.32
C ILE A 39 7.59 -1.33 0.66
N ALA A 40 7.76 -2.30 -0.21
CA ALA A 40 8.75 -3.37 -0.04
C ALA A 40 10.18 -2.85 -0.02
N SER A 41 10.43 -1.77 -0.70
CA SER A 41 11.74 -1.19 -0.66
C SER A 41 12.00 -0.48 0.69
N LEU A 42 11.03 0.29 1.14
CA LEU A 42 11.14 1.02 2.40
C LEU A 42 11.11 0.03 3.56
N LEU A 43 10.14 -0.84 3.53
CA LEU A 43 9.95 -1.89 4.48
C LEU A 43 10.90 -3.00 4.15
N GLY A 44 11.91 -3.15 4.97
CA GLY A 44 12.91 -4.21 4.78
C GLY A 44 12.36 -5.64 4.77
N VAL A 45 11.79 -6.04 3.66
CA VAL A 45 11.27 -7.38 3.44
C VAL A 45 11.62 -7.81 2.03
N LYS A 46 11.36 -9.06 1.72
CA LYS A 46 11.60 -9.56 0.37
C LYS A 46 10.34 -9.37 -0.43
N LYS A 47 10.46 -9.34 -1.72
CA LYS A 47 9.30 -9.22 -2.56
C LYS A 47 8.52 -10.53 -2.51
N GLU A 48 9.25 -11.63 -2.38
CA GLU A 48 8.71 -12.99 -2.35
C GLU A 48 7.64 -13.16 -1.23
N GLU A 49 8.07 -12.88 -0.01
CA GLU A 49 7.22 -13.03 1.17
C GLU A 49 6.09 -12.01 1.16
N LEU A 50 6.39 -10.81 0.66
CA LEU A 50 5.39 -9.81 0.56
C LEU A 50 4.46 -10.13 -0.61
N GLY A 51 4.91 -11.01 -1.50
CA GLY A 51 4.12 -11.46 -2.64
C GLY A 51 2.98 -12.30 -2.17
N ASP A 52 3.27 -13.15 -1.21
CA ASP A 52 2.23 -13.96 -0.55
C ASP A 52 1.27 -12.99 0.17
N ARG A 53 1.85 -11.94 0.70
CA ARG A 53 1.09 -10.86 1.31
C ARG A 53 0.37 -10.00 0.29
N ILE A 54 0.74 -10.10 -0.98
CA ILE A 54 0.04 -9.38 -2.05
C ILE A 54 -1.29 -10.06 -2.30
N ALA A 55 -1.29 -11.38 -2.20
CA ALA A 55 -2.53 -12.15 -2.28
C ALA A 55 -3.46 -11.72 -1.14
N GLN A 56 -2.88 -11.71 0.06
CA GLN A 56 -3.59 -11.26 1.26
C GLN A 56 -4.04 -9.82 1.07
N PHE A 57 -3.17 -9.02 0.45
CA PHE A 57 -3.40 -7.61 0.20
C PHE A 57 -4.60 -7.42 -0.70
N TYR A 58 -4.75 -8.25 -1.76
CA TYR A 58 -5.94 -8.18 -2.62
C TYR A 58 -7.18 -8.29 -1.77
N THR A 59 -7.19 -9.31 -0.95
CA THR A 59 -8.30 -9.56 -0.06
C THR A 59 -8.54 -8.38 0.92
N ASP A 60 -7.49 -8.01 1.64
CA ASP A 60 -7.54 -7.00 2.69
C ASP A 60 -7.92 -5.62 2.13
N LEU A 61 -7.41 -5.34 0.95
CA LEU A 61 -7.61 -4.08 0.26
C LEU A 61 -9.02 -4.00 -0.33
N ASN A 62 -9.51 -5.10 -0.87
CA ASN A 62 -10.81 -5.11 -1.53
C ASN A 62 -11.94 -4.94 -0.51
N ILE A 63 -11.70 -5.41 0.71
CA ILE A 63 -12.70 -5.30 1.77
C ILE A 63 -12.55 -3.98 2.54
N ASP A 64 -11.60 -3.15 2.12
CA ASP A 64 -11.37 -1.86 2.75
C ASP A 64 -12.32 -0.84 2.15
N GLY A 65 -12.82 0.05 2.98
CA GLY A 65 -13.80 1.01 2.52
C GLY A 65 -13.22 2.39 2.29
N ARG A 66 -11.96 2.57 2.59
CA ARG A 66 -11.29 3.85 2.42
C ARG A 66 -10.75 3.88 1.02
N PHE A 67 -10.28 2.73 0.62
CA PHE A 67 -9.71 2.51 -0.66
C PHE A 67 -10.71 2.49 -1.77
N LEU A 68 -10.19 2.84 -2.89
CA LEU A 68 -10.89 2.93 -4.09
C LEU A 68 -9.95 2.51 -5.20
N ALA A 69 -10.40 1.66 -6.07
CA ALA A 69 -9.61 1.28 -7.21
C ALA A 69 -10.00 2.17 -8.31
N LEU A 70 -9.07 2.83 -8.88
CA LEU A 70 -9.36 3.70 -9.96
C LEU A 70 -9.47 2.88 -11.26
N SER A 71 -9.37 3.59 -12.35
CA SER A 71 -9.67 3.09 -13.67
C SER A 71 -9.12 1.69 -14.05
N ASP A 72 -7.81 1.49 -14.09
CA ASP A 72 -7.31 0.20 -14.60
C ASP A 72 -6.37 -0.58 -13.68
N GLN A 73 -5.83 0.08 -12.69
CA GLN A 73 -4.69 -0.49 -11.97
C GLN A 73 -4.27 0.39 -10.82
N THR A 74 -4.55 1.65 -10.97
CA THR A 74 -4.24 2.62 -10.00
C THR A 74 -5.21 2.54 -8.84
N TRP A 75 -4.71 2.27 -7.67
CA TRP A 75 -5.54 2.29 -6.52
C TRP A 75 -5.35 3.63 -5.87
N GLY A 76 -6.23 3.99 -5.01
CA GLY A 76 -6.11 5.22 -4.35
C GLY A 76 -7.10 5.33 -3.25
N LEU A 77 -7.39 6.53 -2.90
CA LEU A 77 -8.26 6.79 -1.80
C LEU A 77 -9.55 7.34 -2.29
N ARG A 78 -10.62 6.87 -1.70
CA ARG A 78 -11.95 7.31 -2.03
C ARG A 78 -12.17 8.74 -1.56
N SER A 79 -11.36 9.16 -0.63
CA SER A 79 -11.43 10.48 -0.03
C SER A 79 -11.26 11.62 -1.08
N TRP A 80 -10.73 11.29 -2.27
CA TRP A 80 -10.54 12.31 -3.31
C TRP A 80 -11.76 12.43 -4.22
N TYR A 81 -12.49 11.33 -4.40
CA TYR A 81 -13.50 11.27 -5.45
C TYR A 81 -14.85 10.80 -4.88
N GLY A 1 3.99 11.05 5.50
CA GLY A 1 4.95 10.31 4.71
C GLY A 1 5.09 8.91 5.19
N ILE A 2 5.14 7.98 4.29
CA ILE A 2 5.26 6.61 4.68
C ILE A 2 6.74 6.21 4.65
N LYS A 3 7.51 6.94 3.85
CA LYS A 3 8.96 6.69 3.70
C LYS A 3 9.75 7.11 4.95
N GLN A 4 9.03 7.65 5.91
CA GLN A 4 9.62 8.12 7.15
C GLN A 4 9.79 6.97 8.08
N TYR A 5 9.00 5.96 7.84
CA TYR A 5 8.96 4.85 8.72
C TYR A 5 9.84 3.70 8.21
N SER A 6 10.07 2.71 9.05
CA SER A 6 10.88 1.57 8.68
C SER A 6 10.08 0.25 8.84
N GLN A 7 10.73 -0.89 8.56
CA GLN A 7 10.06 -2.22 8.56
C GLN A 7 9.42 -2.57 9.90
N GLU A 8 10.11 -2.29 10.99
CA GLU A 8 9.65 -2.55 12.36
C GLU A 8 8.30 -1.89 12.62
N GLU A 9 8.16 -0.72 12.09
CA GLU A 9 6.95 0.04 12.20
C GLU A 9 5.88 -0.60 11.33
N LEU A 10 6.22 -0.76 10.08
CA LEU A 10 5.33 -1.28 9.05
C LEU A 10 4.78 -2.68 9.37
N LYS A 11 5.58 -3.54 10.01
CA LYS A 11 5.10 -4.88 10.37
C LYS A 11 4.05 -4.83 11.47
N GLU A 12 4.11 -3.80 12.28
CA GLU A 12 3.18 -3.64 13.36
C GLU A 12 1.95 -2.86 12.86
N MET A 13 2.15 -2.12 11.78
CA MET A 13 1.07 -1.37 11.15
C MET A 13 0.16 -2.31 10.42
N ALA A 14 -1.06 -1.89 10.22
CA ALA A 14 -1.94 -2.62 9.38
C ALA A 14 -1.49 -2.33 7.95
N LEU A 15 -1.33 -3.38 7.16
CA LEU A 15 -0.78 -3.25 5.82
C LEU A 15 -1.56 -2.30 4.91
N VAL A 16 -2.87 -2.25 5.07
CA VAL A 16 -3.70 -1.34 4.30
C VAL A 16 -3.44 0.13 4.71
N GLU A 17 -3.02 0.35 5.95
CA GLU A 17 -2.76 1.69 6.44
C GLU A 17 -1.50 2.25 5.85
N ILE A 18 -0.51 1.37 5.70
CA ILE A 18 0.77 1.72 5.08
C ILE A 18 0.50 2.30 3.69
N ALA A 19 -0.35 1.62 2.97
CA ALA A 19 -0.72 2.02 1.65
C ALA A 19 -1.58 3.30 1.64
N HIS A 20 -2.40 3.50 2.69
CA HIS A 20 -3.19 4.75 2.78
C HIS A 20 -2.25 5.93 2.85
N GLU A 21 -1.26 5.80 3.73
CA GLU A 21 -0.26 6.83 3.94
C GLU A 21 0.49 7.07 2.64
N LEU A 22 0.82 5.99 1.96
CA LEU A 22 1.52 5.99 0.68
C LEU A 22 0.78 6.85 -0.36
N PHE A 23 -0.51 6.68 -0.41
CA PHE A 23 -1.30 7.41 -1.35
C PHE A 23 -1.55 8.83 -0.97
N GLU A 24 -1.78 9.11 0.30
CA GLU A 24 -1.98 10.50 0.68
C GLU A 24 -0.65 11.27 0.64
N GLU A 25 0.46 10.52 0.73
CA GLU A 25 1.80 11.08 0.60
C GLU A 25 2.00 11.62 -0.81
N HIS A 26 1.68 10.80 -1.79
CA HIS A 26 1.88 11.19 -3.17
C HIS A 26 0.76 12.04 -3.71
N LYS A 27 -0.48 11.71 -3.30
CA LYS A 27 -1.72 12.37 -3.76
C LYS A 27 -1.90 12.11 -5.25
N LYS A 28 -1.48 10.92 -5.64
CA LYS A 28 -1.42 10.48 -7.01
C LYS A 28 -1.78 9.01 -7.01
N PRO A 29 -2.58 8.54 -7.96
CA PRO A 29 -2.93 7.12 -8.06
C PRO A 29 -1.78 6.32 -8.65
N VAL A 30 -1.43 5.26 -7.99
CA VAL A 30 -0.32 4.43 -8.40
C VAL A 30 -0.84 3.01 -8.58
N PRO A 31 -0.46 2.33 -9.68
CA PRO A 31 -0.83 0.93 -9.93
C PRO A 31 -0.48 0.04 -8.74
N PHE A 32 -1.36 -0.93 -8.46
CA PHE A 32 -1.23 -1.86 -7.34
C PHE A 32 0.17 -2.46 -7.25
N GLN A 33 0.71 -2.85 -8.37
CA GLN A 33 2.03 -3.46 -8.41
C GLN A 33 3.14 -2.47 -8.03
N GLU A 34 2.98 -1.22 -8.42
CA GLU A 34 4.02 -0.23 -8.28
C GLU A 34 4.08 0.31 -6.89
N LEU A 35 2.92 0.41 -6.25
CA LEU A 35 2.84 0.89 -4.89
C LEU A 35 3.56 -0.12 -3.99
N LEU A 36 3.38 -1.39 -4.31
CA LEU A 36 3.99 -2.48 -3.58
C LEU A 36 5.49 -2.50 -3.78
N ASN A 37 5.93 -2.10 -4.95
CA ASN A 37 7.34 -2.08 -5.25
C ASN A 37 8.09 -1.09 -4.39
N GLU A 38 7.53 0.10 -4.23
CA GLU A 38 8.17 1.07 -3.36
C GLU A 38 8.03 0.67 -1.91
N ILE A 39 6.91 0.02 -1.57
CA ILE A 39 6.72 -0.51 -0.23
C ILE A 39 7.80 -1.52 0.09
N ALA A 40 8.04 -2.49 -0.79
CA ALA A 40 9.05 -3.53 -0.54
C ALA A 40 10.45 -2.95 -0.37
N SER A 41 10.71 -1.86 -1.01
CA SER A 41 11.97 -1.18 -0.79
C SER A 41 11.99 -0.43 0.57
N LEU A 42 10.93 0.30 0.86
CA LEU A 42 10.87 1.09 2.08
C LEU A 42 10.74 0.16 3.30
N LEU A 43 9.93 -0.83 3.15
CA LEU A 43 9.74 -1.86 4.12
C LEU A 43 10.94 -2.75 3.94
N GLY A 44 11.79 -2.80 4.93
CA GLY A 44 13.03 -3.61 4.88
C GLY A 44 12.84 -5.13 4.67
N VAL A 45 12.29 -5.51 3.55
CA VAL A 45 12.06 -6.89 3.17
C VAL A 45 12.35 -7.03 1.68
N LYS A 46 11.97 -8.15 1.10
CA LYS A 46 12.10 -8.35 -0.31
C LYS A 46 10.75 -8.63 -0.96
N LYS A 47 10.70 -8.33 -2.24
CA LYS A 47 9.51 -8.43 -3.10
C LYS A 47 8.77 -9.79 -3.01
N GLU A 48 9.51 -10.88 -2.84
CA GLU A 48 8.94 -12.25 -2.82
C GLU A 48 7.96 -12.45 -1.67
N GLU A 49 8.44 -12.16 -0.49
CA GLU A 49 7.67 -12.32 0.72
C GLU A 49 6.57 -11.30 0.80
N LEU A 50 6.83 -10.15 0.20
CA LEU A 50 5.82 -9.17 0.08
C LEU A 50 4.80 -9.65 -0.93
N GLY A 51 5.20 -10.56 -1.83
CA GLY A 51 4.31 -11.13 -2.85
C GLY A 51 3.23 -11.97 -2.22
N ASP A 52 3.62 -12.79 -1.25
CA ASP A 52 2.65 -13.58 -0.47
C ASP A 52 1.69 -12.61 0.17
N ARG A 53 2.30 -11.59 0.72
CA ARG A 53 1.60 -10.55 1.41
C ARG A 53 0.79 -9.67 0.42
N ILE A 54 1.08 -9.77 -0.89
CA ILE A 54 0.37 -9.05 -1.97
C ILE A 54 -0.98 -9.65 -2.14
N ALA A 55 -1.04 -10.95 -2.10
CA ALA A 55 -2.31 -11.62 -2.20
C ALA A 55 -3.17 -11.28 -0.98
N GLN A 56 -2.54 -11.29 0.19
CA GLN A 56 -3.25 -10.96 1.42
C GLN A 56 -3.68 -9.46 1.38
N PHE A 57 -2.76 -8.61 0.97
CA PHE A 57 -2.95 -7.17 0.84
C PHE A 57 -4.07 -6.86 -0.15
N TYR A 58 -4.20 -7.72 -1.13
CA TYR A 58 -5.22 -7.60 -2.15
C TYR A 58 -6.58 -7.66 -1.45
N THR A 59 -6.77 -8.73 -0.69
CA THR A 59 -7.98 -8.94 0.10
C THR A 59 -8.17 -7.77 1.08
N ASP A 60 -7.07 -7.38 1.68
CA ASP A 60 -7.01 -6.35 2.70
C ASP A 60 -7.47 -4.99 2.15
N LEU A 61 -7.17 -4.74 0.87
CA LEU A 61 -7.62 -3.52 0.21
C LEU A 61 -9.11 -3.60 -0.09
N ASN A 62 -9.57 -4.79 -0.45
CA ASN A 62 -10.96 -5.00 -0.85
C ASN A 62 -11.91 -4.75 0.32
N ILE A 63 -11.48 -5.13 1.51
CA ILE A 63 -12.30 -4.98 2.73
C ILE A 63 -12.12 -3.61 3.39
N ASP A 64 -11.40 -2.73 2.75
CA ASP A 64 -11.17 -1.39 3.30
C ASP A 64 -11.96 -0.36 2.51
N GLY A 65 -12.62 0.53 3.21
CA GLY A 65 -13.44 1.52 2.54
C GLY A 65 -12.71 2.83 2.31
N ARG A 66 -11.49 2.91 2.78
CA ARG A 66 -10.68 4.12 2.61
C ARG A 66 -9.94 4.04 1.27
N PHE A 67 -9.77 2.82 0.80
CA PHE A 67 -9.18 2.55 -0.49
C PHE A 67 -10.19 2.50 -1.59
N LEU A 68 -9.75 2.80 -2.76
CA LEU A 68 -10.54 2.66 -3.94
C LEU A 68 -9.65 2.37 -5.10
N ALA A 69 -9.95 1.33 -5.82
CA ALA A 69 -9.24 1.09 -7.04
C ALA A 69 -9.87 1.89 -8.10
N LEU A 70 -9.09 2.67 -8.77
CA LEU A 70 -9.56 3.31 -9.94
C LEU A 70 -9.64 2.19 -11.00
N SER A 71 -10.29 2.45 -12.11
CA SER A 71 -10.60 1.41 -13.11
C SER A 71 -9.36 0.63 -13.66
N ASP A 72 -8.17 1.14 -13.45
CA ASP A 72 -7.00 0.50 -14.01
C ASP A 72 -6.17 -0.23 -12.97
N GLN A 73 -6.79 -0.55 -11.82
CA GLN A 73 -6.08 -1.24 -10.70
C GLN A 73 -5.05 -0.31 -10.13
N THR A 74 -5.27 0.90 -10.41
CA THR A 74 -4.56 1.97 -9.88
C THR A 74 -5.27 2.35 -8.60
N TRP A 75 -4.67 2.12 -7.51
CA TRP A 75 -5.35 2.32 -6.28
C TRP A 75 -5.07 3.67 -5.76
N GLY A 76 -6.00 4.15 -5.03
CA GLY A 76 -5.85 5.38 -4.39
C GLY A 76 -6.83 5.51 -3.30
N LEU A 77 -7.13 6.69 -2.96
CA LEU A 77 -7.96 6.92 -1.82
C LEU A 77 -9.36 7.23 -2.23
N ARG A 78 -10.25 6.65 -1.50
CA ARG A 78 -11.66 6.73 -1.73
C ARG A 78 -12.16 8.17 -1.46
N SER A 79 -11.57 8.81 -0.48
CA SER A 79 -11.97 10.14 -0.10
C SER A 79 -11.21 11.24 -0.87
N TRP A 80 -10.54 10.88 -1.96
CA TRP A 80 -9.87 11.88 -2.82
C TRP A 80 -10.89 12.65 -3.62
N TYR A 81 -11.69 11.92 -4.30
CA TYR A 81 -12.66 12.43 -5.21
C TYR A 81 -14.02 12.42 -4.48
N GLY A 1 2.69 9.68 8.26
CA GLY A 1 3.93 9.62 7.50
C GLY A 1 4.10 8.28 6.86
N ILE A 2 5.02 8.13 5.91
CA ILE A 2 5.20 6.84 5.29
C ILE A 2 6.71 6.44 5.14
N LYS A 3 7.52 7.25 4.48
CA LYS A 3 8.93 6.89 4.22
C LYS A 3 9.79 6.93 5.47
N GLN A 4 9.34 7.65 6.47
CA GLN A 4 10.11 7.82 7.70
C GLN A 4 9.89 6.67 8.68
N TYR A 5 9.13 5.67 8.28
CA TYR A 5 8.96 4.47 9.10
C TYR A 5 10.15 3.52 8.92
N SER A 6 10.34 2.65 9.88
CA SER A 6 11.33 1.59 9.80
C SER A 6 10.62 0.27 9.53
N GLN A 7 11.36 -0.82 9.41
CA GLN A 7 10.78 -2.07 8.99
C GLN A 7 9.78 -2.62 9.97
N GLU A 8 10.20 -2.74 11.22
CA GLU A 8 9.36 -3.37 12.24
C GLU A 8 8.08 -2.58 12.42
N GLU A 9 8.24 -1.26 12.33
CA GLU A 9 7.17 -0.29 12.41
C GLU A 9 6.07 -0.64 11.39
N LEU A 10 6.47 -0.78 10.14
CA LEU A 10 5.59 -1.04 9.00
C LEU A 10 5.03 -2.45 9.06
N LYS A 11 5.87 -3.33 9.49
CA LYS A 11 5.65 -4.76 9.49
C LYS A 11 4.47 -5.16 10.40
N GLU A 12 4.20 -4.36 11.41
CA GLU A 12 3.16 -4.68 12.36
C GLU A 12 1.91 -3.82 12.21
N MET A 13 1.88 -2.98 11.21
CA MET A 13 0.71 -2.15 10.98
C MET A 13 -0.07 -2.69 9.81
N ALA A 14 -1.33 -2.29 9.69
CA ALA A 14 -2.16 -2.75 8.58
C ALA A 14 -1.58 -2.25 7.27
N LEU A 15 -1.43 -3.13 6.32
CA LEU A 15 -0.79 -2.78 5.07
C LEU A 15 -1.62 -1.86 4.20
N VAL A 16 -2.93 -1.89 4.37
CA VAL A 16 -3.81 -0.94 3.73
C VAL A 16 -3.47 0.51 4.18
N GLU A 17 -3.09 0.68 5.46
CA GLU A 17 -2.71 2.00 5.97
C GLU A 17 -1.36 2.42 5.47
N ILE A 18 -0.49 1.44 5.30
CA ILE A 18 0.84 1.68 4.75
C ILE A 18 0.65 2.29 3.36
N ALA A 19 -0.21 1.65 2.61
CA ALA A 19 -0.58 2.11 1.29
C ALA A 19 -1.32 3.46 1.37
N HIS A 20 -2.22 3.61 2.34
CA HIS A 20 -2.93 4.89 2.54
C HIS A 20 -1.95 6.05 2.68
N GLU A 21 -1.01 5.94 3.60
CA GLU A 21 -0.02 7.00 3.82
C GLU A 21 0.84 7.22 2.58
N LEU A 22 1.11 6.15 1.87
CA LEU A 22 1.84 6.14 0.62
C LEU A 22 1.10 7.03 -0.39
N PHE A 23 -0.18 6.82 -0.49
CA PHE A 23 -1.01 7.57 -1.40
C PHE A 23 -1.30 8.98 -0.91
N GLU A 24 -1.20 9.20 0.37
CA GLU A 24 -1.33 10.54 0.93
C GLU A 24 -0.18 11.41 0.49
N GLU A 25 1.01 10.83 0.51
CA GLU A 25 2.20 11.52 0.09
C GLU A 25 2.14 11.77 -1.42
N HIS A 26 1.88 10.70 -2.16
CA HIS A 26 1.88 10.76 -3.61
C HIS A 26 0.74 11.63 -4.17
N LYS A 27 -0.49 11.46 -3.65
CA LYS A 27 -1.71 12.17 -4.17
C LYS A 27 -1.90 11.84 -5.64
N LYS A 28 -1.53 10.65 -5.94
CA LYS A 28 -1.48 10.09 -7.25
C LYS A 28 -1.93 8.65 -7.17
N PRO A 29 -2.93 8.25 -7.98
CA PRO A 29 -3.32 6.86 -8.07
C PRO A 29 -2.21 6.07 -8.74
N VAL A 30 -1.89 4.95 -8.18
CA VAL A 30 -0.73 4.21 -8.59
C VAL A 30 -1.16 2.80 -8.97
N PRO A 31 -0.58 2.25 -10.06
CA PRO A 31 -0.79 0.86 -10.45
C PRO A 31 -0.39 -0.06 -9.29
N PHE A 32 -1.08 -1.18 -9.20
CA PHE A 32 -0.95 -2.11 -8.09
C PHE A 32 0.49 -2.61 -7.93
N GLN A 33 1.18 -2.77 -9.03
CA GLN A 33 2.54 -3.29 -9.02
C GLN A 33 3.52 -2.25 -8.41
N GLU A 34 3.30 -0.95 -8.66
CA GLU A 34 4.25 0.05 -8.21
C GLU A 34 4.09 0.29 -6.75
N LEU A 35 2.85 0.29 -6.29
CA LEU A 35 2.55 0.51 -4.90
C LEU A 35 3.14 -0.58 -4.01
N LEU A 36 3.19 -1.81 -4.53
CA LEU A 36 3.78 -2.93 -3.81
C LEU A 36 5.27 -2.73 -3.70
N ASN A 37 5.87 -2.31 -4.80
CA ASN A 37 7.29 -1.98 -4.85
C ASN A 37 7.65 -0.87 -3.88
N GLU A 38 6.78 0.13 -3.81
CA GLU A 38 6.89 1.22 -2.85
C GLU A 38 6.95 0.62 -1.44
N ILE A 39 5.94 -0.17 -1.11
CA ILE A 39 5.80 -0.83 0.20
C ILE A 39 7.03 -1.67 0.52
N ALA A 40 7.43 -2.51 -0.41
CA ALA A 40 8.57 -3.40 -0.22
C ALA A 40 9.86 -2.64 -0.01
N SER A 41 9.98 -1.47 -0.60
CA SER A 41 11.12 -0.61 -0.39
C SER A 41 11.05 0.05 0.99
N LEU A 42 9.85 0.44 1.41
CA LEU A 42 9.64 1.05 2.72
C LEU A 42 10.11 0.09 3.80
N LEU A 43 9.67 -1.14 3.70
CA LEU A 43 10.11 -2.15 4.61
C LEU A 43 11.48 -2.62 4.19
N GLY A 44 12.37 -2.78 5.11
CA GLY A 44 13.67 -3.35 4.80
C GLY A 44 13.60 -4.87 4.58
N VAL A 45 12.75 -5.30 3.66
CA VAL A 45 12.48 -6.71 3.40
C VAL A 45 12.71 -7.04 1.93
N LYS A 46 12.52 -8.30 1.57
CA LYS A 46 12.66 -8.73 0.19
C LYS A 46 11.28 -8.77 -0.45
N LYS A 47 11.23 -8.83 -1.76
CA LYS A 47 9.96 -8.90 -2.47
C LYS A 47 9.26 -10.24 -2.20
N GLU A 48 10.03 -11.27 -1.90
CA GLU A 48 9.51 -12.63 -1.66
C GLU A 48 8.46 -12.66 -0.53
N GLU A 49 8.88 -12.21 0.63
CA GLU A 49 8.05 -12.19 1.83
C GLU A 49 6.94 -11.17 1.68
N LEU A 50 7.22 -10.11 0.94
CA LEU A 50 6.25 -9.10 0.68
C LEU A 50 5.27 -9.64 -0.36
N GLY A 51 5.69 -10.68 -1.09
CA GLY A 51 4.85 -11.36 -2.06
C GLY A 51 3.74 -12.07 -1.35
N ASP A 52 4.10 -12.71 -0.25
CA ASP A 52 3.11 -13.33 0.64
C ASP A 52 2.14 -12.25 1.09
N ARG A 53 2.72 -11.11 1.43
CA ARG A 53 1.96 -9.95 1.82
C ARG A 53 1.14 -9.36 0.67
N ILE A 54 1.48 -9.67 -0.57
CA ILE A 54 0.70 -9.21 -1.73
C ILE A 54 -0.63 -9.93 -1.74
N ALA A 55 -0.58 -11.22 -1.42
CA ALA A 55 -1.80 -12.02 -1.33
C ALA A 55 -2.70 -11.47 -0.20
N GLN A 56 -2.09 -11.29 0.96
CA GLN A 56 -2.81 -10.77 2.13
C GLN A 56 -3.28 -9.33 1.82
N PHE A 57 -2.52 -8.64 1.00
CA PHE A 57 -2.83 -7.28 0.59
C PHE A 57 -4.06 -7.26 -0.26
N TYR A 58 -4.27 -8.30 -1.09
CA TYR A 58 -5.51 -8.40 -1.84
C TYR A 58 -6.67 -8.45 -0.89
N THR A 59 -6.54 -9.27 0.14
CA THR A 59 -7.59 -9.37 1.15
C THR A 59 -7.80 -8.01 1.86
N ASP A 60 -6.71 -7.51 2.41
CA ASP A 60 -6.67 -6.31 3.26
C ASP A 60 -7.14 -5.06 2.52
N LEU A 61 -6.70 -4.92 1.29
CA LEU A 61 -7.01 -3.77 0.46
C LEU A 61 -8.44 -3.81 -0.11
N ASN A 62 -8.84 -4.98 -0.64
CA ASN A 62 -10.13 -5.11 -1.35
C ASN A 62 -11.34 -4.85 -0.46
N ILE A 63 -11.25 -5.29 0.78
CA ILE A 63 -12.38 -5.19 1.71
C ILE A 63 -12.49 -3.79 2.33
N ASP A 64 -11.69 -2.87 1.86
CA ASP A 64 -11.67 -1.55 2.42
C ASP A 64 -12.28 -0.52 1.48
N GLY A 65 -12.94 0.47 2.05
CA GLY A 65 -13.55 1.52 1.31
C GLY A 65 -12.90 2.87 1.56
N ARG A 66 -11.71 2.87 2.12
CA ARG A 66 -10.95 4.10 2.25
C ARG A 66 -10.13 4.19 0.98
N PHE A 67 -9.70 3.03 0.55
CA PHE A 67 -9.04 2.84 -0.72
C PHE A 67 -10.07 2.63 -1.80
N LEU A 68 -9.61 2.54 -3.04
CA LEU A 68 -10.48 2.40 -4.17
C LEU A 68 -9.72 2.05 -5.44
N ALA A 69 -10.18 1.03 -6.15
CA ALA A 69 -9.72 0.80 -7.49
C ALA A 69 -10.60 1.60 -8.37
N LEU A 70 -10.15 2.77 -8.67
CA LEU A 70 -10.88 3.66 -9.51
C LEU A 70 -10.99 3.11 -10.95
N SER A 71 -11.66 3.84 -11.81
CA SER A 71 -12.03 3.42 -13.19
C SER A 71 -10.94 2.73 -14.09
N ASP A 72 -9.70 2.65 -13.66
CA ASP A 72 -8.67 1.94 -14.42
C ASP A 72 -8.03 0.82 -13.64
N GLN A 73 -8.66 0.43 -12.53
CA GLN A 73 -8.18 -0.68 -11.66
C GLN A 73 -6.89 -0.34 -10.96
N THR A 74 -6.49 0.87 -11.14
CA THR A 74 -5.38 1.44 -10.45
C THR A 74 -5.90 1.90 -9.11
N TRP A 75 -5.13 1.77 -8.09
CA TRP A 75 -5.61 2.04 -6.79
C TRP A 75 -5.28 3.44 -6.37
N GLY A 76 -6.20 4.02 -5.69
CA GLY A 76 -6.04 5.32 -5.16
C GLY A 76 -6.88 5.45 -3.95
N LEU A 77 -6.95 6.62 -3.40
CA LEU A 77 -7.74 6.85 -2.22
C LEU A 77 -9.07 7.41 -2.59
N ARG A 78 -10.10 6.84 -2.02
CA ARG A 78 -11.45 7.30 -2.22
C ARG A 78 -11.63 8.65 -1.52
N SER A 79 -10.86 8.81 -0.46
CA SER A 79 -10.92 9.94 0.42
C SER A 79 -10.36 11.25 -0.17
N TRP A 80 -9.77 11.20 -1.38
CA TRP A 80 -9.33 12.44 -2.04
C TRP A 80 -10.54 13.18 -2.58
N TYR A 81 -11.58 12.44 -2.77
CA TYR A 81 -12.77 12.89 -3.40
C TYR A 81 -13.91 12.58 -2.41
N GLY A 1 7.25 11.55 4.34
CA GLY A 1 6.75 10.70 5.41
C GLY A 1 6.82 9.27 4.97
N ILE A 2 6.26 8.37 5.78
CA ILE A 2 6.14 6.90 5.56
C ILE A 2 7.47 6.11 5.30
N LYS A 3 8.46 6.71 4.65
CA LYS A 3 9.73 6.04 4.35
C LYS A 3 10.59 5.90 5.62
N GLN A 4 10.29 6.72 6.61
CA GLN A 4 11.01 6.73 7.88
C GLN A 4 10.57 5.62 8.84
N TYR A 5 9.69 4.76 8.38
CA TYR A 5 9.19 3.65 9.19
C TYR A 5 10.08 2.46 8.99
N SER A 6 10.59 1.92 10.06
CA SER A 6 11.40 0.72 10.00
C SER A 6 10.46 -0.46 9.61
N GLN A 7 11.01 -1.55 9.08
CA GLN A 7 10.16 -2.64 8.60
C GLN A 7 9.28 -3.22 9.69
N GLU A 8 9.79 -3.25 10.92
CA GLU A 8 9.08 -3.79 12.09
C GLU A 8 7.72 -3.11 12.23
N GLU A 9 7.72 -1.79 12.07
CA GLU A 9 6.52 -0.95 12.14
C GLU A 9 5.53 -1.43 11.10
N LEU A 10 6.03 -1.49 9.90
CA LEU A 10 5.30 -1.84 8.70
C LEU A 10 4.82 -3.31 8.73
N LYS A 11 5.54 -4.14 9.47
CA LYS A 11 5.21 -5.56 9.66
C LYS A 11 3.99 -5.72 10.55
N GLU A 12 3.90 -4.91 11.60
CA GLU A 12 2.80 -5.03 12.54
C GLU A 12 1.55 -4.40 12.00
N MET A 13 1.71 -3.25 11.43
CA MET A 13 0.58 -2.50 10.95
C MET A 13 0.15 -3.01 9.61
N ALA A 14 -1.15 -2.98 9.37
CA ALA A 14 -1.73 -3.45 8.13
C ALA A 14 -1.19 -2.65 6.97
N LEU A 15 -0.83 -3.34 5.91
CA LEU A 15 -0.22 -2.67 4.79
C LEU A 15 -1.18 -1.77 4.02
N VAL A 16 -2.49 -1.94 4.24
CA VAL A 16 -3.47 -1.02 3.67
C VAL A 16 -3.30 0.39 4.29
N GLU A 17 -2.88 0.44 5.56
CA GLU A 17 -2.66 1.72 6.24
C GLU A 17 -1.42 2.36 5.65
N ILE A 18 -0.46 1.51 5.37
CA ILE A 18 0.82 1.91 4.81
C ILE A 18 0.59 2.47 3.40
N ALA A 19 -0.19 1.71 2.63
CA ALA A 19 -0.59 2.10 1.28
C ALA A 19 -1.30 3.44 1.31
N HIS A 20 -2.15 3.64 2.33
CA HIS A 20 -2.86 4.89 2.54
C HIS A 20 -1.86 6.06 2.58
N GLU A 21 -0.76 5.87 3.29
CA GLU A 21 0.23 6.92 3.42
C GLU A 21 0.92 7.25 2.08
N LEU A 22 1.15 6.22 1.23
CA LEU A 22 1.73 6.49 -0.12
C LEU A 22 0.84 7.46 -0.87
N PHE A 23 -0.44 7.17 -0.86
CA PHE A 23 -1.40 7.94 -1.60
C PHE A 23 -1.72 9.27 -0.94
N GLU A 24 -1.51 9.36 0.34
CA GLU A 24 -1.69 10.62 1.04
C GLU A 24 -0.55 11.58 0.68
N GLU A 25 0.67 11.07 0.70
CA GLU A 25 1.84 11.88 0.39
C GLU A 25 1.91 12.20 -1.10
N HIS A 26 1.81 11.17 -1.93
CA HIS A 26 2.01 11.32 -3.37
C HIS A 26 0.76 11.83 -4.06
N LYS A 27 -0.42 11.36 -3.59
CA LYS A 27 -1.73 11.68 -4.19
C LYS A 27 -1.73 11.32 -5.67
N LYS A 28 -1.07 10.25 -5.96
CA LYS A 28 -0.87 9.78 -7.29
C LYS A 28 -1.65 8.52 -7.47
N PRO A 29 -2.40 8.39 -8.55
CA PRO A 29 -3.04 7.13 -8.86
C PRO A 29 -1.98 6.14 -9.31
N VAL A 30 -1.71 5.17 -8.49
CA VAL A 30 -0.60 4.27 -8.74
C VAL A 30 -1.13 2.86 -8.94
N PRO A 31 -0.63 2.16 -9.98
CA PRO A 31 -0.96 0.76 -10.22
C PRO A 31 -0.60 -0.10 -9.01
N PHE A 32 -1.36 -1.15 -8.81
CA PHE A 32 -1.22 -2.09 -7.71
C PHE A 32 0.24 -2.56 -7.59
N GLN A 33 0.81 -2.92 -8.72
CA GLN A 33 2.19 -3.40 -8.80
C GLN A 33 3.20 -2.37 -8.25
N GLU A 34 3.06 -1.13 -8.68
CA GLU A 34 4.03 -0.11 -8.39
C GLU A 34 3.87 0.46 -7.01
N LEU A 35 2.64 0.44 -6.49
CA LEU A 35 2.40 0.89 -5.14
C LEU A 35 3.06 -0.08 -4.16
N LEU A 36 3.03 -1.36 -4.53
CA LEU A 36 3.65 -2.41 -3.75
C LEU A 36 5.15 -2.28 -3.81
N ASN A 37 5.64 -1.73 -4.89
CA ASN A 37 7.06 -1.45 -5.00
C ASN A 37 7.47 -0.27 -4.17
N GLU A 38 6.59 0.74 -4.05
CA GLU A 38 6.86 1.86 -3.15
C GLU A 38 6.83 1.32 -1.72
N ILE A 39 5.83 0.48 -1.43
CA ILE A 39 5.69 -0.18 -0.14
C ILE A 39 6.93 -1.04 0.17
N ALA A 40 7.40 -1.79 -0.81
CA ALA A 40 8.57 -2.64 -0.64
C ALA A 40 9.83 -1.83 -0.37
N SER A 41 9.88 -0.64 -0.89
CA SER A 41 10.99 0.23 -0.61
C SER A 41 10.88 0.79 0.82
N LEU A 42 9.65 1.02 1.28
CA LEU A 42 9.40 1.50 2.63
C LEU A 42 9.89 0.47 3.60
N LEU A 43 9.49 -0.76 3.38
CA LEU A 43 9.90 -1.84 4.22
C LEU A 43 11.31 -2.25 3.87
N GLY A 44 12.19 -2.20 4.83
CA GLY A 44 13.53 -2.74 4.66
C GLY A 44 13.50 -4.28 4.64
N VAL A 45 12.84 -4.81 3.63
CA VAL A 45 12.60 -6.23 3.42
C VAL A 45 12.93 -6.56 1.98
N LYS A 46 12.52 -7.72 1.51
CA LYS A 46 12.62 -8.04 0.12
C LYS A 46 11.21 -8.17 -0.49
N LYS A 47 11.10 -8.07 -1.80
CA LYS A 47 9.82 -8.13 -2.51
C LYS A 47 9.10 -9.48 -2.30
N GLU A 48 9.87 -10.57 -2.25
CA GLU A 48 9.33 -11.95 -2.10
C GLU A 48 8.41 -12.10 -0.88
N GLU A 49 8.90 -11.69 0.27
CA GLU A 49 8.16 -11.84 1.53
C GLU A 49 6.93 -10.94 1.52
N LEU A 50 7.08 -9.78 0.90
CA LEU A 50 6.00 -8.87 0.78
C LEU A 50 5.00 -9.41 -0.23
N GLY A 51 5.47 -10.31 -1.10
CA GLY A 51 4.64 -10.96 -2.09
C GLY A 51 3.64 -11.87 -1.45
N ASP A 52 4.09 -12.59 -0.44
CA ASP A 52 3.20 -13.43 0.37
C ASP A 52 2.15 -12.52 0.97
N ARG A 53 2.63 -11.41 1.46
CA ARG A 53 1.79 -10.42 2.05
C ARG A 53 0.95 -9.67 0.98
N ILE A 54 1.29 -9.79 -0.31
CA ILE A 54 0.52 -9.20 -1.42
C ILE A 54 -0.78 -9.94 -1.59
N ALA A 55 -0.73 -11.25 -1.46
CA ALA A 55 -1.95 -12.05 -1.50
C ALA A 55 -2.81 -11.67 -0.29
N GLN A 56 -2.13 -11.55 0.84
CA GLN A 56 -2.76 -11.12 2.08
C GLN A 56 -3.35 -9.71 1.87
N PHE A 57 -2.63 -8.89 1.12
CA PHE A 57 -3.00 -7.53 0.80
C PHE A 57 -4.22 -7.51 -0.08
N TYR A 58 -4.41 -8.51 -0.92
CA TYR A 58 -5.63 -8.59 -1.69
C TYR A 58 -6.81 -8.68 -0.75
N THR A 59 -6.65 -9.47 0.28
CA THR A 59 -7.67 -9.55 1.30
C THR A 59 -7.77 -8.20 2.09
N ASP A 60 -6.63 -7.77 2.63
CA ASP A 60 -6.45 -6.58 3.51
C ASP A 60 -7.00 -5.30 2.84
N LEU A 61 -6.67 -5.13 1.59
CA LEU A 61 -7.03 -3.97 0.80
C LEU A 61 -8.51 -3.97 0.36
N ASN A 62 -9.00 -5.11 -0.12
CA ASN A 62 -10.35 -5.15 -0.73
C ASN A 62 -11.49 -5.10 0.28
N ILE A 63 -11.15 -5.07 1.55
CA ILE A 63 -12.14 -4.95 2.59
C ILE A 63 -12.13 -3.54 3.18
N ASP A 64 -11.36 -2.65 2.58
CA ASP A 64 -11.24 -1.28 3.06
C ASP A 64 -12.21 -0.35 2.34
N GLY A 65 -12.63 0.72 3.02
CA GLY A 65 -13.56 1.66 2.43
C GLY A 65 -12.97 3.06 2.29
N ARG A 66 -11.70 3.20 2.56
CA ARG A 66 -11.01 4.47 2.39
C ARG A 66 -10.31 4.41 1.07
N PHE A 67 -9.91 3.22 0.72
CA PHE A 67 -9.31 2.93 -0.52
C PHE A 67 -10.30 2.85 -1.63
N LEU A 68 -9.78 3.08 -2.79
CA LEU A 68 -10.53 3.11 -3.99
C LEU A 68 -9.72 2.53 -5.11
N ALA A 69 -10.32 1.65 -5.88
CA ALA A 69 -9.68 1.20 -7.07
C ALA A 69 -10.20 2.06 -8.17
N LEU A 70 -9.33 2.76 -8.76
CA LEU A 70 -9.65 3.55 -9.88
C LEU A 70 -9.90 2.61 -11.05
N SER A 71 -10.48 3.11 -12.09
CA SER A 71 -10.97 2.32 -13.22
C SER A 71 -9.95 1.35 -13.86
N ASP A 72 -8.68 1.48 -13.55
CA ASP A 72 -7.68 0.61 -14.18
C ASP A 72 -6.87 -0.20 -13.14
N GLN A 73 -7.50 -0.43 -11.98
CA GLN A 73 -6.91 -1.23 -10.87
C GLN A 73 -5.77 -0.46 -10.26
N THR A 74 -5.79 0.79 -10.53
CA THR A 74 -4.92 1.72 -9.94
C THR A 74 -5.55 2.09 -8.62
N TRP A 75 -4.85 1.96 -7.56
CA TRP A 75 -5.45 2.20 -6.30
C TRP A 75 -5.20 3.59 -5.86
N GLY A 76 -6.08 4.07 -5.03
CA GLY A 76 -5.99 5.38 -4.56
C GLY A 76 -6.87 5.58 -3.36
N LEU A 77 -7.19 6.81 -3.09
CA LEU A 77 -7.96 7.16 -1.94
C LEU A 77 -9.29 7.75 -2.34
N ARG A 78 -10.29 7.41 -1.60
CA ARG A 78 -11.65 7.87 -1.81
C ARG A 78 -11.80 9.32 -1.35
N SER A 79 -10.81 9.80 -0.64
CA SER A 79 -10.78 11.13 -0.09
C SER A 79 -10.62 12.21 -1.20
N TRP A 80 -10.06 11.83 -2.33
CA TRP A 80 -9.79 12.80 -3.39
C TRP A 80 -11.05 13.18 -4.14
N TYR A 81 -11.79 12.17 -4.53
CA TYR A 81 -12.91 12.37 -5.40
C TYR A 81 -14.20 12.32 -4.60
N GLY A 1 3.94 9.63 3.61
CA GLY A 1 4.36 9.16 4.92
C GLY A 1 4.88 7.76 4.85
N ILE A 2 4.93 7.09 6.01
CA ILE A 2 5.38 5.69 6.24
C ILE A 2 6.90 5.51 6.01
N LYS A 3 7.46 6.35 5.17
CA LYS A 3 8.87 6.32 4.77
C LYS A 3 9.84 6.68 5.90
N GLN A 4 9.36 7.30 6.94
CA GLN A 4 10.25 7.78 7.99
C GLN A 4 10.22 6.93 9.25
N TYR A 5 9.67 5.76 9.14
CA TYR A 5 9.72 4.79 10.22
C TYR A 5 10.90 3.88 9.98
N SER A 6 11.23 3.06 10.93
CA SER A 6 12.27 2.10 10.75
C SER A 6 11.67 0.70 10.52
N GLN A 7 12.53 -0.26 10.24
CA GLN A 7 12.14 -1.58 9.78
C GLN A 7 11.16 -2.31 10.70
N GLU A 8 11.49 -2.38 11.97
CA GLU A 8 10.71 -3.09 12.97
C GLU A 8 9.31 -2.50 13.06
N GLU A 9 9.27 -1.20 13.02
CA GLU A 9 8.03 -0.41 13.00
C GLU A 9 7.18 -0.75 11.82
N LEU A 10 7.79 -0.70 10.68
CA LEU A 10 7.14 -0.96 9.42
C LEU A 10 6.61 -2.39 9.37
N LYS A 11 7.39 -3.29 9.92
CA LYS A 11 7.02 -4.71 10.06
C LYS A 11 5.66 -4.87 10.78
N GLU A 12 5.39 -3.98 11.72
CA GLU A 12 4.18 -4.04 12.52
C GLU A 12 3.05 -3.18 11.95
N MET A 13 3.24 -2.66 10.76
CA MET A 13 2.23 -1.80 10.15
C MET A 13 1.36 -2.58 9.19
N ALA A 14 0.09 -2.24 9.15
CA ALA A 14 -0.88 -2.89 8.32
C ALA A 14 -0.73 -2.48 6.87
N LEU A 15 -1.03 -3.40 5.98
CA LEU A 15 -0.83 -3.24 4.55
C LEU A 15 -1.60 -2.04 4.01
N VAL A 16 -2.89 -1.97 4.31
CA VAL A 16 -3.76 -0.91 3.82
C VAL A 16 -3.32 0.47 4.34
N GLU A 17 -2.80 0.50 5.56
CA GLU A 17 -2.38 1.75 6.16
C GLU A 17 -1.09 2.24 5.51
N ILE A 18 -0.14 1.31 5.31
CA ILE A 18 1.13 1.61 4.62
C ILE A 18 0.84 2.15 3.22
N ALA A 19 -0.04 1.46 2.52
CA ALA A 19 -0.44 1.83 1.18
C ALA A 19 -1.10 3.21 1.17
N HIS A 20 -1.94 3.49 2.17
CA HIS A 20 -2.58 4.81 2.28
C HIS A 20 -1.53 5.90 2.35
N GLU A 21 -0.54 5.70 3.20
CA GLU A 21 0.51 6.70 3.43
C GLU A 21 1.29 6.97 2.15
N LEU A 22 1.44 5.94 1.36
CA LEU A 22 2.14 5.99 0.09
C LEU A 22 1.38 6.91 -0.87
N PHE A 23 0.11 6.66 -1.02
CA PHE A 23 -0.73 7.44 -1.93
C PHE A 23 -1.01 8.82 -1.42
N GLU A 24 -1.13 8.95 -0.11
CA GLU A 24 -1.45 10.21 0.52
C GLU A 24 -0.31 11.21 0.30
N GLU A 25 0.90 10.67 0.24
CA GLU A 25 2.08 11.47 0.01
C GLU A 25 2.18 11.87 -1.46
N HIS A 26 1.92 10.91 -2.34
CA HIS A 26 2.05 11.15 -3.78
C HIS A 26 0.96 12.07 -4.29
N LYS A 27 -0.26 11.86 -3.75
CA LYS A 27 -1.46 12.63 -4.11
C LYS A 27 -1.81 12.43 -5.58
N LYS A 28 -1.35 11.33 -6.11
CA LYS A 28 -1.49 10.96 -7.48
C LYS A 28 -1.82 9.49 -7.51
N PRO A 29 -2.59 9.02 -8.49
CA PRO A 29 -2.99 7.63 -8.56
C PRO A 29 -1.88 6.73 -9.08
N VAL A 30 -1.78 5.53 -8.52
CA VAL A 30 -0.71 4.59 -8.86
C VAL A 30 -1.30 3.18 -9.08
N PRO A 31 -0.93 2.50 -10.17
CA PRO A 31 -1.33 1.10 -10.44
C PRO A 31 -0.81 0.12 -9.38
N PHE A 32 -1.52 -0.99 -9.23
CA PHE A 32 -1.29 -2.01 -8.21
C PHE A 32 0.17 -2.48 -8.11
N GLN A 33 0.80 -2.78 -9.22
CA GLN A 33 2.15 -3.28 -9.18
C GLN A 33 3.17 -2.22 -8.79
N GLU A 34 2.90 -0.96 -9.11
CA GLU A 34 3.86 0.07 -8.87
C GLU A 34 3.83 0.46 -7.42
N LEU A 35 2.65 0.35 -6.83
CA LEU A 35 2.49 0.65 -5.43
C LEU A 35 3.18 -0.43 -4.59
N LEU A 36 3.14 -1.70 -5.04
CA LEU A 36 3.76 -2.81 -4.33
C LEU A 36 5.26 -2.65 -4.28
N ASN A 37 5.80 -2.14 -5.37
CA ASN A 37 7.23 -1.89 -5.47
C ASN A 37 7.66 -0.82 -4.47
N GLU A 38 6.88 0.25 -4.37
CA GLU A 38 7.21 1.29 -3.43
C GLU A 38 6.97 0.84 -2.00
N ILE A 39 5.89 0.07 -1.80
CA ILE A 39 5.58 -0.47 -0.48
C ILE A 39 6.75 -1.28 0.01
N ALA A 40 7.20 -2.23 -0.79
CA ALA A 40 8.30 -3.11 -0.39
C ALA A 40 9.60 -2.36 -0.11
N SER A 41 9.81 -1.27 -0.79
CA SER A 41 10.97 -0.45 -0.51
C SER A 41 10.82 0.36 0.79
N LEU A 42 9.71 1.08 0.92
CA LEU A 42 9.48 1.90 2.11
C LEU A 42 9.32 1.02 3.33
N LEU A 43 8.55 -0.01 3.18
CA LEU A 43 8.33 -1.02 4.20
C LEU A 43 9.56 -1.92 4.23
N GLY A 44 10.29 -1.86 5.33
CA GLY A 44 11.50 -2.65 5.52
C GLY A 44 11.23 -4.16 5.61
N VAL A 45 10.98 -4.76 4.46
CA VAL A 45 10.74 -6.18 4.33
C VAL A 45 11.34 -6.63 3.02
N LYS A 46 11.30 -7.92 2.75
CA LYS A 46 11.63 -8.38 1.44
C LYS A 46 10.34 -8.49 0.65
N LYS A 47 10.38 -8.23 -0.63
CA LYS A 47 9.18 -8.21 -1.44
C LYS A 47 8.52 -9.60 -1.51
N GLU A 48 9.31 -10.64 -1.32
CA GLU A 48 8.80 -12.01 -1.36
C GLU A 48 7.88 -12.32 -0.15
N GLU A 49 8.28 -11.86 1.05
CA GLU A 49 7.44 -12.08 2.26
C GLU A 49 6.18 -11.26 2.11
N LEU A 50 6.37 -10.13 1.45
CA LEU A 50 5.32 -9.25 1.16
C LEU A 50 4.50 -9.80 0.01
N GLY A 51 5.02 -10.81 -0.68
CA GLY A 51 4.33 -11.46 -1.78
C GLY A 51 3.22 -12.30 -1.25
N ASP A 52 3.55 -13.04 -0.22
CA ASP A 52 2.55 -13.79 0.56
C ASP A 52 1.50 -12.78 1.04
N ARG A 53 2.01 -11.69 1.56
CA ARG A 53 1.19 -10.59 1.98
C ARG A 53 0.47 -9.88 0.84
N ILE A 54 0.88 -10.09 -0.42
CA ILE A 54 0.20 -9.50 -1.58
C ILE A 54 -1.10 -10.21 -1.76
N ALA A 55 -1.09 -11.50 -1.56
CA ALA A 55 -2.33 -12.26 -1.67
C ALA A 55 -3.31 -11.83 -0.55
N GLN A 56 -2.79 -11.76 0.67
CA GLN A 56 -3.54 -11.29 1.83
C GLN A 56 -4.03 -9.84 1.58
N PHE A 57 -3.15 -9.06 0.96
CA PHE A 57 -3.41 -7.67 0.60
C PHE A 57 -4.47 -7.56 -0.47
N TYR A 58 -4.55 -8.54 -1.37
CA TYR A 58 -5.62 -8.56 -2.36
C TYR A 58 -6.95 -8.57 -1.65
N THR A 59 -7.07 -9.46 -0.70
CA THR A 59 -8.29 -9.56 0.08
C THR A 59 -8.56 -8.24 0.86
N ASP A 60 -7.54 -7.78 1.57
CA ASP A 60 -7.61 -6.57 2.41
C ASP A 60 -7.94 -5.31 1.59
N LEU A 61 -7.31 -5.19 0.47
CA LEU A 61 -7.46 -4.05 -0.40
C LEU A 61 -8.79 -4.09 -1.16
N ASN A 62 -9.16 -5.27 -1.64
CA ASN A 62 -10.34 -5.43 -2.52
C ASN A 62 -11.68 -5.14 -1.81
N ILE A 63 -11.68 -5.19 -0.48
CA ILE A 63 -12.91 -4.89 0.25
C ILE A 63 -13.13 -3.37 0.35
N ASP A 64 -12.06 -2.63 0.01
CA ASP A 64 -12.00 -1.14 -0.04
C ASP A 64 -12.82 -0.40 1.00
N GLY A 65 -12.27 -0.34 2.17
CA GLY A 65 -12.87 0.42 3.22
C GLY A 65 -12.21 1.76 3.32
N ARG A 66 -10.91 1.72 3.52
CA ARG A 66 -10.10 2.93 3.62
C ARG A 66 -9.52 3.25 2.25
N PHE A 67 -9.48 2.24 1.40
CA PHE A 67 -8.92 2.38 0.09
C PHE A 67 -10.00 2.55 -0.96
N LEU A 68 -9.57 2.65 -2.20
CA LEU A 68 -10.45 2.88 -3.30
C LEU A 68 -9.79 2.43 -4.61
N ALA A 69 -10.53 1.77 -5.45
CA ALA A 69 -10.06 1.39 -6.76
C ALA A 69 -10.56 2.40 -7.75
N LEU A 70 -9.69 2.86 -8.59
CA LEU A 70 -10.08 3.76 -9.63
C LEU A 70 -10.60 2.96 -10.85
N SER A 71 -10.49 3.53 -12.03
CA SER A 71 -11.18 2.99 -13.20
C SER A 71 -10.80 1.54 -13.66
N ASP A 72 -9.55 1.26 -14.05
CA ASP A 72 -9.26 -0.10 -14.58
C ASP A 72 -8.16 -0.88 -13.86
N GLN A 73 -7.32 -0.21 -13.10
CA GLN A 73 -6.23 -0.92 -12.36
C GLN A 73 -5.48 0.00 -11.43
N THR A 74 -5.80 1.24 -11.49
CA THR A 74 -5.13 2.20 -10.71
C THR A 74 -5.82 2.28 -9.37
N TRP A 75 -5.08 2.25 -8.33
CA TRP A 75 -5.65 2.37 -7.03
C TRP A 75 -5.46 3.77 -6.53
N GLY A 76 -6.27 4.14 -5.59
CA GLY A 76 -6.19 5.46 -5.06
C GLY A 76 -6.75 5.51 -3.69
N LEU A 77 -7.09 6.67 -3.27
CA LEU A 77 -7.55 6.85 -1.93
C LEU A 77 -8.92 7.39 -1.92
N ARG A 78 -9.72 6.83 -1.05
CA ARG A 78 -11.08 7.23 -0.88
C ARG A 78 -11.09 8.57 -0.13
N SER A 79 -9.94 8.87 0.47
CA SER A 79 -9.67 10.09 1.18
C SER A 79 -9.64 11.29 0.20
N TRP A 80 -9.30 11.00 -1.06
CA TRP A 80 -9.22 12.02 -2.07
C TRP A 80 -10.61 12.38 -2.53
N TYR A 81 -11.31 11.37 -2.94
CA TYR A 81 -12.60 11.52 -3.51
C TYR A 81 -13.40 10.25 -3.35
N GLY A 1 6.74 12.12 5.37
CA GLY A 1 6.02 11.00 5.97
C GLY A 1 6.20 9.75 5.15
N ILE A 2 5.69 8.62 5.68
CA ILE A 2 5.70 7.22 5.11
C ILE A 2 7.11 6.67 4.80
N LYS A 3 7.94 7.46 4.19
CA LYS A 3 9.28 7.10 3.80
C LYS A 3 10.23 7.17 5.01
N GLN A 4 9.67 7.30 6.19
CA GLN A 4 10.47 7.52 7.38
C GLN A 4 10.13 6.54 8.51
N TYR A 5 9.32 5.53 8.21
CA TYR A 5 8.98 4.52 9.20
C TYR A 5 10.05 3.47 9.28
N SER A 6 10.04 2.71 10.34
CA SER A 6 10.96 1.62 10.51
C SER A 6 10.28 0.37 9.94
N GLN A 7 11.04 -0.64 9.54
CA GLN A 7 10.44 -1.82 8.91
C GLN A 7 9.54 -2.58 9.86
N GLU A 8 10.00 -2.79 11.07
CA GLU A 8 9.27 -3.53 12.09
C GLU A 8 8.00 -2.78 12.47
N GLU A 9 8.07 -1.49 12.32
CA GLU A 9 7.01 -0.57 12.61
C GLU A 9 5.90 -0.77 11.57
N LEU A 10 6.33 -0.86 10.33
CA LEU A 10 5.46 -1.11 9.20
C LEU A 10 4.94 -2.57 9.21
N LYS A 11 5.73 -3.47 9.77
CA LYS A 11 5.40 -4.90 9.85
C LYS A 11 4.10 -5.16 10.61
N GLU A 12 3.85 -4.42 11.69
CA GLU A 12 2.63 -4.63 12.45
C GLU A 12 1.43 -3.91 11.85
N MET A 13 1.65 -3.19 10.78
CA MET A 13 0.59 -2.47 10.12
C MET A 13 0.01 -3.33 9.02
N ALA A 14 -1.22 -3.07 8.66
CA ALA A 14 -1.80 -3.72 7.55
C ALA A 14 -1.21 -3.03 6.35
N LEU A 15 -0.90 -3.75 5.31
CA LEU A 15 -0.18 -3.13 4.23
C LEU A 15 -1.02 -2.16 3.42
N VAL A 16 -2.33 -2.24 3.57
CA VAL A 16 -3.23 -1.25 3.00
C VAL A 16 -3.01 0.11 3.70
N GLU A 17 -2.65 0.07 4.99
CA GLU A 17 -2.42 1.28 5.78
C GLU A 17 -1.11 1.91 5.36
N ILE A 18 -0.15 1.06 5.05
CA ILE A 18 1.15 1.50 4.58
C ILE A 18 0.97 2.21 3.22
N ALA A 19 0.24 1.54 2.35
CA ALA A 19 -0.07 2.07 1.03
C ALA A 19 -0.92 3.35 1.16
N HIS A 20 -1.78 3.40 2.16
CA HIS A 20 -2.64 4.56 2.46
C HIS A 20 -1.78 5.81 2.60
N GLU A 21 -0.76 5.70 3.42
CA GLU A 21 0.15 6.81 3.70
C GLU A 21 0.94 7.17 2.43
N LEU A 22 1.28 6.16 1.67
CA LEU A 22 2.02 6.26 0.42
C LEU A 22 1.29 7.20 -0.54
N PHE A 23 0.00 6.98 -0.68
CA PHE A 23 -0.84 7.78 -1.58
C PHE A 23 -1.16 9.11 -0.98
N GLU A 24 -1.34 9.14 0.32
CA GLU A 24 -1.67 10.36 1.03
C GLU A 24 -0.59 11.42 0.84
N GLU A 25 0.66 11.03 0.90
CA GLU A 25 1.73 11.99 0.69
C GLU A 25 1.97 12.24 -0.80
N HIS A 26 1.95 11.17 -1.59
CA HIS A 26 2.26 11.28 -3.02
C HIS A 26 1.20 12.08 -3.78
N LYS A 27 -0.05 12.02 -3.31
CA LYS A 27 -1.20 12.76 -3.89
C LYS A 27 -1.51 12.32 -5.32
N LYS A 28 -1.02 11.16 -5.71
CA LYS A 28 -1.20 10.65 -7.05
C LYS A 28 -1.54 9.18 -6.97
N PRO A 29 -2.55 8.74 -7.75
CA PRO A 29 -2.92 7.33 -7.83
C PRO A 29 -1.86 6.52 -8.55
N VAL A 30 -1.77 5.25 -8.23
CA VAL A 30 -0.71 4.40 -8.72
C VAL A 30 -1.26 2.98 -8.89
N PRO A 31 -0.85 2.25 -9.96
CA PRO A 31 -1.21 0.84 -10.14
C PRO A 31 -0.65 -0.05 -9.02
N PHE A 32 -1.32 -1.18 -8.79
CA PHE A 32 -1.03 -2.13 -7.72
C PHE A 32 0.45 -2.48 -7.63
N GLN A 33 1.03 -2.87 -8.74
CA GLN A 33 2.42 -3.31 -8.77
C GLN A 33 3.41 -2.21 -8.36
N GLU A 34 3.11 -0.95 -8.66
CA GLU A 34 4.05 0.09 -8.40
C GLU A 34 4.02 0.50 -6.95
N LEU A 35 2.81 0.54 -6.39
CA LEU A 35 2.64 0.88 -5.00
C LEU A 35 3.24 -0.23 -4.13
N LEU A 36 3.14 -1.46 -4.64
CA LEU A 36 3.65 -2.64 -4.00
C LEU A 36 5.17 -2.56 -3.89
N ASN A 37 5.80 -2.16 -4.98
CA ASN A 37 7.24 -1.97 -5.00
C ASN A 37 7.67 -0.84 -4.08
N GLU A 38 6.84 0.20 -3.96
CA GLU A 38 7.20 1.33 -3.13
C GLU A 38 7.12 0.94 -1.68
N ILE A 39 6.04 0.26 -1.31
CA ILE A 39 5.88 -0.17 0.06
C ILE A 39 6.95 -1.18 0.45
N ALA A 40 7.31 -2.08 -0.45
CA ALA A 40 8.36 -3.07 -0.19
C ALA A 40 9.73 -2.40 -0.10
N SER A 41 9.93 -1.31 -0.78
CA SER A 41 11.15 -0.56 -0.65
C SER A 41 11.20 0.21 0.69
N LEU A 42 10.08 0.85 1.05
CA LEU A 42 10.03 1.63 2.29
C LEU A 42 10.10 0.72 3.50
N LEU A 43 9.39 -0.36 3.42
CA LEU A 43 9.43 -1.42 4.39
C LEU A 43 10.67 -2.22 4.10
N GLY A 44 11.69 -2.07 4.93
CA GLY A 44 13.01 -2.70 4.69
C GLY A 44 13.03 -4.24 4.75
N VAL A 45 12.22 -4.86 3.97
CA VAL A 45 12.10 -6.29 3.93
C VAL A 45 12.44 -6.81 2.56
N LYS A 46 12.17 -8.05 2.36
CA LYS A 46 12.34 -8.70 1.10
C LYS A 46 10.99 -8.95 0.47
N LYS A 47 10.94 -8.84 -0.84
CA LYS A 47 9.70 -8.98 -1.58
C LYS A 47 9.13 -10.40 -1.43
N GLU A 48 9.99 -11.37 -1.10
CA GLU A 48 9.56 -12.78 -0.87
C GLU A 48 8.41 -12.87 0.17
N GLU A 49 8.66 -12.35 1.37
CA GLU A 49 7.69 -12.41 2.46
C GLU A 49 6.54 -11.49 2.14
N LEU A 50 6.87 -10.43 1.43
CA LEU A 50 5.94 -9.44 1.03
C LEU A 50 5.10 -10.00 -0.13
N GLY A 51 5.58 -11.08 -0.74
CA GLY A 51 4.93 -11.73 -1.87
C GLY A 51 3.75 -12.53 -1.41
N ASP A 52 3.99 -13.35 -0.42
CA ASP A 52 2.88 -14.10 0.17
C ASP A 52 1.94 -13.10 0.82
N ARG A 53 2.53 -12.01 1.30
CA ARG A 53 1.78 -10.92 1.86
C ARG A 53 1.06 -10.11 0.75
N ILE A 54 1.45 -10.29 -0.54
CA ILE A 54 0.77 -9.66 -1.71
C ILE A 54 -0.59 -10.29 -1.82
N ALA A 55 -0.60 -11.61 -1.68
CA ALA A 55 -1.88 -12.34 -1.70
C ALA A 55 -2.77 -11.83 -0.57
N GLN A 56 -2.16 -11.72 0.61
CA GLN A 56 -2.83 -11.22 1.80
C GLN A 56 -3.30 -9.77 1.51
N PHE A 57 -2.48 -9.03 0.79
CA PHE A 57 -2.74 -7.66 0.41
C PHE A 57 -3.92 -7.55 -0.54
N TYR A 58 -4.07 -8.50 -1.46
CA TYR A 58 -5.26 -8.50 -2.32
C TYR A 58 -6.50 -8.51 -1.47
N THR A 59 -6.47 -9.32 -0.43
CA THR A 59 -7.58 -9.36 0.50
C THR A 59 -7.67 -8.05 1.31
N ASP A 60 -6.56 -7.69 1.97
CA ASP A 60 -6.41 -6.53 2.87
C ASP A 60 -6.86 -5.24 2.20
N LEU A 61 -6.44 -5.07 0.98
CA LEU A 61 -6.74 -3.91 0.18
C LEU A 61 -8.21 -3.86 -0.23
N ASN A 62 -8.76 -4.99 -0.69
CA ASN A 62 -10.15 -5.00 -1.18
C ASN A 62 -11.19 -5.01 -0.07
N ILE A 63 -10.78 -5.31 1.14
CA ILE A 63 -11.74 -5.31 2.24
C ILE A 63 -11.69 -4.00 3.01
N ASP A 64 -10.81 -3.12 2.59
CA ASP A 64 -10.60 -1.86 3.28
C ASP A 64 -11.38 -0.78 2.60
N GLY A 65 -11.86 0.15 3.37
CA GLY A 65 -12.68 1.18 2.85
C GLY A 65 -11.98 2.51 2.66
N ARG A 66 -10.68 2.57 2.86
CA ARG A 66 -9.99 3.84 2.63
C ARG A 66 -9.56 3.93 1.20
N PHE A 67 -9.23 2.79 0.65
CA PHE A 67 -8.77 2.67 -0.71
C PHE A 67 -9.90 2.57 -1.69
N LEU A 68 -9.57 2.92 -2.90
CA LEU A 68 -10.47 2.87 -4.01
C LEU A 68 -9.71 2.49 -5.25
N ALA A 69 -10.23 1.56 -6.00
CA ALA A 69 -9.72 1.31 -7.32
C ALA A 69 -10.50 2.24 -8.21
N LEU A 70 -9.85 3.33 -8.61
CA LEU A 70 -10.48 4.48 -9.29
C LEU A 70 -11.54 4.11 -10.34
N SER A 71 -11.15 3.92 -11.57
CA SER A 71 -12.11 3.53 -12.54
C SER A 71 -12.04 2.04 -12.90
N ASP A 72 -10.92 1.56 -13.45
CA ASP A 72 -10.85 0.12 -13.70
C ASP A 72 -9.65 -0.64 -13.10
N GLN A 73 -8.59 0.06 -12.66
CA GLN A 73 -7.43 -0.69 -12.12
C GLN A 73 -6.57 0.09 -11.13
N THR A 74 -6.29 1.35 -11.41
CA THR A 74 -5.41 2.15 -10.56
C THR A 74 -5.99 2.38 -9.17
N TRP A 75 -5.17 2.18 -8.17
CA TRP A 75 -5.59 2.32 -6.82
C TRP A 75 -5.24 3.70 -6.31
N GLY A 76 -6.01 4.15 -5.39
CA GLY A 76 -5.79 5.39 -4.76
C GLY A 76 -6.66 5.51 -3.56
N LEU A 77 -6.78 6.69 -3.06
CA LEU A 77 -7.59 6.95 -1.91
C LEU A 77 -8.93 7.41 -2.39
N ARG A 78 -9.97 6.96 -1.73
CA ARG A 78 -11.32 7.23 -2.18
C ARG A 78 -11.69 8.73 -2.08
N SER A 79 -11.36 9.34 -0.97
CA SER A 79 -11.88 10.66 -0.58
C SER A 79 -11.22 11.87 -1.30
N TRP A 80 -10.61 11.65 -2.44
CA TRP A 80 -10.02 12.74 -3.21
C TRP A 80 -11.07 13.50 -3.98
N TYR A 81 -11.87 12.74 -4.66
CA TYR A 81 -12.81 13.19 -5.63
C TYR A 81 -14.17 13.50 -4.98
#